data_9HAA
#
_entry.id   9HAA
#
_cell.length_a   1.00
_cell.length_b   1.00
_cell.length_c   1.00
_cell.angle_alpha   90.00
_cell.angle_beta   90.00
_cell.angle_gamma   90.00
#
_symmetry.space_group_name_H-M   'P 1'
#
loop_
_entity.id
_entity.type
_entity.pdbx_description
1 polymer 'Green fluorescent protein,Gamma-aminobutyric acid receptor subunit alpha-5'
2 polymer 'Gamma-aminobutyric acid receptor subunit beta-3,Green fluorescent protein'
3 branched 2-acetamido-2-deoxy-beta-D-glucopyranose-(1-4)-2-acetamido-2-deoxy-beta-D-glucopyranose
4 branched beta-D-mannopyranose-(1-4)-2-acetamido-2-deoxy-beta-D-glucopyranose-(1-4)-2-acetamido-2-deoxy-beta-D-glucopyranose
5 branched alpha-D-mannopyranose-(1-3)-alpha-D-mannopyranose-(1-6)-[alpha-D-mannopyranose-(1-3)]beta-D-mannopyranose-(1-4)-2-acetamido-2-deoxy-beta-D-glucopyranose-(1-4)-2-acetamido-2-deoxy-beta-D-glucopyranose
6 branched beta-D-mannopyranose-(1-3)-2-acetamido-2-deoxy-beta-D-glucopyranose-(1-4)-2-acetamido-2-deoxy-beta-D-glucopyranose
7 branched alpha-D-mannopyranose-(1-3)-alpha-D-mannopyranose-(1-6)-[alpha-D-mannopyranose-(1-3)]beta-D-mannopyranose-(1-3)-2-acetamido-2-deoxy-beta-D-glucopyranose-(1-4)-2-acetamido-2-deoxy-beta-D-glucopyranose
8 branched 2-acetamido-2-deoxy-beta-D-glucopyranose-(1-6)-2-acetamido-2-deoxy-beta-D-glucopyranose
9 non-polymer 'butanoic acid'
10 non-polymer '4-(2-HYDROXYETHYL)-1-PIPERAZINE ETHANESULFONIC ACID'
11 non-polymer 'ZINC ION'
12 non-polymer 2-acetamido-2-deoxy-beta-D-glucopyranose
#
loop_
_entity_poly.entity_id
_entity_poly.type
_entity_poly.pdbx_seq_one_letter_code
_entity_poly.pdbx_strand_id
1 'polypeptide(L)'
;MRKSPGLSDCLWAWILLLSTLTGRSYGQMSKGEELFTGVVPILVELDGDVNGHKFSVRGEGEGDATNGKLTLKFICTTGK
LPVPWPTLVTTLTYGVQCFSRYPDHMKRHDFFKSAMPEGYVQERTISFKDDGTYKTRAEVKFEGDTLVNRIELKGIDFKE
DGNILGHKLEYNFNSHNVYITADKQKNGIKANFKIRHNVEDGSVQLADHYQQNTPIGDGPVLLPDNHYLSTQSVLSKDPN
EKRDHMVLLEFVTAAGITHGMDELYKAANALAAWSHPQFEKGGGSGGGSGGGSWSHPQFEKSSSNNNNNENLYFQAMPTS
SVKDETNDNITIFTRILDGLLDGYDNRLRPGLGERITQVRTDIYVTSFGPVSDTEMEYTIDVFFRQSWKDERLRFKGPMQ
RLPLNNLLASKIWTPDTFFHNGKKSIAHNMTTPNKLLRLEDDGTLLYTMRLTISAECPMQLEDFPMDAHACPLKFGSYAY
PNSEVVYVWTNGSTKSVVVAEDGSRLNQYHLMGQTVGTENISTSTGEYTIMTAHFHLKRKIGYFVIQTYLPCIMTVILSQ
VSFWLNRESVPARTVFGVTTVLTMTTLSISARNSLPKVAYATAMDWFIAVCYAFVFSALIEFATVNYFTKSQPARAASIS
KIDKMSRIVFPVLFGTFNLVYWATYLNREPVIKGAASPK
;
A,D
2 'polypeptide(L)'
;MWGLAGGRLFGIFSAPVLVAVVCCAQSVNDPGNMSFVKETVDKLLKGYDIRLRPDFGGPPVCVGMNIDIASIDMVSEVNM
DYTLTMYFQQYWRDKRLAYSGIPLNLTLDNRVADQLWVPDTYFLNDKKSFVHGVTVKNRMIRLHPDGTVLYGLRITTTAA
CMMDLRRYPLDEQNCTLEIESYGYTTDDIEFYWRGGDKAVTGVERIELPQFSIVEHRLVSRNVVFATGAYPRLSLSFRLK
RNIGYFILQTYMPSILITILSWVSFWINYDASAARVALGITTVLTMTTINTHLRETLPKIPYVKAIDMYLMGCFVFVFLA
LLEYAFVNYIFFSQPGRAMVSKGEELFTGVVPILVEMDGDVNGRKFSVRGVGEGDATHGKLTLKFICTSGKLPVPWPTLV
TTLSYGVQCFSRYPDHMKQHDFFKSAMPEGYVQERTIFFKDDGSYKTRAEVKFEGDTLVNRIVLKGTDFKEDGNILGHKL
EYNMNVGNVYITADKQKNGIKANFEIRHNVEDGGVQLADHYQQNTPIGDGSVLLPDNHYLSVQVKLSKDPNEKRDHMVLL
EFRTAAGITPGMDELYKGRAAAIDRWSRIVFPFTFSLFNLVYWLYYVNSRENLYFQAHHHHHH
;
B,C,E
#
# COMPACT_ATOMS: atom_id res chain seq x y z
N ASP A 324 -9.52 -55.55 4.40
CA ASP A 324 -9.39 -56.88 3.81
C ASP A 324 -7.96 -57.14 3.37
N GLU A 325 -7.44 -58.33 3.69
CA GLU A 325 -6.08 -58.70 3.33
C GLU A 325 -5.09 -57.65 3.87
N THR A 326 -5.32 -57.20 5.11
CA THR A 326 -4.68 -56.00 5.62
C THR A 326 -3.17 -56.01 5.42
N ASN A 327 -2.48 -56.99 6.02
CA ASN A 327 -1.03 -56.95 6.02
C ASN A 327 -0.47 -56.96 4.61
N ASP A 328 -1.04 -57.80 3.73
CA ASP A 328 -0.62 -57.79 2.34
C ASP A 328 -1.09 -56.53 1.63
N ASN A 329 -2.27 -56.03 1.99
CA ASN A 329 -2.81 -54.85 1.31
C ASN A 329 -1.87 -53.66 1.47
N ILE A 330 -1.32 -53.47 2.67
CA ILE A 330 -0.33 -52.42 2.87
C ILE A 330 0.98 -52.77 2.17
N THR A 331 1.37 -54.04 2.19
CA THR A 331 2.65 -54.43 1.63
C THR A 331 2.70 -54.17 0.12
N ILE A 332 1.66 -54.61 -0.60
CA ILE A 332 1.64 -54.42 -2.05
C ILE A 332 1.49 -52.94 -2.40
N PHE A 333 0.80 -52.16 -1.56
CA PHE A 333 0.66 -50.74 -1.84
C PHE A 333 2.01 -50.04 -1.89
N THR A 334 2.84 -50.26 -0.87
CA THR A 334 4.17 -49.64 -0.86
C THR A 334 5.10 -50.33 -1.84
N ARG A 335 4.93 -51.64 -2.02
CA ARG A 335 5.77 -52.36 -2.98
C ARG A 335 5.54 -51.87 -4.40
N ILE A 336 4.28 -51.65 -4.76
CA ILE A 336 3.96 -51.15 -6.09
C ILE A 336 4.47 -49.72 -6.25
N LEU A 337 4.17 -48.87 -5.26
CA LEU A 337 4.45 -47.44 -5.40
C LEU A 337 5.94 -47.16 -5.38
N ASP A 338 6.72 -47.94 -4.64
CA ASP A 338 8.16 -47.73 -4.60
C ASP A 338 8.85 -48.16 -5.89
N GLY A 339 8.47 -49.31 -6.44
CA GLY A 339 9.05 -49.78 -7.69
C GLY A 339 8.46 -49.13 -8.92
N LEU A 340 7.42 -48.31 -8.75
CA LEU A 340 6.76 -47.69 -9.89
C LEU A 340 7.67 -46.71 -10.62
N LEU A 341 8.65 -46.13 -9.92
CA LEU A 341 9.48 -45.07 -10.47
C LEU A 341 10.77 -45.59 -11.10
N ASP A 342 10.94 -46.91 -11.20
CA ASP A 342 12.12 -47.46 -11.86
C ASP A 342 11.92 -47.50 -13.37
N GLY A 343 12.98 -47.20 -14.11
CA GLY A 343 12.88 -47.13 -15.55
C GLY A 343 12.14 -45.92 -16.07
N TYR A 344 11.91 -44.91 -15.23
CA TYR A 344 11.12 -43.74 -15.57
C TYR A 344 11.98 -42.49 -15.52
N ASP A 345 11.93 -41.70 -16.59
CA ASP A 345 12.64 -40.43 -16.70
C ASP A 345 11.61 -39.31 -16.74
N ASN A 346 11.57 -38.50 -15.70
CA ASN A 346 10.56 -37.45 -15.60
C ASN A 346 10.90 -36.23 -16.45
N ARG A 347 12.04 -36.23 -17.14
CA ARG A 347 12.39 -35.12 -18.03
C ARG A 347 11.75 -35.25 -19.40
N LEU A 348 10.99 -36.31 -19.64
CA LEU A 348 10.49 -36.63 -20.97
C LEU A 348 8.98 -36.81 -20.94
N ARG A 349 8.34 -36.49 -22.07
CA ARG A 349 6.91 -36.63 -22.19
C ARG A 349 6.51 -38.11 -22.25
N PRO A 350 5.24 -38.42 -21.98
CA PRO A 350 4.71 -39.75 -22.33
C PRO A 350 4.50 -39.84 -23.83
N GLY A 351 5.11 -40.84 -24.46
CA GLY A 351 5.08 -40.93 -25.89
C GLY A 351 5.78 -39.79 -26.60
N LEU A 352 6.98 -39.44 -26.16
CA LEU A 352 7.68 -38.29 -26.70
C LEU A 352 7.82 -38.35 -28.21
N GLY A 353 8.33 -39.46 -28.73
CA GLY A 353 8.57 -39.61 -30.15
C GLY A 353 7.46 -40.25 -30.95
N GLU A 354 6.30 -40.52 -30.35
CA GLU A 354 5.27 -41.28 -31.01
C GLU A 354 3.91 -40.60 -31.07
N ARG A 355 3.50 -39.89 -30.02
CA ARG A 355 2.12 -39.43 -29.89
C ARG A 355 2.07 -38.01 -29.35
N ILE A 356 0.97 -37.33 -29.66
CA ILE A 356 0.67 -36.06 -29.01
C ILE A 356 0.16 -36.35 -27.61
N THR A 357 0.66 -35.61 -26.63
CA THR A 357 0.23 -35.79 -25.24
C THR A 357 -1.02 -34.96 -25.02
N GLN A 358 -2.17 -35.62 -24.97
CA GLN A 358 -3.44 -34.94 -24.82
C GLN A 358 -3.72 -34.72 -23.34
N VAL A 359 -4.01 -33.49 -22.95
CA VAL A 359 -4.26 -33.11 -21.57
C VAL A 359 -5.71 -32.63 -21.47
N ARG A 360 -6.46 -33.23 -20.56
CA ARG A 360 -7.85 -32.86 -20.31
C ARG A 360 -7.91 -32.01 -19.04
N THR A 361 -8.61 -30.89 -19.11
CA THR A 361 -8.60 -29.93 -18.03
C THR A 361 -10.03 -29.53 -17.63
N ASP A 362 -10.13 -28.99 -16.42
CA ASP A 362 -11.38 -28.52 -15.85
C ASP A 362 -11.06 -27.47 -14.80
N ILE A 363 -12.06 -26.68 -14.44
CA ILE A 363 -11.89 -25.62 -13.45
C ILE A 363 -13.13 -25.56 -12.57
N TYR A 364 -12.93 -25.35 -11.28
CA TYR A 364 -13.99 -25.06 -10.33
C TYR A 364 -13.67 -23.76 -9.63
N VAL A 365 -14.44 -22.73 -9.91
CA VAL A 365 -14.16 -21.39 -9.40
C VAL A 365 -14.75 -21.27 -8.00
N THR A 366 -13.89 -21.26 -6.99
CA THR A 366 -14.34 -21.08 -5.62
C THR A 366 -14.79 -19.65 -5.37
N SER A 367 -14.18 -18.67 -6.02
CA SER A 367 -14.54 -17.27 -5.85
C SER A 367 -14.09 -16.48 -7.06
N PHE A 368 -14.88 -15.49 -7.44
CA PHE A 368 -14.51 -14.56 -8.50
C PHE A 368 -14.52 -13.15 -7.91
N GLY A 369 -13.50 -12.37 -8.26
CA GLY A 369 -13.36 -11.04 -7.75
C GLY A 369 -12.49 -11.00 -6.52
N PRO A 370 -12.18 -9.80 -6.02
CA PRO A 370 -12.65 -8.48 -6.47
C PRO A 370 -12.03 -8.04 -7.79
N VAL A 371 -12.68 -7.12 -8.49
CA VAL A 371 -12.15 -6.55 -9.73
C VAL A 371 -11.67 -5.14 -9.44
N SER A 372 -10.51 -4.80 -9.97
CA SER A 372 -9.91 -3.49 -9.76
C SER A 372 -9.83 -2.75 -11.08
N ASP A 373 -10.54 -1.62 -11.18
CA ASP A 373 -10.50 -0.82 -12.40
C ASP A 373 -9.21 -0.04 -12.52
N THR A 374 -8.66 0.43 -11.40
CA THR A 374 -7.44 1.22 -11.46
C THR A 374 -6.26 0.38 -11.92
N GLU A 375 -6.17 -0.88 -11.47
CA GLU A 375 -5.09 -1.77 -11.85
C GLU A 375 -5.44 -2.68 -13.01
N MET A 376 -6.66 -2.59 -13.54
CA MET A 376 -7.04 -3.37 -14.71
C MET A 376 -6.82 -4.86 -14.49
N GLU A 377 -7.27 -5.36 -13.35
CA GLU A 377 -7.02 -6.74 -12.95
C GLU A 377 -8.21 -7.26 -12.15
N TYR A 378 -8.26 -8.58 -11.99
CA TYR A 378 -9.23 -9.23 -11.13
C TYR A 378 -8.59 -10.49 -10.54
N THR A 379 -9.14 -10.93 -9.42
CA THR A 379 -8.64 -12.07 -8.68
C THR A 379 -9.67 -13.19 -8.71
N ILE A 380 -9.21 -14.41 -8.98
CA ILE A 380 -10.07 -15.57 -9.09
C ILE A 380 -9.43 -16.76 -8.37
N ASP A 381 -10.22 -17.46 -7.59
CA ASP A 381 -9.79 -18.66 -6.88
C ASP A 381 -10.35 -19.89 -7.59
N VAL A 382 -9.49 -20.87 -7.85
CA VAL A 382 -9.87 -22.02 -8.68
C VAL A 382 -9.22 -23.29 -8.15
N PHE A 383 -9.97 -24.38 -8.20
CA PHE A 383 -9.39 -25.73 -8.20
C PHE A 383 -9.14 -26.12 -9.66
N PHE A 384 -7.88 -26.27 -10.02
CA PHE A 384 -7.48 -26.48 -11.40
C PHE A 384 -7.15 -27.95 -11.59
N ARG A 385 -7.87 -28.61 -12.51
CA ARG A 385 -7.75 -30.04 -12.72
C ARG A 385 -7.10 -30.31 -14.08
N GLN A 386 -6.20 -31.28 -14.11
CA GLN A 386 -5.54 -31.71 -15.33
C GLN A 386 -5.46 -33.22 -15.34
N SER A 387 -5.67 -33.82 -16.51
CA SER A 387 -5.66 -35.27 -16.63
C SER A 387 -4.96 -35.66 -17.93
N TRP A 388 -4.09 -36.66 -17.84
CA TRP A 388 -3.40 -37.20 -19.01
C TRP A 388 -3.05 -38.64 -18.71
N LYS A 389 -2.80 -39.42 -19.77
CA LYS A 389 -2.46 -40.82 -19.63
C LYS A 389 -0.97 -41.01 -19.88
N ASP A 390 -0.28 -41.62 -18.93
CA ASP A 390 1.14 -41.91 -19.04
C ASP A 390 1.31 -43.42 -19.05
N GLU A 391 1.69 -43.96 -20.21
CA GLU A 391 1.78 -45.41 -20.35
C GLU A 391 2.86 -46.01 -19.46
N ARG A 392 3.87 -45.23 -19.08
CA ARG A 392 4.96 -45.78 -18.28
C ARG A 392 4.59 -45.98 -16.81
N LEU A 393 3.42 -45.50 -16.39
CA LEU A 393 2.98 -45.63 -15.00
C LEU A 393 1.81 -46.60 -14.85
N ARG A 394 1.69 -47.56 -15.77
CA ARG A 394 0.66 -48.57 -15.67
C ARG A 394 1.02 -49.64 -14.63
N PHE A 395 0.58 -49.44 -13.39
CA PHE A 395 0.80 -50.43 -12.35
C PHE A 395 -0.23 -51.55 -12.46
N LYS A 396 0.00 -52.62 -11.71
CA LYS A 396 -0.89 -53.78 -11.67
C LYS A 396 -1.14 -54.14 -10.21
N GLY A 397 -2.42 -54.27 -9.86
CA GLY A 397 -2.79 -54.60 -8.51
C GLY A 397 -4.28 -54.70 -8.32
N PRO A 398 -4.72 -55.03 -7.10
CA PRO A 398 -6.16 -55.21 -6.84
C PRO A 398 -6.92 -53.91 -6.90
N MET A 399 -6.33 -52.83 -6.39
CA MET A 399 -6.98 -51.53 -6.39
C MET A 399 -6.95 -50.93 -7.78
N GLN A 400 -8.11 -50.49 -8.27
CA GLN A 400 -8.19 -49.91 -9.59
C GLN A 400 -7.72 -48.46 -9.63
N ARG A 401 -7.56 -47.83 -8.47
CA ARG A 401 -7.10 -46.45 -8.40
C ARG A 401 -6.13 -46.33 -7.23
N LEU A 402 -5.16 -45.43 -7.36
CA LEU A 402 -4.00 -45.39 -6.47
C LEU A 402 -3.55 -43.96 -6.24
N PRO A 403 -3.89 -43.36 -5.08
CA PRO A 403 -3.35 -42.04 -4.75
C PRO A 403 -1.83 -42.08 -4.62
N LEU A 404 -1.18 -41.00 -5.03
CA LEU A 404 0.27 -40.88 -5.00
C LEU A 404 0.68 -39.78 -4.03
N ASN A 405 1.69 -40.05 -3.22
CA ASN A 405 2.21 -39.04 -2.30
C ASN A 405 3.02 -37.99 -3.08
N ASN A 406 3.10 -36.79 -2.50
CA ASN A 406 3.74 -35.68 -3.18
C ASN A 406 5.20 -35.96 -3.50
N LEU A 407 5.86 -36.82 -2.74
CA LEU A 407 7.22 -37.24 -3.12
C LEU A 407 7.24 -37.81 -4.53
N LEU A 408 6.17 -38.52 -4.92
CA LEU A 408 6.08 -39.02 -6.28
C LEU A 408 5.68 -37.90 -7.25
N ALA A 409 4.86 -36.96 -6.80
CA ALA A 409 4.39 -35.90 -7.69
C ALA A 409 5.54 -35.05 -8.18
N SER A 410 6.59 -34.88 -7.39
CA SER A 410 7.75 -34.12 -7.81
C SER A 410 8.74 -34.94 -8.64
N LYS A 411 8.48 -36.24 -8.83
CA LYS A 411 9.33 -37.09 -9.64
C LYS A 411 8.56 -37.76 -10.76
N ILE A 412 7.44 -37.15 -11.18
CA ILE A 412 6.65 -37.62 -12.31
C ILE A 412 6.43 -36.43 -13.24
N TRP A 413 6.46 -36.72 -14.54
CA TRP A 413 6.24 -35.67 -15.52
C TRP A 413 4.83 -35.12 -15.40
N THR A 414 4.71 -33.81 -15.31
CA THR A 414 3.42 -33.13 -15.29
C THR A 414 3.47 -31.96 -16.26
N PRO A 415 2.34 -31.60 -16.87
CA PRO A 415 2.35 -30.49 -17.83
C PRO A 415 2.74 -29.18 -17.15
N ASP A 416 3.39 -28.32 -17.93
CA ASP A 416 3.90 -27.06 -17.41
C ASP A 416 2.89 -25.94 -17.64
N THR A 417 1.60 -26.30 -17.61
CA THR A 417 0.54 -25.34 -17.87
C THR A 417 0.77 -24.03 -17.11
N PHE A 418 0.53 -22.92 -17.80
CA PHE A 418 0.65 -21.58 -17.21
C PHE A 418 -0.45 -20.71 -17.79
N PHE A 419 -0.73 -19.62 -17.08
CA PHE A 419 -1.80 -18.70 -17.45
C PHE A 419 -1.21 -17.48 -18.13
N HIS A 420 -1.66 -17.20 -19.35
CA HIS A 420 -1.11 -16.10 -20.13
C HIS A 420 -1.42 -14.75 -19.51
N ASN A 421 -2.55 -14.62 -18.82
CA ASN A 421 -2.99 -13.34 -18.28
C ASN A 421 -2.46 -13.07 -16.88
N GLY A 422 -1.82 -14.04 -16.25
CA GLY A 422 -1.50 -13.94 -14.84
C GLY A 422 -0.52 -12.85 -14.48
N LYS A 423 -1.00 -11.80 -13.80
CA LYS A 423 -0.11 -10.81 -13.22
C LYS A 423 0.71 -11.45 -12.10
N LYS A 424 0.05 -12.15 -11.20
CA LYS A 424 0.69 -12.80 -10.06
C LYS A 424 -0.26 -13.86 -9.54
N SER A 425 0.30 -15.01 -9.18
CA SER A 425 -0.52 -16.15 -8.79
C SER A 425 0.11 -16.84 -7.60
N ILE A 426 -0.74 -17.49 -6.80
CA ILE A 426 -0.32 -18.22 -5.62
C ILE A 426 -0.78 -19.66 -5.78
N ALA A 427 0.15 -20.60 -5.72
CA ALA A 427 -0.18 -22.01 -5.57
C ALA A 427 -0.17 -22.33 -4.09
N HIS A 428 -1.35 -22.52 -3.51
CA HIS A 428 -1.49 -22.52 -2.06
C HIS A 428 -0.65 -23.62 -1.44
N ASN A 429 -0.12 -23.32 -0.25
CA ASN A 429 1.00 -24.06 0.31
C ASN A 429 0.82 -24.26 1.82
N MET A 430 -0.41 -24.21 2.31
CA MET A 430 -0.70 -24.10 3.74
C MET A 430 -1.02 -25.48 4.29
N THR A 431 -0.30 -25.87 5.35
CA THR A 431 -0.53 -27.15 5.98
C THR A 431 -0.34 -28.26 4.95
N THR A 432 0.87 -28.42 4.46
CA THR A 432 1.17 -29.30 3.32
C THR A 432 0.61 -28.66 2.05
N PRO A 433 1.20 -28.93 0.89
CA PRO A 433 0.75 -28.27 -0.34
C PRO A 433 -0.66 -28.70 -0.73
N ASN A 434 -1.40 -27.76 -1.31
CA ASN A 434 -2.75 -28.03 -1.81
C ASN A 434 -2.67 -28.63 -3.22
N LYS A 435 -2.11 -29.83 -3.27
CA LYS A 435 -1.93 -30.57 -4.50
C LYS A 435 -2.40 -32.01 -4.30
N LEU A 436 -2.95 -32.59 -5.35
CA LEU A 436 -3.45 -33.95 -5.32
C LEU A 436 -3.09 -34.63 -6.63
N LEU A 437 -2.56 -35.84 -6.55
CA LEU A 437 -2.19 -36.61 -7.73
C LEU A 437 -2.68 -38.05 -7.54
N ARG A 438 -3.56 -38.49 -8.42
CA ARG A 438 -4.07 -39.85 -8.39
C ARG A 438 -3.61 -40.60 -9.64
N LEU A 439 -3.43 -41.91 -9.48
CA LEU A 439 -3.04 -42.79 -10.56
C LEU A 439 -4.04 -43.93 -10.66
N GLU A 440 -4.17 -44.48 -11.86
CA GLU A 440 -5.18 -45.49 -12.13
C GLU A 440 -4.54 -46.70 -12.80
N ASP A 441 -5.34 -47.76 -12.94
CA ASP A 441 -4.84 -49.02 -13.47
C ASP A 441 -4.33 -48.87 -14.90
N ASP A 442 -5.03 -48.08 -15.72
CA ASP A 442 -4.66 -47.88 -17.11
C ASP A 442 -3.63 -46.78 -17.31
N GLY A 443 -3.09 -46.23 -16.23
CA GLY A 443 -2.04 -45.23 -16.32
C GLY A 443 -2.51 -43.80 -16.33
N THR A 444 -3.82 -43.55 -16.31
CA THR A 444 -4.32 -42.18 -16.33
C THR A 444 -3.93 -41.46 -15.05
N LEU A 445 -3.50 -40.21 -15.18
CA LEU A 445 -3.15 -39.38 -14.05
C LEU A 445 -4.19 -38.27 -13.89
N LEU A 446 -4.58 -38.01 -12.64
CA LEU A 446 -5.46 -36.90 -12.31
C LEU A 446 -4.70 -35.99 -11.36
N TYR A 447 -4.48 -34.74 -11.79
CA TYR A 447 -3.64 -33.80 -11.07
C TYR A 447 -4.45 -32.55 -10.81
N THR A 448 -4.72 -32.27 -9.54
CA THR A 448 -5.58 -31.18 -9.11
C THR A 448 -4.80 -30.31 -8.14
N MET A 449 -5.00 -29.01 -8.21
CA MET A 449 -4.27 -28.12 -7.31
C MET A 449 -4.93 -26.74 -7.27
N ARG A 450 -4.88 -26.13 -6.09
CA ARG A 450 -5.67 -24.95 -5.77
C ARG A 450 -4.85 -23.69 -5.99
N LEU A 451 -5.44 -22.72 -6.69
CA LEU A 451 -4.75 -21.52 -7.13
C LEU A 451 -5.56 -20.27 -6.80
N THR A 452 -4.85 -19.16 -6.67
CA THR A 452 -5.42 -17.81 -6.72
C THR A 452 -4.72 -17.07 -7.84
N ILE A 453 -5.47 -16.69 -8.87
CA ILE A 453 -4.92 -16.06 -10.07
C ILE A 453 -5.33 -14.60 -10.10
N SER A 454 -4.34 -13.72 -10.22
CA SER A 454 -4.58 -12.30 -10.49
C SER A 454 -4.28 -12.08 -11.97
N ALA A 455 -5.31 -11.82 -12.75
CA ALA A 455 -5.22 -11.84 -14.21
C ALA A 455 -5.47 -10.45 -14.79
N GLU A 456 -4.76 -10.15 -15.87
CA GLU A 456 -4.95 -8.89 -16.58
C GLU A 456 -6.28 -8.90 -17.31
N CYS A 457 -7.05 -7.82 -17.16
CA CYS A 457 -8.33 -7.65 -17.86
C CYS A 457 -8.36 -6.29 -18.53
N PRO A 458 -7.94 -6.17 -19.79
CA PRO A 458 -8.05 -4.87 -20.48
C PRO A 458 -9.50 -4.57 -20.80
N MET A 459 -9.97 -3.40 -20.36
CA MET A 459 -11.38 -3.05 -20.42
C MET A 459 -11.57 -1.65 -20.99
N GLN A 460 -12.51 -1.54 -21.91
CA GLN A 460 -12.89 -0.24 -22.47
C GLN A 460 -13.77 0.51 -21.48
N LEU A 461 -13.71 1.85 -21.55
CA LEU A 461 -14.30 2.66 -20.49
C LEU A 461 -15.08 3.87 -21.00
N GLU A 462 -15.43 3.92 -22.28
CA GLU A 462 -16.18 5.08 -22.78
C GLU A 462 -17.55 5.18 -22.12
N ASP A 463 -18.07 4.09 -21.56
CA ASP A 463 -19.35 4.08 -20.90
C ASP A 463 -19.25 3.88 -19.39
N PHE A 464 -18.23 4.46 -18.75
CA PHE A 464 -17.78 4.06 -17.43
C PHE A 464 -18.90 3.57 -16.50
N PRO A 465 -19.84 4.43 -16.09
CA PRO A 465 -20.84 3.98 -15.12
C PRO A 465 -21.80 2.94 -15.67
N MET A 466 -21.87 2.77 -16.99
CA MET A 466 -22.88 1.94 -17.62
C MET A 466 -22.28 0.90 -18.55
N ASP A 467 -21.01 0.57 -18.37
CA ASP A 467 -20.29 -0.30 -19.30
C ASP A 467 -20.48 -1.77 -18.92
N ALA A 468 -20.06 -2.64 -19.84
CA ALA A 468 -20.06 -4.08 -19.63
C ALA A 468 -18.73 -4.63 -20.14
N HIS A 469 -18.24 -5.67 -19.47
CA HIS A 469 -16.91 -6.19 -19.74
C HIS A 469 -16.96 -7.71 -19.85
N ALA A 470 -15.89 -8.28 -20.42
CA ALA A 470 -15.68 -9.72 -20.47
C ALA A 470 -14.20 -9.98 -20.19
N CYS A 471 -13.88 -10.20 -18.91
CA CYS A 471 -12.49 -10.43 -18.52
C CYS A 471 -12.09 -11.86 -18.89
N PRO A 472 -11.02 -12.05 -19.67
CA PRO A 472 -10.65 -13.41 -20.09
C PRO A 472 -9.66 -14.08 -19.15
N LEU A 473 -9.68 -15.41 -19.21
CA LEU A 473 -8.64 -16.24 -18.59
C LEU A 473 -8.10 -17.19 -19.66
N LYS A 474 -6.81 -17.12 -19.91
CA LYS A 474 -6.16 -17.91 -20.95
C LYS A 474 -5.00 -18.69 -20.35
N PHE A 475 -4.87 -19.95 -20.72
CA PHE A 475 -3.79 -20.77 -20.21
C PHE A 475 -3.42 -21.84 -21.23
N GLY A 476 -2.21 -22.36 -21.08
CA GLY A 476 -1.71 -23.37 -21.99
C GLY A 476 -0.30 -23.75 -21.60
N SER A 477 0.26 -24.68 -22.36
CA SER A 477 1.62 -25.13 -22.09
C SER A 477 2.60 -24.00 -22.37
N TYR A 478 3.74 -24.04 -21.68
CA TYR A 478 4.78 -23.04 -21.88
C TYR A 478 5.81 -23.51 -22.90
N ALA A 479 6.37 -24.71 -22.72
CA ALA A 479 7.47 -25.17 -23.54
C ALA A 479 7.02 -26.06 -24.69
N TYR A 480 6.08 -26.97 -24.44
CA TYR A 480 5.71 -27.98 -25.42
C TYR A 480 4.77 -27.37 -26.45
N PRO A 481 5.10 -27.41 -27.74
CA PRO A 481 4.29 -26.71 -28.75
C PRO A 481 3.05 -27.51 -29.13
N ASN A 482 2.33 -26.97 -30.13
CA ASN A 482 1.07 -27.56 -30.56
C ASN A 482 1.25 -28.98 -31.08
N SER A 483 2.42 -29.30 -31.60
CA SER A 483 2.66 -30.63 -32.16
C SER A 483 3.05 -31.66 -31.11
N GLU A 484 3.15 -31.26 -29.85
CA GLU A 484 3.56 -32.16 -28.77
C GLU A 484 2.55 -32.26 -27.64
N VAL A 485 1.83 -31.18 -27.34
CA VAL A 485 0.83 -31.17 -26.28
C VAL A 485 -0.39 -30.39 -26.75
N VAL A 486 -1.58 -30.92 -26.49
CA VAL A 486 -2.83 -30.27 -26.83
C VAL A 486 -3.76 -30.33 -25.63
N TYR A 487 -4.53 -29.26 -25.43
CA TYR A 487 -5.43 -29.13 -24.30
C TYR A 487 -6.88 -29.21 -24.77
N VAL A 488 -7.69 -29.96 -24.03
CA VAL A 488 -9.11 -30.11 -24.33
C VAL A 488 -9.87 -30.05 -23.02
N TRP A 489 -11.08 -29.49 -23.07
CA TRP A 489 -11.94 -29.47 -21.89
C TRP A 489 -12.48 -30.87 -21.63
N THR A 490 -12.36 -31.32 -20.39
CA THR A 490 -12.55 -32.75 -20.11
C THR A 490 -13.97 -33.21 -20.42
N ASN A 491 -14.98 -32.42 -20.04
CA ASN A 491 -16.38 -32.81 -20.19
C ASN A 491 -17.13 -31.90 -21.14
N GLY A 492 -16.47 -31.43 -22.19
CA GLY A 492 -17.06 -30.48 -23.11
C GLY A 492 -16.73 -29.05 -22.75
N SER A 493 -16.84 -28.17 -23.74
CA SER A 493 -16.38 -26.80 -23.60
C SER A 493 -17.13 -26.06 -22.50
N THR A 494 -18.45 -25.91 -22.66
CA THR A 494 -19.25 -25.16 -21.70
C THR A 494 -19.73 -26.02 -20.53
N LYS A 495 -19.55 -27.33 -20.59
CA LYS A 495 -19.96 -28.23 -19.52
C LYS A 495 -18.84 -28.54 -18.53
N SER A 496 -17.67 -27.92 -18.70
CA SER A 496 -16.53 -28.19 -17.84
C SER A 496 -16.42 -27.17 -16.70
N VAL A 497 -16.31 -25.89 -17.06
CA VAL A 497 -16.09 -24.86 -16.04
C VAL A 497 -17.34 -24.70 -15.19
N VAL A 498 -17.14 -24.51 -13.89
CA VAL A 498 -18.22 -24.35 -12.94
C VAL A 498 -17.85 -23.24 -11.97
N VAL A 499 -18.85 -22.42 -11.61
CA VAL A 499 -18.69 -21.35 -10.63
C VAL A 499 -19.55 -21.70 -9.43
N ALA A 500 -18.95 -21.62 -8.24
CA ALA A 500 -19.69 -21.93 -7.02
C ALA A 500 -20.83 -20.93 -6.82
N GLU A 501 -21.86 -21.37 -6.12
CA GLU A 501 -23.00 -20.50 -5.86
C GLU A 501 -22.58 -19.32 -4.99
N ASP A 502 -21.74 -19.56 -3.99
CA ASP A 502 -21.24 -18.48 -3.16
C ASP A 502 -20.13 -17.71 -3.85
N GLY A 503 -19.61 -18.23 -4.98
CA GLY A 503 -18.40 -17.71 -5.59
C GLY A 503 -18.52 -16.33 -6.19
N SER A 504 -19.73 -15.78 -6.32
CA SER A 504 -19.89 -14.47 -6.91
C SER A 504 -19.48 -13.39 -5.91
N ARG A 505 -18.18 -13.27 -5.66
CA ARG A 505 -17.65 -12.36 -4.64
C ARG A 505 -17.30 -10.98 -5.19
N LEU A 506 -18.26 -10.31 -5.82
CA LEU A 506 -18.05 -9.00 -6.42
C LEU A 506 -18.91 -7.96 -5.71
N ASN A 507 -18.39 -6.74 -5.63
CA ASN A 507 -19.13 -5.61 -5.08
C ASN A 507 -19.45 -4.54 -6.12
N GLN A 508 -18.51 -4.26 -7.04
CA GLN A 508 -18.77 -3.28 -8.09
C GLN A 508 -19.65 -3.83 -9.20
N TYR A 509 -19.51 -5.11 -9.52
CA TYR A 509 -20.08 -5.69 -10.72
C TYR A 509 -21.10 -6.76 -10.36
N HIS A 510 -21.85 -7.18 -11.38
CA HIS A 510 -22.76 -8.31 -11.28
C HIS A 510 -22.44 -9.24 -12.44
N LEU A 511 -22.14 -10.50 -12.13
CA LEU A 511 -21.62 -11.44 -13.12
C LEU A 511 -22.77 -11.97 -13.98
N MET A 512 -22.70 -11.71 -15.29
CA MET A 512 -23.73 -12.19 -16.20
C MET A 512 -23.64 -13.68 -16.45
N GLY A 513 -22.43 -14.21 -16.54
CA GLY A 513 -22.22 -15.59 -16.91
C GLY A 513 -20.81 -15.77 -17.44
N GLN A 514 -20.58 -16.91 -18.09
CA GLN A 514 -19.27 -17.21 -18.63
C GLN A 514 -19.41 -18.10 -19.86
N THR A 515 -18.42 -18.00 -20.74
CA THR A 515 -18.35 -18.80 -21.95
C THR A 515 -16.92 -19.33 -22.11
N VAL A 516 -16.80 -20.45 -22.82
CA VAL A 516 -15.56 -21.22 -22.86
C VAL A 516 -15.21 -21.55 -24.30
N GLY A 517 -13.93 -21.56 -24.61
CA GLY A 517 -13.46 -21.89 -25.94
C GLY A 517 -11.97 -22.15 -25.95
N THR A 518 -11.45 -22.42 -27.15
CA THR A 518 -10.03 -22.71 -27.32
C THR A 518 -9.60 -22.25 -28.71
N GLU A 519 -8.31 -21.98 -28.86
CA GLU A 519 -7.76 -21.51 -30.13
C GLU A 519 -6.27 -21.78 -30.17
N ASN A 520 -5.72 -21.81 -31.38
CA ASN A 520 -4.29 -21.91 -31.59
C ASN A 520 -3.67 -20.52 -31.66
N ILE A 521 -2.40 -20.43 -31.28
CA ILE A 521 -1.61 -19.21 -31.42
C ILE A 521 -0.24 -19.59 -31.97
N SER A 522 0.46 -18.58 -32.48
CA SER A 522 1.78 -18.77 -33.06
C SER A 522 2.76 -17.79 -32.42
N THR A 523 3.98 -18.25 -32.20
CA THR A 523 5.03 -17.43 -31.61
C THR A 523 6.35 -17.82 -32.25
N SER A 524 7.39 -17.02 -31.97
CA SER A 524 8.70 -17.29 -32.55
C SER A 524 9.18 -18.70 -32.23
N THR A 525 8.78 -19.25 -31.08
CA THR A 525 9.21 -20.57 -30.66
C THR A 525 8.33 -21.69 -31.21
N GLY A 526 7.20 -21.38 -31.85
CA GLY A 526 6.34 -22.35 -32.45
C GLY A 526 4.89 -22.08 -32.11
N GLU A 527 4.03 -23.01 -32.52
CA GLU A 527 2.60 -22.88 -32.27
C GLU A 527 2.23 -23.43 -30.90
N TYR A 528 1.12 -22.95 -30.36
CA TYR A 528 0.62 -23.41 -29.07
C TYR A 528 -0.90 -23.37 -29.10
N THR A 529 -1.51 -24.20 -28.26
CA THR A 529 -2.96 -24.28 -28.14
C THR A 529 -3.38 -23.63 -26.82
N ILE A 530 -4.24 -22.63 -26.91
CA ILE A 530 -4.71 -21.90 -25.74
C ILE A 530 -6.08 -22.39 -25.34
N MET A 531 -6.34 -22.37 -24.04
CA MET A 531 -7.67 -22.57 -23.47
C MET A 531 -8.15 -21.24 -22.94
N THR A 532 -9.37 -20.86 -23.32
CA THR A 532 -9.89 -19.53 -23.00
C THR A 532 -11.24 -19.65 -22.32
N ALA A 533 -11.45 -18.80 -21.31
CA ALA A 533 -12.73 -18.73 -20.60
C ALA A 533 -13.00 -17.27 -20.23
N HIS A 534 -14.14 -16.75 -20.69
CA HIS A 534 -14.51 -15.36 -20.45
C HIS A 534 -15.58 -15.31 -19.36
N PHE A 535 -15.41 -14.39 -18.42
CA PHE A 535 -16.42 -14.12 -17.39
C PHE A 535 -17.05 -12.76 -17.69
N HIS A 536 -18.35 -12.75 -17.90
CA HIS A 536 -19.05 -11.55 -18.34
C HIS A 536 -19.54 -10.77 -17.14
N LEU A 537 -19.36 -9.45 -17.18
CA LEU A 537 -19.69 -8.56 -16.08
C LEU A 537 -20.55 -7.41 -16.58
N LYS A 538 -21.42 -6.92 -15.70
CA LYS A 538 -22.16 -5.69 -15.91
C LYS A 538 -22.12 -4.88 -14.64
N ARG A 539 -21.79 -3.60 -14.76
CA ARG A 539 -21.60 -2.75 -13.60
C ARG A 539 -22.93 -2.41 -12.96
N LYS A 540 -22.92 -2.26 -11.63
CA LYS A 540 -24.11 -1.89 -10.87
C LYS A 540 -24.18 -0.37 -10.78
N ILE A 541 -25.21 0.21 -11.42
CA ILE A 541 -25.28 1.65 -11.61
C ILE A 541 -25.73 2.36 -10.35
N GLY A 542 -26.32 1.64 -9.40
CA GLY A 542 -27.02 2.29 -8.30
C GLY A 542 -26.17 3.29 -7.54
N TYR A 543 -24.88 3.01 -7.39
CA TYR A 543 -24.03 3.88 -6.57
C TYR A 543 -23.89 5.26 -7.17
N PHE A 544 -23.68 5.33 -8.49
CA PHE A 544 -23.37 6.61 -9.12
C PHE A 544 -24.59 7.51 -9.21
N VAL A 545 -25.80 6.94 -9.23
CA VAL A 545 -27.00 7.76 -9.27
C VAL A 545 -27.10 8.59 -8.00
N ILE A 546 -26.88 7.97 -6.84
CA ILE A 546 -26.98 8.68 -5.57
C ILE A 546 -25.72 9.47 -5.28
N GLN A 547 -24.59 9.05 -5.84
CA GLN A 547 -23.31 9.72 -5.58
C GLN A 547 -23.08 10.92 -6.49
N THR A 548 -23.27 10.77 -7.80
CA THR A 548 -22.84 11.80 -8.74
C THR A 548 -24.00 12.46 -9.47
N TYR A 549 -24.87 11.65 -10.10
CA TYR A 549 -25.88 12.23 -10.99
C TYR A 549 -26.84 13.12 -10.22
N LEU A 550 -27.39 12.64 -9.11
CA LEU A 550 -28.36 13.45 -8.38
C LEU A 550 -27.75 14.73 -7.86
N PRO A 551 -26.66 14.72 -7.08
CA PRO A 551 -26.10 16.00 -6.62
C PRO A 551 -25.81 16.97 -7.75
N CYS A 552 -25.41 16.47 -8.92
CA CYS A 552 -25.22 17.34 -10.08
C CYS A 552 -26.55 17.82 -10.63
N ILE A 553 -27.54 16.94 -10.72
CA ILE A 553 -28.84 17.33 -11.24
C ILE A 553 -29.50 18.33 -10.32
N MET A 554 -29.47 18.08 -9.02
CA MET A 554 -30.04 19.04 -8.08
C MET A 554 -29.29 20.36 -8.14
N THR A 555 -27.97 20.33 -8.20
CA THR A 555 -27.19 21.56 -8.22
C THR A 555 -27.54 22.41 -9.43
N VAL A 556 -27.79 21.77 -10.58
CA VAL A 556 -28.22 22.53 -11.75
C VAL A 556 -29.60 23.14 -11.52
N ILE A 557 -30.47 22.43 -10.80
CA ILE A 557 -31.80 22.98 -10.52
C ILE A 557 -31.68 24.20 -9.62
N LEU A 558 -30.68 24.22 -8.74
CA LEU A 558 -30.45 25.41 -7.91
C LEU A 558 -30.02 26.60 -8.76
N SER A 559 -29.07 26.40 -9.67
CA SER A 559 -28.60 27.51 -10.49
C SER A 559 -29.72 28.08 -11.36
N GLN A 560 -30.70 27.24 -11.70
CA GLN A 560 -31.77 27.68 -12.59
C GLN A 560 -32.92 28.35 -11.85
N VAL A 561 -33.06 28.11 -10.54
CA VAL A 561 -34.12 28.79 -9.80
C VAL A 561 -33.79 30.25 -9.56
N SER A 562 -32.53 30.64 -9.75
CA SER A 562 -32.14 32.02 -9.51
C SER A 562 -32.81 32.99 -10.48
N PHE A 563 -33.31 32.51 -11.62
CA PHE A 563 -33.97 33.39 -12.56
C PHE A 563 -35.29 33.92 -12.03
N TRP A 564 -35.91 33.23 -11.07
CA TRP A 564 -37.17 33.69 -10.50
C TRP A 564 -36.99 34.72 -9.40
N LEU A 565 -35.76 35.05 -9.04
CA LEU A 565 -35.52 36.08 -8.04
C LEU A 565 -35.52 37.44 -8.72
N ASN A 566 -35.74 38.50 -7.93
CA ASN A 566 -35.84 39.83 -8.49
C ASN A 566 -34.49 40.28 -9.03
N ARG A 567 -34.53 41.07 -10.11
CA ARG A 567 -33.31 41.51 -10.76
C ARG A 567 -32.54 42.51 -9.91
N GLU A 568 -33.22 43.25 -9.02
CA GLU A 568 -32.56 44.29 -8.26
C GLU A 568 -31.80 43.77 -7.06
N SER A 569 -31.99 42.50 -6.67
CA SER A 569 -31.24 41.91 -5.58
C SER A 569 -29.88 41.39 -6.10
N VAL A 570 -29.05 42.35 -6.50
CA VAL A 570 -27.77 41.99 -7.13
C VAL A 570 -26.90 41.15 -6.20
N PRO A 571 -26.71 41.51 -4.93
CA PRO A 571 -25.88 40.64 -4.06
C PRO A 571 -26.42 39.22 -3.95
N ALA A 572 -27.75 39.06 -3.94
CA ALA A 572 -28.33 37.73 -3.84
C ALA A 572 -28.12 36.93 -5.12
N ARG A 573 -28.52 37.51 -6.26
CA ARG A 573 -28.37 36.82 -7.54
C ARG A 573 -26.94 36.38 -7.76
N THR A 574 -25.97 37.19 -7.34
CA THR A 574 -24.57 36.88 -7.57
C THR A 574 -24.16 35.61 -6.82
N VAL A 575 -24.52 35.52 -5.54
CA VAL A 575 -24.02 34.43 -4.71
C VAL A 575 -24.59 33.09 -5.15
N PHE A 576 -25.81 33.06 -5.69
CA PHE A 576 -26.30 31.83 -6.30
C PHE A 576 -25.36 31.35 -7.39
N GLY A 577 -25.04 32.22 -8.33
CA GLY A 577 -24.24 31.84 -9.47
C GLY A 577 -22.86 31.37 -9.09
N VAL A 578 -22.21 32.11 -8.19
CA VAL A 578 -20.84 31.76 -7.83
C VAL A 578 -20.81 30.56 -6.90
N THR A 579 -21.68 30.52 -5.90
CA THR A 579 -21.66 29.41 -4.95
C THR A 579 -22.02 28.09 -5.61
N THR A 580 -23.02 28.09 -6.50
CA THR A 580 -23.35 26.85 -7.21
C THR A 580 -22.20 26.42 -8.10
N VAL A 581 -21.42 27.37 -8.61
CA VAL A 581 -20.19 27.03 -9.32
C VAL A 581 -19.20 26.36 -8.36
N LEU A 582 -19.09 26.89 -7.14
CA LEU A 582 -18.22 26.26 -6.15
C LEU A 582 -18.75 24.90 -5.73
N THR A 583 -20.09 24.76 -5.64
CA THR A 583 -20.66 23.46 -5.35
C THR A 583 -20.36 22.46 -6.46
N MET A 584 -20.47 22.91 -7.72
CA MET A 584 -20.10 22.05 -8.84
C MET A 584 -18.63 21.69 -8.82
N THR A 585 -17.78 22.62 -8.39
CA THR A 585 -16.35 22.33 -8.31
C THR A 585 -16.08 21.20 -7.32
N THR A 586 -16.74 21.24 -6.16
CA THR A 586 -16.58 20.16 -5.18
C THR A 586 -17.08 18.84 -5.73
N LEU A 587 -18.24 18.86 -6.41
CA LEU A 587 -18.80 17.62 -6.95
C LEU A 587 -17.95 17.05 -8.07
N SER A 588 -17.06 17.85 -8.67
CA SER A 588 -16.16 17.34 -9.69
C SER A 588 -14.90 16.73 -9.11
N ILE A 589 -14.64 16.90 -7.82
CA ILE A 589 -13.47 16.28 -7.20
C ILE A 589 -13.70 14.78 -7.04
N SER A 590 -14.85 14.41 -6.48
CA SER A 590 -15.11 13.01 -6.17
C SER A 590 -15.18 12.15 -7.43
N ALA A 591 -15.70 12.70 -8.53
CA ALA A 591 -15.80 11.94 -9.77
C ALA A 591 -14.43 11.42 -10.19
N ARG A 592 -13.41 12.27 -10.12
CA ARG A 592 -12.07 11.85 -10.51
C ARG A 592 -11.56 10.71 -9.64
N ASN A 593 -11.81 10.78 -8.33
CA ASN A 593 -11.36 9.72 -7.43
C ASN A 593 -12.06 8.41 -7.71
N SER A 594 -13.35 8.44 -8.06
CA SER A 594 -14.06 7.20 -8.39
C SER A 594 -13.61 6.65 -9.74
N LEU A 595 -13.27 7.52 -10.68
CA LEU A 595 -12.77 7.07 -11.97
C LEU A 595 -11.40 6.42 -11.87
N PRO A 596 -11.08 5.53 -12.81
CA PRO A 596 -9.69 5.19 -13.07
C PRO A 596 -9.01 6.28 -13.88
N LYS A 597 -7.73 6.07 -14.15
CA LYS A 597 -6.88 7.12 -14.71
C LYS A 597 -6.90 7.16 -16.24
N VAL A 598 -7.93 6.58 -16.89
CA VAL A 598 -7.95 6.55 -18.34
C VAL A 598 -7.92 7.98 -18.89
N ALA A 599 -7.52 8.11 -20.15
CA ALA A 599 -7.23 9.41 -20.75
C ALA A 599 -8.22 9.80 -21.84
N TYR A 600 -9.51 9.56 -21.63
CA TYR A 600 -10.54 10.10 -22.50
C TYR A 600 -11.82 10.33 -21.69
N ALA A 601 -12.69 11.16 -22.24
CA ALA A 601 -13.91 11.55 -21.54
C ALA A 601 -14.89 10.38 -21.52
N THR A 602 -15.28 9.96 -20.31
CA THR A 602 -16.29 8.92 -20.15
C THR A 602 -17.69 9.52 -20.21
N ALA A 603 -18.69 8.65 -20.23
CA ALA A 603 -20.07 9.11 -20.28
C ALA A 603 -20.41 9.99 -19.09
N MET A 604 -19.79 9.71 -17.93
CA MET A 604 -20.01 10.55 -16.76
C MET A 604 -19.33 11.91 -16.93
N ASP A 605 -18.18 11.94 -17.60
CA ASP A 605 -17.50 13.21 -17.82
C ASP A 605 -18.29 14.11 -18.75
N TRP A 606 -19.00 13.52 -19.73
CA TRP A 606 -19.94 14.32 -20.52
C TRP A 606 -20.96 14.99 -19.62
N PHE A 607 -21.53 14.23 -18.69
CA PHE A 607 -22.58 14.75 -17.83
C PHE A 607 -22.06 15.89 -16.97
N ILE A 608 -20.93 15.67 -16.29
CA ILE A 608 -20.40 16.69 -15.39
C ILE A 608 -19.96 17.93 -16.16
N ALA A 609 -19.35 17.74 -17.32
CA ALA A 609 -18.93 18.88 -18.12
C ALA A 609 -20.13 19.71 -18.57
N VAL A 610 -21.22 19.05 -18.99
CA VAL A 610 -22.40 19.79 -19.42
C VAL A 610 -23.08 20.45 -18.23
N CYS A 611 -23.14 19.76 -17.09
CA CYS A 611 -23.71 20.38 -15.89
C CYS A 611 -22.94 21.62 -15.51
N TYR A 612 -21.61 21.57 -15.60
CA TYR A 612 -20.81 22.77 -15.33
C TYR A 612 -21.13 23.88 -16.33
N ALA A 613 -21.39 23.51 -17.59
CA ALA A 613 -21.74 24.51 -18.59
C ALA A 613 -23.04 25.23 -18.23
N PHE A 614 -24.05 24.47 -17.80
CA PHE A 614 -25.33 25.08 -17.42
C PHE A 614 -25.16 25.98 -16.21
N VAL A 615 -24.42 25.53 -15.19
CA VAL A 615 -24.20 26.34 -14.01
C VAL A 615 -23.41 27.59 -14.36
N PHE A 616 -22.37 27.44 -15.18
CA PHE A 616 -21.58 28.59 -15.59
C PHE A 616 -22.42 29.58 -16.39
N SER A 617 -23.14 29.09 -17.40
CA SER A 617 -23.91 29.97 -18.26
C SER A 617 -25.06 30.65 -17.52
N ALA A 618 -25.55 30.07 -16.43
CA ALA A 618 -26.60 30.72 -15.66
C ALA A 618 -26.11 32.02 -15.05
N LEU A 619 -24.88 32.05 -14.54
CA LEU A 619 -24.34 33.27 -13.97
C LEU A 619 -23.95 34.28 -15.04
N ILE A 620 -23.53 33.81 -16.21
CA ILE A 620 -23.30 34.73 -17.33
C ILE A 620 -24.62 35.33 -17.77
N GLU A 621 -25.71 34.58 -17.69
CA GLU A 621 -27.04 35.14 -17.99
C GLU A 621 -27.34 36.31 -17.07
N PHE A 622 -27.04 36.18 -15.78
CA PHE A 622 -27.25 37.29 -14.86
C PHE A 622 -26.34 38.47 -15.21
N ALA A 623 -25.10 38.20 -15.61
CA ALA A 623 -24.17 39.28 -15.89
C ALA A 623 -24.69 40.18 -17.00
N THR A 624 -25.24 39.60 -18.06
CA THR A 624 -25.80 40.42 -19.14
C THR A 624 -27.05 41.15 -18.68
N VAL A 625 -27.91 40.48 -17.91
CA VAL A 625 -29.11 41.13 -17.40
C VAL A 625 -28.74 42.29 -16.49
N ASN A 626 -27.74 42.09 -15.63
CA ASN A 626 -27.29 43.14 -14.73
C ASN A 626 -26.76 44.34 -15.52
N TYR A 627 -25.98 44.07 -16.57
CA TYR A 627 -25.36 45.17 -17.32
C TYR A 627 -26.40 46.02 -18.01
N PHE A 628 -27.35 45.39 -18.71
CA PHE A 628 -28.30 46.15 -19.51
C PHE A 628 -29.32 46.89 -18.63
N THR A 629 -29.70 46.29 -17.50
CA THR A 629 -30.63 46.97 -16.61
C THR A 629 -29.99 48.14 -15.89
N LYS A 630 -28.66 48.13 -15.73
CA LYS A 630 -27.94 49.22 -15.09
C LYS A 630 -27.49 50.27 -16.10
N SER A 631 -27.09 49.85 -17.30
CA SER A 631 -26.60 50.78 -18.31
C SER A 631 -27.70 51.36 -19.18
N GLN A 632 -28.84 50.70 -19.29
CA GLN A 632 -29.94 51.18 -20.13
C GLN A 632 -31.25 51.31 -19.35
N PRO A 633 -31.26 51.93 -18.16
CA PRO A 633 -32.57 52.16 -17.53
C PRO A 633 -33.17 53.51 -17.89
N ALA A 636 -36.06 51.67 -18.33
CA ALA A 636 -37.17 51.51 -19.26
C ALA A 636 -36.84 50.53 -20.37
N ALA A 637 -35.68 49.90 -20.28
CA ALA A 637 -35.27 48.93 -21.29
C ALA A 637 -36.10 47.66 -21.17
N SER A 638 -36.11 46.89 -22.26
CA SER A 638 -36.87 45.63 -22.32
C SER A 638 -36.02 44.47 -21.83
N ILE A 639 -35.02 44.76 -21.00
CA ILE A 639 -34.07 43.74 -20.56
C ILE A 639 -34.77 42.60 -19.85
N SER A 640 -35.96 42.84 -19.29
CA SER A 640 -36.66 41.79 -18.57
C SER A 640 -36.99 40.60 -19.46
N LYS A 641 -36.98 40.80 -20.79
CA LYS A 641 -37.20 39.69 -21.71
C LYS A 641 -36.25 38.54 -21.43
N ILE A 642 -35.01 38.85 -21.06
CA ILE A 642 -34.00 37.80 -20.91
C ILE A 642 -34.39 36.85 -19.79
N ASP A 643 -34.86 37.40 -18.66
CA ASP A 643 -35.29 36.53 -17.57
C ASP A 643 -36.45 35.64 -18.00
N LYS A 644 -37.42 36.21 -18.71
CA LYS A 644 -38.60 35.44 -19.11
C LYS A 644 -38.25 34.37 -20.14
N MET A 645 -37.23 34.61 -20.97
CA MET A 645 -36.79 33.59 -21.90
C MET A 645 -35.94 32.52 -21.21
N SER A 646 -34.96 32.95 -20.40
CA SER A 646 -34.09 31.98 -19.73
C SER A 646 -34.86 31.11 -18.75
N ARG A 647 -36.01 31.57 -18.26
CA ARG A 647 -36.79 30.76 -17.33
C ARG A 647 -37.31 29.49 -17.98
N ILE A 648 -37.67 29.55 -19.26
CA ILE A 648 -38.13 28.38 -19.98
C ILE A 648 -36.99 27.69 -20.73
N VAL A 649 -36.05 28.47 -21.27
CA VAL A 649 -34.99 27.88 -22.10
C VAL A 649 -34.12 26.95 -21.26
N PHE A 650 -33.63 27.43 -20.12
CA PHE A 650 -32.70 26.62 -19.34
C PHE A 650 -33.31 25.30 -18.89
N PRO A 651 -34.46 25.26 -18.22
CA PRO A 651 -35.01 23.96 -17.82
C PRO A 651 -35.28 23.03 -18.99
N VAL A 652 -35.77 23.56 -20.10
CA VAL A 652 -36.13 22.70 -21.24
C VAL A 652 -34.87 22.15 -21.91
N LEU A 653 -33.88 23.02 -22.17
CA LEU A 653 -32.68 22.57 -22.84
C LEU A 653 -31.89 21.59 -21.98
N PHE A 654 -31.91 21.76 -20.66
CA PHE A 654 -31.30 20.75 -19.79
C PHE A 654 -32.10 19.46 -19.84
N GLY A 655 -33.42 19.55 -19.96
CA GLY A 655 -34.22 18.34 -20.05
C GLY A 655 -33.90 17.53 -21.28
N THR A 656 -33.82 18.18 -22.44
CA THR A 656 -33.54 17.46 -23.67
C THR A 656 -32.14 16.86 -23.65
N PHE A 657 -31.20 17.49 -22.94
CA PHE A 657 -29.88 16.89 -22.77
C PHE A 657 -29.96 15.59 -21.99
N ASN A 658 -30.78 15.57 -20.93
CA ASN A 658 -30.94 14.34 -20.15
C ASN A 658 -31.57 13.24 -20.97
N LEU A 659 -32.63 13.56 -21.71
CA LEU A 659 -33.28 12.56 -22.55
C LEU A 659 -32.32 12.02 -23.60
N VAL A 660 -31.53 12.91 -24.21
CA VAL A 660 -30.51 12.47 -25.16
C VAL A 660 -29.47 11.62 -24.47
N TYR A 661 -29.00 12.06 -23.29
CA TYR A 661 -27.94 11.36 -22.59
C TYR A 661 -28.38 9.95 -22.19
N TRP A 662 -29.50 9.84 -21.50
CA TRP A 662 -29.94 8.53 -21.03
C TRP A 662 -30.40 7.65 -22.18
N ALA A 663 -31.05 8.24 -23.19
CA ALA A 663 -31.42 7.46 -24.36
C ALA A 663 -30.20 6.93 -25.10
N THR A 664 -29.11 7.71 -25.14
CA THR A 664 -27.92 7.28 -25.84
C THR A 664 -27.30 6.05 -25.19
N TYR A 665 -27.24 6.02 -23.85
CA TYR A 665 -26.49 4.98 -23.15
C TYR A 665 -27.35 3.87 -22.59
N LEU A 666 -28.64 4.11 -22.30
CA LEU A 666 -29.49 3.02 -21.83
C LEU A 666 -29.82 2.04 -22.95
N ASN A 667 -30.23 2.55 -24.11
CA ASN A 667 -30.52 1.72 -25.27
C ASN A 667 -29.22 1.41 -26.02
N ARG A 668 -28.37 0.61 -25.37
CA ARG A 668 -27.02 0.41 -25.84
C ARG A 668 -26.52 -0.99 -25.50
N PRO B 31 22.13 -48.77 28.80
CA PRO B 31 21.29 -47.84 29.53
C PRO B 31 21.68 -46.38 29.32
N GLY B 32 20.89 -45.46 29.87
CA GLY B 32 21.15 -44.05 29.71
C GLY B 32 20.21 -43.40 28.69
N ASN B 33 19.72 -42.21 29.02
CA ASN B 33 18.75 -41.55 28.15
C ASN B 33 19.34 -41.20 26.80
N MET B 34 20.61 -40.75 26.79
CA MET B 34 21.18 -40.19 25.58
C MET B 34 21.22 -41.20 24.44
N SER B 35 21.37 -42.49 24.76
CA SER B 35 21.40 -43.53 23.75
C SER B 35 20.04 -44.22 23.60
N PHE B 36 19.37 -44.48 24.73
CA PHE B 36 18.09 -45.19 24.69
C PHE B 36 17.06 -44.42 23.88
N VAL B 37 16.93 -43.11 24.12
CA VAL B 37 15.96 -42.31 23.40
C VAL B 37 16.39 -42.11 21.96
N LYS B 38 17.68 -41.88 21.73
CA LYS B 38 18.16 -41.62 20.37
C LYS B 38 17.92 -42.82 19.45
N GLU B 39 18.21 -44.03 19.96
CA GLU B 39 17.97 -45.22 19.14
C GLU B 39 16.49 -45.49 18.98
N THR B 40 15.68 -45.15 19.98
CA THR B 40 14.23 -45.37 19.87
C THR B 40 13.64 -44.56 18.72
N VAL B 41 14.00 -43.28 18.64
CA VAL B 41 13.46 -42.43 17.58
C VAL B 41 13.97 -42.90 16.21
N ASP B 42 15.23 -43.32 16.15
CA ASP B 42 15.75 -43.86 14.89
C ASP B 42 15.01 -45.13 14.51
N LYS B 43 14.69 -45.98 15.49
CA LYS B 43 13.96 -47.21 15.20
C LYS B 43 12.57 -46.92 14.66
N LEU B 44 11.89 -45.90 15.20
CA LEU B 44 10.54 -45.59 14.74
C LEU B 44 10.55 -45.17 13.26
N LEU B 45 11.48 -44.29 12.88
CA LEU B 45 11.52 -43.81 11.52
C LEU B 45 12.11 -44.83 10.56
N LYS B 46 12.99 -45.70 11.04
CA LYS B 46 13.59 -46.74 10.20
C LYS B 46 12.51 -47.77 9.89
N GLY B 47 12.06 -47.79 8.63
CA GLY B 47 10.93 -48.60 8.23
C GLY B 47 9.64 -47.84 8.08
N TYR B 48 9.63 -46.54 8.36
CA TYR B 48 8.43 -45.73 8.20
C TYR B 48 8.24 -45.35 6.73
N ASP B 49 7.00 -45.01 6.39
CA ASP B 49 6.65 -44.58 5.03
C ASP B 49 5.64 -43.44 5.15
N ILE B 50 6.11 -42.21 4.95
CA ILE B 50 5.23 -41.06 5.01
C ILE B 50 4.23 -41.04 3.87
N ARG B 51 4.45 -41.87 2.84
CA ARG B 51 3.57 -41.92 1.68
C ARG B 51 2.28 -42.69 1.93
N LEU B 52 2.02 -43.10 3.17
CA LEU B 52 0.92 -44.00 3.48
C LEU B 52 0.28 -43.58 4.79
N ARG B 53 -1.04 -43.46 4.79
CA ARG B 53 -1.75 -42.88 5.93
C ARG B 53 -1.91 -43.89 7.06
N PRO B 54 -2.08 -43.41 8.28
CA PRO B 54 -2.27 -44.33 9.41
C PRO B 54 -3.47 -45.24 9.20
N ASP B 55 -3.34 -46.49 9.66
CA ASP B 55 -4.42 -47.47 9.56
C ASP B 55 -4.91 -47.59 8.12
N PHE B 56 -3.97 -47.58 7.17
CA PHE B 56 -4.35 -47.70 5.77
C PHE B 56 -5.10 -49.00 5.54
N GLY B 57 -6.16 -48.91 4.73
CA GLY B 57 -6.99 -50.06 4.45
C GLY B 57 -8.09 -50.25 5.47
N GLY B 58 -7.84 -49.80 6.70
CA GLY B 58 -8.83 -49.88 7.75
C GLY B 58 -9.74 -48.67 7.76
N PRO B 59 -10.45 -48.47 8.87
CA PRO B 59 -11.35 -47.33 8.97
C PRO B 59 -10.61 -46.02 8.78
N PRO B 60 -11.33 -44.92 8.55
CA PRO B 60 -10.66 -43.62 8.41
C PRO B 60 -9.91 -43.24 9.67
N VAL B 61 -8.79 -42.55 9.49
CA VAL B 61 -8.05 -42.02 10.63
C VAL B 61 -8.79 -40.79 11.13
N CYS B 62 -9.10 -40.79 12.43
CA CYS B 62 -9.96 -39.77 13.02
C CYS B 62 -9.07 -38.66 13.59
N VAL B 63 -9.11 -37.49 12.97
CA VAL B 63 -8.25 -36.37 13.34
C VAL B 63 -9.08 -35.40 14.20
N GLY B 64 -8.67 -35.23 15.45
CA GLY B 64 -9.32 -34.25 16.31
C GLY B 64 -8.59 -32.92 16.27
N MET B 65 -9.37 -31.84 16.31
CA MET B 65 -8.83 -30.50 16.12
C MET B 65 -9.36 -29.55 17.19
N ASN B 66 -8.52 -28.59 17.55
CA ASN B 66 -8.91 -27.51 18.44
C ASN B 66 -8.06 -26.30 18.12
N ILE B 67 -8.54 -25.12 18.50
CA ILE B 67 -7.91 -23.86 18.15
C ILE B 67 -7.87 -22.95 19.38
N ASP B 68 -6.77 -22.23 19.53
CA ASP B 68 -6.65 -21.14 20.49
C ASP B 68 -6.40 -19.86 19.69
N ILE B 69 -7.40 -18.99 19.64
CA ILE B 69 -7.34 -17.80 18.79
C ILE B 69 -6.56 -16.73 19.54
N ALA B 70 -5.41 -16.35 18.99
CA ALA B 70 -4.60 -15.30 19.61
C ALA B 70 -5.25 -13.93 19.42
N SER B 71 -5.74 -13.64 18.21
CA SER B 71 -6.34 -12.35 17.94
C SER B 71 -6.97 -12.35 16.55
N ILE B 72 -7.94 -11.45 16.38
CA ILE B 72 -8.48 -11.11 15.06
C ILE B 72 -7.88 -9.78 14.66
N ASP B 73 -7.04 -9.78 13.64
CA ASP B 73 -6.23 -8.61 13.33
C ASP B 73 -7.08 -7.47 12.76
N MET B 74 -7.87 -7.75 11.73
CA MET B 74 -8.60 -6.69 11.05
C MET B 74 -9.79 -7.29 10.30
N VAL B 75 -10.73 -6.43 9.96
CA VAL B 75 -11.88 -6.78 9.12
C VAL B 75 -11.97 -5.73 8.03
N SER B 76 -11.93 -6.18 6.77
CA SER B 76 -11.85 -5.29 5.61
C SER B 76 -13.09 -5.49 4.75
N GLU B 77 -13.98 -4.50 4.74
CA GLU B 77 -15.15 -4.54 3.87
C GLU B 77 -14.78 -4.30 2.41
N VAL B 78 -13.81 -3.42 2.14
CA VAL B 78 -13.41 -3.17 0.76
C VAL B 78 -12.81 -4.42 0.13
N ASN B 79 -12.01 -5.17 0.89
CA ASN B 79 -11.46 -6.43 0.42
C ASN B 79 -12.35 -7.62 0.72
N MET B 80 -13.32 -7.47 1.61
CA MET B 80 -14.23 -8.56 1.99
C MET B 80 -13.44 -9.73 2.55
N ASP B 81 -12.65 -9.48 3.59
CA ASP B 81 -11.88 -10.52 4.25
C ASP B 81 -11.49 -10.06 5.64
N TYR B 82 -11.06 -11.02 6.46
CA TYR B 82 -10.58 -10.77 7.81
C TYR B 82 -9.39 -11.67 8.09
N THR B 83 -8.58 -11.28 9.07
CA THR B 83 -7.31 -11.94 9.35
C THR B 83 -7.31 -12.51 10.76
N LEU B 84 -6.92 -13.78 10.89
CA LEU B 84 -6.77 -14.43 12.18
C LEU B 84 -5.31 -14.68 12.50
N THR B 85 -5.03 -14.85 13.79
CA THR B 85 -3.79 -15.44 14.28
C THR B 85 -4.18 -16.45 15.35
N MET B 86 -3.72 -17.68 15.22
CA MET B 86 -4.26 -18.76 16.02
C MET B 86 -3.24 -19.88 16.17
N TYR B 87 -3.42 -20.67 17.23
CA TYR B 87 -2.65 -21.89 17.44
C TYR B 87 -3.54 -23.05 17.01
N PHE B 88 -3.22 -23.65 15.88
CA PHE B 88 -4.04 -24.68 15.27
C PHE B 88 -3.41 -26.04 15.58
N GLN B 89 -4.17 -26.90 16.26
CA GLN B 89 -3.66 -28.17 16.75
C GLN B 89 -4.46 -29.32 16.16
N GLN B 90 -3.76 -30.38 15.80
CA GLN B 90 -4.36 -31.58 15.24
C GLN B 90 -3.86 -32.79 16.04
N TYR B 91 -4.69 -33.82 16.13
CA TYR B 91 -4.45 -34.91 17.07
C TYR B 91 -4.99 -36.19 16.47
N TRP B 92 -4.10 -37.13 16.17
CA TRP B 92 -4.49 -38.38 15.53
C TRP B 92 -3.59 -39.50 16.05
N ARG B 93 -3.94 -40.73 15.68
CA ARG B 93 -3.22 -41.91 16.11
C ARG B 93 -2.55 -42.57 14.91
N ASP B 94 -1.28 -42.94 15.09
CA ASP B 94 -0.52 -43.70 14.10
C ASP B 94 0.16 -44.84 14.84
N LYS B 95 -0.33 -46.06 14.64
CA LYS B 95 0.21 -47.21 15.35
C LYS B 95 1.68 -47.45 15.05
N ARG B 96 2.17 -46.98 13.90
CA ARG B 96 3.57 -47.19 13.54
C ARG B 96 4.52 -46.46 14.48
N LEU B 97 4.02 -45.53 15.29
CA LEU B 97 4.84 -44.71 16.18
C LEU B 97 4.74 -45.14 17.63
N ALA B 98 4.27 -46.36 17.90
CA ALA B 98 4.24 -46.85 19.27
C ALA B 98 5.64 -47.13 19.77
N TYR B 99 5.92 -46.68 21.00
CA TYR B 99 7.20 -46.94 21.65
C TYR B 99 6.96 -47.37 23.08
N SER B 100 7.89 -48.15 23.62
CA SER B 100 7.72 -48.80 24.90
C SER B 100 8.87 -48.46 25.84
N GLY B 101 8.60 -48.53 27.14
CA GLY B 101 9.62 -48.29 28.15
C GLY B 101 9.68 -46.86 28.61
N ILE B 102 9.70 -45.93 27.67
CA ILE B 102 9.85 -44.50 27.99
C ILE B 102 8.53 -43.99 28.55
N PRO B 103 8.50 -43.47 29.79
CA PRO B 103 7.24 -42.94 30.32
C PRO B 103 6.88 -41.55 29.80
N LEU B 104 7.84 -40.80 29.28
CA LEU B 104 7.60 -39.43 28.87
C LEU B 104 6.77 -39.36 27.59
N ASN B 105 6.00 -38.28 27.46
CA ASN B 105 5.40 -37.91 26.18
C ASN B 105 6.46 -37.15 25.40
N LEU B 106 7.16 -37.87 24.51
CA LEU B 106 8.32 -37.33 23.81
C LEU B 106 7.97 -36.09 23.00
N THR B 107 8.60 -34.96 23.32
CA THR B 107 8.46 -33.74 22.53
C THR B 107 9.66 -33.63 21.60
N LEU B 108 9.41 -33.75 20.31
CA LEU B 108 10.49 -33.76 19.32
C LEU B 108 10.70 -32.37 18.74
N ASP B 109 11.86 -32.19 18.11
CA ASP B 109 12.18 -30.93 17.46
C ASP B 109 11.24 -30.71 16.28
N ASN B 110 10.90 -29.44 16.03
CA ASN B 110 9.95 -29.11 14.97
C ASN B 110 10.46 -29.47 13.58
N ARG B 111 11.76 -29.73 13.43
CA ARG B 111 12.28 -30.16 12.15
C ARG B 111 11.96 -31.61 11.83
N VAL B 112 11.45 -32.37 12.80
CA VAL B 112 11.05 -33.75 12.55
C VAL B 112 9.69 -33.84 11.88
N ALA B 113 8.89 -32.78 11.94
CA ALA B 113 7.55 -32.82 11.37
C ALA B 113 7.56 -33.09 9.87
N ASP B 114 8.68 -32.85 9.19
CA ASP B 114 8.80 -33.13 7.78
C ASP B 114 9.14 -34.58 7.49
N GLN B 115 9.33 -35.40 8.52
CA GLN B 115 9.70 -36.79 8.36
C GLN B 115 8.60 -37.75 8.77
N LEU B 116 7.36 -37.26 8.90
CA LEU B 116 6.24 -38.07 9.35
C LEU B 116 5.00 -37.71 8.54
N TRP B 117 4.03 -38.62 8.56
CA TRP B 117 2.75 -38.36 7.91
C TRP B 117 1.91 -37.43 8.78
N VAL B 118 1.38 -36.38 8.16
CA VAL B 118 0.48 -35.45 8.84
C VAL B 118 -0.72 -35.20 7.94
N PRO B 119 -1.90 -34.92 8.48
CA PRO B 119 -3.07 -34.72 7.63
C PRO B 119 -2.86 -33.58 6.64
N ASP B 120 -3.39 -33.75 5.43
CA ASP B 120 -3.33 -32.71 4.43
C ASP B 120 -4.50 -31.74 4.60
N THR B 121 -4.68 -31.23 5.81
CA THR B 121 -5.74 -30.28 6.07
C THR B 121 -5.44 -28.94 5.40
N TYR B 122 -6.50 -28.23 5.01
CA TYR B 122 -6.35 -26.90 4.44
C TYR B 122 -7.61 -26.09 4.75
N PHE B 123 -7.47 -24.78 4.66
CA PHE B 123 -8.56 -23.86 4.94
C PHE B 123 -9.19 -23.42 3.63
N LEU B 124 -10.47 -23.72 3.45
CA LEU B 124 -11.10 -23.57 2.14
C LEU B 124 -11.20 -22.11 1.73
N ASN B 125 -11.65 -21.24 2.62
CA ASN B 125 -11.86 -19.83 2.30
C ASN B 125 -10.64 -18.98 2.59
N ASP B 126 -9.46 -19.59 2.69
CA ASP B 126 -8.23 -18.84 2.93
C ASP B 126 -7.78 -18.11 1.67
N LYS B 127 -7.42 -16.85 1.82
CA LYS B 127 -6.86 -16.07 0.72
C LYS B 127 -5.34 -16.03 0.75
N LYS B 128 -4.75 -15.96 1.93
CA LYS B 128 -3.30 -15.88 2.07
C LYS B 128 -2.92 -16.16 3.52
N SER B 129 -2.05 -17.13 3.75
CA SER B 129 -1.69 -17.52 5.10
C SER B 129 -0.26 -18.05 5.12
N PHE B 130 0.31 -18.09 6.32
CA PHE B 130 1.70 -18.51 6.49
C PHE B 130 1.91 -18.96 7.92
N VAL B 131 2.80 -19.93 8.09
CA VAL B 131 3.24 -20.35 9.41
C VAL B 131 4.37 -19.43 9.85
N HIS B 132 4.31 -18.97 11.09
CA HIS B 132 5.32 -18.08 11.61
C HIS B 132 6.64 -18.81 11.72
N GLY B 133 7.74 -18.09 11.46
CA GLY B 133 9.03 -18.75 11.33
C GLY B 133 10.20 -18.08 12.03
N VAL B 134 9.95 -16.98 12.74
CA VAL B 134 11.05 -16.27 13.37
C VAL B 134 11.69 -17.14 14.45
N THR B 135 12.99 -16.97 14.63
CA THR B 135 13.80 -17.82 15.50
C THR B 135 13.84 -19.24 14.95
N VAL B 136 12.69 -19.92 14.95
CA VAL B 136 12.56 -21.23 14.34
C VAL B 136 11.11 -21.45 14.00
N LYS B 137 10.86 -22.31 13.01
CA LYS B 137 9.50 -22.53 12.52
C LYS B 137 8.59 -22.92 13.69
N ASN B 138 7.48 -22.21 13.81
CA ASN B 138 6.55 -22.38 14.94
C ASN B 138 5.69 -23.61 14.68
N ARG B 139 6.25 -24.77 15.00
CA ARG B 139 5.55 -26.04 14.93
C ARG B 139 5.92 -26.86 16.15
N MET B 140 5.18 -27.94 16.36
CA MET B 140 5.43 -28.83 17.48
C MET B 140 4.88 -30.21 17.14
N ILE B 141 5.60 -31.24 17.54
CA ILE B 141 5.11 -32.61 17.51
C ILE B 141 5.42 -33.27 18.83
N ARG B 142 4.39 -33.77 19.50
CA ARG B 142 4.53 -34.54 20.73
C ARG B 142 4.01 -35.94 20.49
N LEU B 143 4.86 -36.93 20.66
CA LEU B 143 4.46 -38.32 20.58
C LEU B 143 4.19 -38.88 21.97
N HIS B 144 3.36 -39.91 22.02
CA HIS B 144 2.99 -40.55 23.26
C HIS B 144 3.17 -42.06 23.10
N PRO B 145 3.29 -42.80 24.21
CA PRO B 145 3.64 -44.22 24.09
C PRO B 145 2.71 -45.01 23.19
N ASP B 146 1.42 -44.71 23.21
CA ASP B 146 0.44 -45.47 22.45
C ASP B 146 0.29 -44.99 21.00
N GLY B 147 1.25 -44.23 20.49
CA GLY B 147 1.27 -43.88 19.09
C GLY B 147 0.43 -42.68 18.70
N THR B 148 -0.19 -42.00 19.66
CA THR B 148 -1.00 -40.83 19.34
C THR B 148 -0.11 -39.60 19.21
N VAL B 149 -0.37 -38.80 18.18
CA VAL B 149 0.49 -37.69 17.80
C VAL B 149 -0.27 -36.38 17.95
N LEU B 150 0.37 -35.39 18.57
CA LEU B 150 -0.16 -34.04 18.67
C LEU B 150 0.71 -33.13 17.81
N TYR B 151 0.09 -32.40 16.89
CA TYR B 151 0.79 -31.59 15.91
C TYR B 151 0.21 -30.19 15.94
N GLY B 152 1.02 -29.22 16.34
CA GLY B 152 0.55 -27.86 16.55
C GLY B 152 1.26 -26.88 15.63
N LEU B 153 0.55 -25.83 15.23
CA LEU B 153 1.08 -24.77 14.39
C LEU B 153 0.56 -23.44 14.89
N ARG B 154 1.32 -22.38 14.65
CA ARG B 154 0.86 -21.02 14.84
C ARG B 154 0.73 -20.38 13.48
N ILE B 155 -0.47 -19.93 13.14
CA ILE B 155 -0.84 -19.58 11.78
C ILE B 155 -1.44 -18.18 11.77
N THR B 156 -1.07 -17.40 10.76
CA THR B 156 -1.76 -16.15 10.44
C THR B 156 -2.40 -16.31 9.08
N THR B 157 -3.73 -16.18 9.03
CA THR B 157 -4.48 -16.48 7.81
C THR B 157 -5.49 -15.38 7.54
N THR B 158 -5.55 -14.93 6.30
CA THR B 158 -6.54 -13.97 5.84
C THR B 158 -7.64 -14.74 5.12
N ALA B 159 -8.86 -14.67 5.66
CA ALA B 159 -9.96 -15.47 5.18
C ALA B 159 -11.04 -14.58 4.57
N ALA B 160 -11.59 -15.03 3.44
CA ALA B 160 -12.67 -14.30 2.79
C ALA B 160 -13.93 -14.38 3.64
N CYS B 161 -14.70 -13.29 3.67
CA CYS B 161 -15.94 -13.23 4.41
C CYS B 161 -16.97 -12.47 3.59
N MET B 162 -18.13 -13.07 3.37
CA MET B 162 -19.23 -12.39 2.71
C MET B 162 -19.83 -11.36 3.66
N MET B 163 -19.85 -10.10 3.24
CA MET B 163 -20.31 -8.99 4.06
C MET B 163 -21.43 -8.26 3.32
N ASP B 164 -22.58 -8.13 3.98
CA ASP B 164 -23.74 -7.43 3.43
C ASP B 164 -23.80 -6.06 4.09
N LEU B 165 -23.34 -5.04 3.37
CA LEU B 165 -23.25 -3.68 3.90
C LEU B 165 -24.48 -2.84 3.61
N ARG B 166 -25.57 -3.45 3.12
CA ARG B 166 -26.76 -2.69 2.83
C ARG B 166 -27.27 -1.95 4.06
N ARG B 167 -27.04 -2.49 5.25
CA ARG B 167 -27.42 -1.84 6.49
C ARG B 167 -26.26 -1.12 7.16
N TYR B 168 -25.14 -0.98 6.47
CA TYR B 168 -23.99 -0.29 7.04
C TYR B 168 -24.37 1.13 7.45
N PRO B 169 -23.88 1.63 8.59
CA PRO B 169 -23.01 0.99 9.59
C PRO B 169 -23.78 0.27 10.69
N LEU B 170 -25.08 0.07 10.51
CA LEU B 170 -25.93 -0.55 11.52
C LEU B 170 -26.04 -2.06 11.37
N ASP B 171 -25.00 -2.69 10.84
CA ASP B 171 -25.05 -4.08 10.39
C ASP B 171 -24.30 -5.02 11.34
N GLU B 172 -24.55 -6.31 11.15
CA GLU B 172 -23.78 -7.37 11.78
C GLU B 172 -23.39 -8.38 10.72
N GLN B 173 -22.27 -9.06 10.93
CA GLN B 173 -21.70 -9.95 9.92
C GLN B 173 -21.37 -11.30 10.55
N ASN B 174 -21.48 -12.33 9.72
CA ASN B 174 -21.21 -13.72 10.10
C ASN B 174 -20.01 -14.22 9.29
N CYS B 175 -18.81 -13.95 9.79
CA CYS B 175 -17.60 -14.41 9.13
C CYS B 175 -17.21 -15.78 9.68
N THR B 176 -16.70 -16.64 8.80
CA THR B 176 -16.47 -18.03 9.12
C THR B 176 -15.09 -18.47 8.64
N LEU B 177 -14.59 -19.54 9.27
CA LEU B 177 -13.36 -20.20 8.86
C LEU B 177 -13.70 -21.65 8.54
N GLU B 178 -13.31 -22.10 7.35
CA GLU B 178 -13.65 -23.42 6.84
C GLU B 178 -12.40 -24.29 6.84
N ILE B 179 -12.49 -25.46 7.45
CA ILE B 179 -11.39 -26.40 7.55
C ILE B 179 -11.79 -27.68 6.83
N GLU B 180 -10.98 -28.13 5.88
CA GLU B 180 -11.33 -29.26 5.05
C GLU B 180 -10.08 -30.06 4.70
N SER B 181 -10.29 -31.33 4.37
CA SER B 181 -9.22 -32.21 3.91
C SER B 181 -9.16 -32.16 2.39
N TYR B 182 -7.94 -32.08 1.85
CA TYR B 182 -7.80 -31.88 0.42
C TYR B 182 -7.92 -33.18 -0.36
N GLY B 183 -7.03 -34.14 -0.09
CA GLY B 183 -6.92 -35.30 -0.95
C GLY B 183 -7.82 -36.46 -0.58
N TYR B 184 -8.27 -36.53 0.68
CA TYR B 184 -8.94 -37.71 1.20
C TYR B 184 -10.43 -37.44 1.37
N THR B 185 -11.25 -38.37 0.91
CA THR B 185 -12.68 -38.32 1.16
C THR B 185 -12.96 -38.73 2.60
N THR B 186 -14.25 -38.72 2.96
CA THR B 186 -14.66 -39.09 4.31
C THR B 186 -14.41 -40.56 4.58
N ASP B 187 -14.12 -41.34 3.52
CA ASP B 187 -13.80 -42.75 3.68
C ASP B 187 -12.38 -42.97 4.16
N ASP B 188 -11.52 -41.95 4.09
CA ASP B 188 -10.14 -42.03 4.53
C ASP B 188 -9.81 -41.10 5.68
N ILE B 189 -10.45 -39.93 5.76
CA ILE B 189 -10.18 -38.94 6.79
C ILE B 189 -11.49 -38.54 7.44
N GLU B 190 -11.47 -38.40 8.76
CA GLU B 190 -12.61 -37.90 9.52
C GLU B 190 -12.13 -36.82 10.47
N PHE B 191 -12.89 -35.74 10.54
CA PHE B 191 -12.58 -34.61 11.41
C PHE B 191 -13.59 -34.54 12.55
N TYR B 192 -13.15 -34.01 13.68
CA TYR B 192 -14.06 -33.72 14.77
C TYR B 192 -13.41 -32.68 15.68
N TRP B 193 -14.25 -31.84 16.28
CA TRP B 193 -13.77 -30.84 17.23
C TRP B 193 -13.40 -31.55 18.52
N ARG B 194 -12.11 -31.61 18.82
CA ARG B 194 -11.65 -32.26 20.03
C ARG B 194 -12.06 -31.41 21.24
N GLY B 195 -12.92 -31.97 22.07
CA GLY B 195 -13.49 -31.23 23.18
C GLY B 195 -14.90 -30.71 22.94
N GLY B 196 -15.48 -30.99 21.79
CA GLY B 196 -16.86 -30.59 21.55
C GLY B 196 -16.99 -29.10 21.36
N ASP B 197 -18.06 -28.52 21.92
CA ASP B 197 -18.37 -27.11 21.72
C ASP B 197 -17.33 -26.18 22.32
N LYS B 198 -16.46 -26.67 23.20
CA LYS B 198 -15.41 -25.86 23.80
C LYS B 198 -14.04 -26.12 23.18
N ALA B 199 -14.02 -26.53 21.90
CA ALA B 199 -12.76 -26.81 21.23
C ALA B 199 -12.08 -25.57 20.69
N VAL B 200 -12.76 -24.43 20.65
CA VAL B 200 -12.18 -23.17 20.22
C VAL B 200 -12.20 -22.21 21.41
N THR B 201 -11.04 -21.69 21.76
CA THR B 201 -10.90 -20.81 22.91
C THR B 201 -10.14 -19.56 22.50
N GLY B 202 -10.19 -18.55 23.35
CA GLY B 202 -9.58 -17.27 23.07
C GLY B 202 -10.50 -16.28 22.38
N VAL B 203 -11.61 -16.74 21.82
CA VAL B 203 -12.56 -15.82 21.20
C VAL B 203 -13.19 -14.91 22.25
N GLU B 204 -13.27 -15.39 23.50
CA GLU B 204 -13.81 -14.58 24.59
C GLU B 204 -12.80 -13.62 25.17
N ARG B 205 -11.60 -13.52 24.59
CA ARG B 205 -10.53 -12.68 25.10
C ARG B 205 -10.12 -11.60 24.10
N ILE B 206 -10.96 -11.30 23.11
CA ILE B 206 -10.58 -10.49 21.96
C ILE B 206 -11.49 -9.28 21.86
N GLU B 207 -10.91 -8.13 21.53
CA GLU B 207 -11.66 -6.93 21.22
C GLU B 207 -11.15 -6.35 19.90
N LEU B 208 -12.06 -5.68 19.19
CA LEU B 208 -11.75 -5.01 17.94
C LEU B 208 -12.20 -3.55 18.00
N PRO B 209 -11.56 -2.66 17.25
CA PRO B 209 -12.01 -1.26 17.26
C PRO B 209 -13.44 -1.08 16.78
N GLN B 210 -13.81 -1.71 15.66
CA GLN B 210 -15.10 -1.45 15.03
C GLN B 210 -16.17 -2.45 15.43
N PHE B 211 -15.80 -3.65 15.87
CA PHE B 211 -16.75 -4.73 16.07
C PHE B 211 -16.65 -5.27 17.49
N SER B 212 -17.67 -6.03 17.88
CA SER B 212 -17.66 -6.82 19.09
C SER B 212 -18.33 -8.16 18.79
N ILE B 213 -17.70 -9.24 19.22
CA ILE B 213 -18.17 -10.58 18.89
C ILE B 213 -19.39 -10.90 19.73
N VAL B 214 -20.55 -11.04 19.08
CA VAL B 214 -21.76 -11.42 19.78
C VAL B 214 -21.69 -12.88 20.21
N GLU B 215 -21.31 -13.77 19.29
CA GLU B 215 -21.25 -15.20 19.59
C GLU B 215 -20.41 -15.88 18.52
N HIS B 216 -20.00 -17.11 18.83
CA HIS B 216 -19.31 -17.97 17.89
C HIS B 216 -19.89 -19.37 17.96
N ARG B 217 -19.89 -20.07 16.83
CA ARG B 217 -20.50 -21.38 16.73
C ARG B 217 -19.56 -22.34 16.02
N LEU B 218 -19.64 -23.61 16.42
CA LEU B 218 -18.82 -24.69 15.86
C LEU B 218 -19.73 -25.67 15.13
N VAL B 219 -19.31 -26.11 13.95
CA VAL B 219 -20.10 -27.02 13.13
C VAL B 219 -19.19 -28.05 12.49
N SER B 220 -19.71 -29.26 12.33
CA SER B 220 -19.02 -30.34 11.63
C SER B 220 -19.98 -30.96 10.63
N ARG B 221 -19.48 -31.24 9.42
CA ARG B 221 -20.33 -31.66 8.32
C ARG B 221 -19.58 -32.62 7.41
N ASN B 222 -20.34 -33.34 6.60
CA ASN B 222 -19.83 -34.09 5.46
C ASN B 222 -20.41 -33.46 4.20
N VAL B 223 -19.54 -32.94 3.34
CA VAL B 223 -19.96 -32.22 2.14
C VAL B 223 -19.57 -33.03 0.92
N VAL B 224 -20.52 -33.22 0.01
CA VAL B 224 -20.33 -34.02 -1.19
C VAL B 224 -20.27 -33.09 -2.39
N PHE B 225 -19.26 -33.26 -3.23
CA PHE B 225 -19.14 -32.47 -4.45
C PHE B 225 -18.33 -33.29 -5.46
N ALA B 226 -17.82 -32.60 -6.50
CA ALA B 226 -17.48 -33.26 -7.76
C ALA B 226 -16.65 -34.53 -7.60
N THR B 227 -15.73 -34.58 -6.64
CA THR B 227 -14.79 -35.69 -6.56
C THR B 227 -14.98 -36.59 -5.34
N GLY B 228 -15.96 -36.33 -4.49
CA GLY B 228 -16.24 -37.23 -3.39
C GLY B 228 -16.81 -36.50 -2.20
N ALA B 229 -17.17 -37.29 -1.19
CA ALA B 229 -17.72 -36.78 0.06
C ALA B 229 -16.56 -36.39 0.96
N TYR B 230 -16.55 -35.13 1.39
CA TYR B 230 -15.40 -34.60 2.11
C TYR B 230 -15.79 -34.23 3.53
N PRO B 231 -14.87 -34.37 4.50
CA PRO B 231 -15.15 -33.89 5.85
C PRO B 231 -14.80 -32.42 5.98
N ARG B 232 -15.61 -31.68 6.72
CA ARG B 232 -15.37 -30.25 6.90
C ARG B 232 -15.75 -29.82 8.30
N LEU B 233 -14.93 -28.96 8.88
CA LEU B 233 -15.21 -28.29 10.15
C LEU B 233 -15.32 -26.80 9.91
N SER B 234 -16.31 -26.16 10.52
CA SER B 234 -16.59 -24.76 10.31
C SER B 234 -16.61 -24.03 11.64
N LEU B 235 -16.00 -22.84 11.66
CA LEU B 235 -16.00 -21.96 12.82
C LEU B 235 -16.54 -20.61 12.37
N SER B 236 -17.49 -20.07 13.11
CA SER B 236 -18.21 -18.87 12.71
C SER B 236 -18.20 -17.85 13.85
N PHE B 237 -18.05 -16.58 13.50
CA PHE B 237 -18.14 -15.48 14.44
C PHE B 237 -19.23 -14.52 13.98
N ARG B 238 -20.06 -14.06 14.92
CA ARG B 238 -21.04 -13.03 14.64
C ARG B 238 -20.50 -11.71 15.18
N LEU B 239 -20.29 -10.75 14.28
CA LEU B 239 -19.67 -9.47 14.63
C LEU B 239 -20.73 -8.38 14.56
N LYS B 240 -20.86 -7.61 15.64
CA LYS B 240 -21.79 -6.49 15.70
C LYS B 240 -20.99 -5.20 15.71
N ARG B 241 -21.30 -4.29 14.79
CA ARG B 241 -20.52 -3.07 14.66
C ARG B 241 -20.86 -2.08 15.76
N ASN B 242 -19.88 -1.26 16.13
CA ASN B 242 -20.09 -0.18 17.08
C ASN B 242 -20.49 1.08 16.33
N ILE B 243 -21.63 1.67 16.71
CA ILE B 243 -22.19 2.78 15.95
C ILE B 243 -21.85 4.15 16.53
N GLY B 244 -21.23 4.19 17.71
CA GLY B 244 -20.94 5.48 18.33
C GLY B 244 -20.06 6.37 17.47
N TYR B 245 -19.14 5.78 16.72
CA TYR B 245 -18.24 6.56 15.88
C TYR B 245 -19.03 7.35 14.84
N PHE B 246 -20.02 6.69 14.22
CA PHE B 246 -20.75 7.30 13.12
C PHE B 246 -21.79 8.30 13.60
N ILE B 247 -22.35 8.10 14.79
CA ILE B 247 -23.28 9.08 15.34
C ILE B 247 -22.61 10.43 15.46
N LEU B 248 -21.36 10.44 15.91
CA LEU B 248 -20.66 11.69 16.15
C LEU B 248 -20.18 12.33 14.85
N GLN B 249 -19.82 11.51 13.87
CA GLN B 249 -19.15 12.03 12.67
C GLN B 249 -20.08 12.23 11.48
N THR B 250 -21.19 11.49 11.39
CA THR B 250 -22.03 11.57 10.20
C THR B 250 -23.45 12.02 10.50
N TYR B 251 -24.10 11.42 11.50
CA TYR B 251 -25.51 11.71 11.72
C TYR B 251 -25.71 13.07 12.35
N MET B 252 -24.98 13.37 13.43
CA MET B 252 -25.17 14.65 14.11
C MET B 252 -24.79 15.82 13.21
N PRO B 253 -23.64 15.77 12.52
CA PRO B 253 -23.33 16.86 11.58
C PRO B 253 -24.46 17.13 10.59
N SER B 254 -24.99 16.07 9.97
CA SER B 254 -26.09 16.25 9.03
C SER B 254 -27.32 16.83 9.73
N ILE B 255 -27.59 16.38 10.96
CA ILE B 255 -28.75 16.89 11.68
C ILE B 255 -28.59 18.37 11.97
N LEU B 256 -27.42 18.78 12.46
CA LEU B 256 -27.21 20.18 12.81
C LEU B 256 -27.22 21.07 11.57
N ILE B 257 -26.54 20.65 10.51
CA ILE B 257 -26.56 21.44 9.27
C ILE B 257 -27.97 21.53 8.73
N THR B 258 -28.76 20.46 8.85
CA THR B 258 -30.14 20.51 8.42
C THR B 258 -30.95 21.50 9.27
N ILE B 259 -30.68 21.53 10.57
CA ILE B 259 -31.40 22.46 11.44
C ILE B 259 -31.03 23.91 11.13
N LEU B 260 -29.75 24.16 10.81
CA LEU B 260 -29.36 25.50 10.41
C LEU B 260 -30.09 25.95 9.15
N SER B 261 -30.57 25.00 8.34
CA SER B 261 -31.33 25.38 7.15
C SER B 261 -32.67 25.98 7.52
N TRP B 262 -33.30 25.49 8.58
CA TRP B 262 -34.60 26.02 9.00
C TRP B 262 -34.49 27.42 9.56
N VAL B 263 -33.29 27.87 9.93
CA VAL B 263 -33.12 29.24 10.42
C VAL B 263 -33.56 30.24 9.35
N SER B 264 -33.54 29.82 8.08
CA SER B 264 -33.95 30.72 7.00
C SER B 264 -35.40 31.16 7.16
N PHE B 265 -36.27 30.24 7.59
CA PHE B 265 -37.69 30.58 7.70
C PHE B 265 -37.96 31.62 8.78
N TRP B 266 -37.02 31.80 9.72
CA TRP B 266 -37.20 32.76 10.80
C TRP B 266 -36.57 34.11 10.49
N ILE B 267 -35.68 34.18 9.51
CA ILE B 267 -35.16 35.46 9.04
C ILE B 267 -36.21 36.13 8.16
N ASN B 268 -36.37 37.44 8.33
CA ASN B 268 -37.39 38.16 7.59
C ASN B 268 -37.17 38.01 6.10
N TYR B 269 -38.26 37.78 5.37
CA TYR B 269 -38.16 37.53 3.93
C TYR B 269 -37.63 38.73 3.16
N ASP B 270 -37.75 39.94 3.71
CA ASP B 270 -37.21 41.11 3.03
C ASP B 270 -35.69 41.09 2.97
N ALA B 271 -35.05 40.36 3.88
CA ALA B 271 -33.58 40.24 3.89
C ALA B 271 -33.14 39.15 2.92
N SER B 272 -33.20 39.48 1.63
CA SER B 272 -32.89 38.50 0.60
C SER B 272 -31.45 38.01 0.71
N ALA B 273 -30.50 38.93 0.90
CA ALA B 273 -29.10 38.54 0.95
C ALA B 273 -28.80 37.63 2.15
N ALA B 274 -29.67 37.62 3.16
CA ALA B 274 -29.46 36.75 4.31
C ALA B 274 -30.11 35.40 4.12
N ARG B 275 -31.38 35.39 3.69
CA ARG B 275 -32.07 34.14 3.39
C ARG B 275 -31.27 33.31 2.39
N VAL B 276 -30.62 33.98 1.43
CA VAL B 276 -29.89 33.28 0.38
C VAL B 276 -28.59 32.69 0.93
N ALA B 277 -27.71 33.56 1.42
CA ALA B 277 -26.37 33.11 1.81
C ALA B 277 -26.46 31.96 2.80
N LEU B 278 -27.49 31.96 3.65
CA LEU B 278 -27.70 30.83 4.55
C LEU B 278 -28.04 29.57 3.78
N GLY B 279 -28.85 29.71 2.74
CA GLY B 279 -29.31 28.55 1.99
C GLY B 279 -28.25 27.91 1.13
N ILE B 280 -27.69 28.65 0.18
CA ILE B 280 -26.70 28.06 -0.72
C ILE B 280 -25.48 27.60 0.04
N THR B 281 -25.04 28.34 1.05
CA THR B 281 -23.89 27.90 1.83
C THR B 281 -24.19 26.61 2.56
N THR B 282 -25.42 26.42 3.03
CA THR B 282 -25.80 25.15 3.64
C THR B 282 -25.72 24.01 2.63
N VAL B 283 -26.13 24.29 1.39
CA VAL B 283 -25.99 23.28 0.33
C VAL B 283 -24.53 22.95 0.10
N LEU B 284 -23.67 23.97 0.06
CA LEU B 284 -22.23 23.72 -0.05
C LEU B 284 -21.70 23.02 1.19
N THR B 285 -22.19 23.40 2.37
CA THR B 285 -21.77 22.71 3.59
C THR B 285 -22.17 21.25 3.55
N MET B 286 -23.41 20.96 3.13
CA MET B 286 -23.85 19.57 3.03
C MET B 286 -23.08 18.83 1.96
N THR B 287 -22.77 19.48 0.84
CA THR B 287 -22.00 18.83 -0.22
C THR B 287 -20.60 18.47 0.26
N THR B 288 -19.96 19.36 1.02
CA THR B 288 -18.63 19.07 1.54
C THR B 288 -18.65 17.85 2.44
N ILE B 289 -19.66 17.77 3.32
CA ILE B 289 -19.76 16.63 4.23
C ILE B 289 -19.95 15.34 3.44
N ASN B 290 -20.87 15.36 2.47
CA ASN B 290 -21.17 14.14 1.72
C ASN B 290 -19.97 13.71 0.89
N THR B 291 -19.30 14.67 0.25
CA THR B 291 -18.19 14.34 -0.65
C THR B 291 -17.04 13.69 0.11
N HIS B 292 -16.63 14.29 1.23
CA HIS B 292 -15.43 13.83 1.92
C HIS B 292 -15.68 12.64 2.84
N LEU B 293 -16.90 12.48 3.36
CA LEU B 293 -17.20 11.30 4.15
C LEU B 293 -16.95 10.03 3.34
N ARG B 294 -17.46 9.98 2.12
CA ARG B 294 -17.33 8.80 1.28
C ARG B 294 -15.93 8.65 0.71
N GLU B 295 -15.07 9.65 0.86
CA GLU B 295 -13.66 9.51 0.55
C GLU B 295 -12.85 8.96 1.72
N THR B 296 -13.26 9.24 2.95
CA THR B 296 -12.58 8.73 4.13
C THR B 296 -13.05 7.33 4.47
N LEU B 297 -14.36 7.14 4.64
CA LEU B 297 -14.89 5.84 4.97
C LEU B 297 -14.72 4.91 3.77
N PRO B 298 -14.66 3.60 4.01
CA PRO B 298 -14.21 2.67 2.96
C PRO B 298 -15.10 2.75 1.71
N LYS B 299 -14.46 2.57 0.56
CA LYS B 299 -15.14 2.73 -0.73
C LYS B 299 -15.88 1.43 -1.05
N ILE B 300 -17.20 1.48 -0.96
CA ILE B 300 -18.07 0.32 -1.20
C ILE B 300 -19.12 0.73 -2.21
N PRO B 301 -18.86 0.62 -3.52
CA PRO B 301 -19.72 1.25 -4.53
C PRO B 301 -21.07 0.54 -4.71
N TYR B 302 -21.91 0.62 -3.68
CA TYR B 302 -23.33 0.38 -3.84
C TYR B 302 -24.06 1.02 -2.66
N VAL B 303 -25.38 1.18 -2.82
CA VAL B 303 -26.16 1.96 -1.87
C VAL B 303 -26.07 1.33 -0.49
N LYS B 304 -25.98 2.18 0.54
CA LYS B 304 -25.92 1.76 1.93
C LYS B 304 -26.86 2.62 2.76
N ALA B 305 -27.13 2.17 3.98
CA ALA B 305 -28.08 2.88 4.84
C ALA B 305 -27.64 4.30 5.12
N ILE B 306 -26.33 4.49 5.35
CA ILE B 306 -25.81 5.82 5.61
C ILE B 306 -26.01 6.72 4.40
N ASP B 307 -25.94 6.16 3.20
CA ASP B 307 -26.14 6.96 1.99
C ASP B 307 -27.58 7.42 1.86
N MET B 308 -28.54 6.55 2.24
CA MET B 308 -29.94 6.95 2.18
C MET B 308 -30.21 8.11 3.13
N TYR B 309 -29.55 8.11 4.29
CA TYR B 309 -29.73 9.21 5.23
C TYR B 309 -29.14 10.51 4.68
N LEU B 310 -27.90 10.45 4.18
CA LEU B 310 -27.24 11.67 3.72
C LEU B 310 -27.97 12.28 2.53
N MET B 311 -28.43 11.44 1.59
CA MET B 311 -29.23 11.98 0.49
C MET B 311 -30.59 12.47 0.98
N GLY B 312 -31.14 11.81 2.00
CA GLY B 312 -32.38 12.28 2.59
C GLY B 312 -32.24 13.67 3.18
N CYS B 313 -31.10 13.95 3.80
CA CYS B 313 -30.84 15.30 4.31
C CYS B 313 -30.61 16.29 3.18
N PHE B 314 -29.91 15.86 2.13
CA PHE B 314 -29.66 16.76 1.00
C PHE B 314 -30.96 17.24 0.39
N VAL B 315 -32.02 16.43 0.46
CA VAL B 315 -33.32 16.85 -0.04
C VAL B 315 -33.93 17.91 0.87
N PHE B 316 -33.77 17.75 2.18
CA PHE B 316 -34.32 18.74 3.11
C PHE B 316 -33.61 20.09 2.95
N VAL B 317 -32.29 20.07 2.80
CA VAL B 317 -31.57 21.31 2.50
C VAL B 317 -31.95 21.81 1.11
N PHE B 318 -32.16 20.90 0.17
CA PHE B 318 -32.65 21.27 -1.15
C PHE B 318 -34.00 21.97 -1.06
N LEU B 319 -34.94 21.39 -0.32
CA LEU B 319 -36.30 21.93 -0.30
C LEU B 319 -36.37 23.23 0.49
N ALA B 320 -35.51 23.38 1.51
CA ALA B 320 -35.54 24.58 2.33
C ALA B 320 -35.12 25.82 1.56
N LEU B 321 -34.42 25.66 0.43
CA LEU B 321 -34.02 26.78 -0.39
C LEU B 321 -34.97 27.04 -1.55
N LEU B 322 -35.56 25.98 -2.12
CA LEU B 322 -36.68 26.20 -3.03
C LEU B 322 -37.84 26.86 -2.31
N GLU B 323 -37.92 26.70 -0.99
CA GLU B 323 -38.97 27.34 -0.22
C GLU B 323 -38.86 28.86 -0.29
N TYR B 324 -37.64 29.38 -0.18
CA TYR B 324 -37.48 30.83 -0.31
C TYR B 324 -37.76 31.30 -1.72
N ALA B 325 -37.22 30.60 -2.72
CA ALA B 325 -37.44 31.01 -4.10
C ALA B 325 -38.93 31.11 -4.40
N PHE B 326 -39.73 30.22 -3.83
CA PHE B 326 -41.18 30.33 -3.96
C PHE B 326 -41.70 31.56 -3.24
N VAL B 327 -41.14 31.88 -2.07
CA VAL B 327 -41.58 33.05 -1.32
C VAL B 327 -41.16 34.33 -2.02
N ASN B 328 -39.92 34.39 -2.51
CA ASN B 328 -39.43 35.62 -3.13
C ASN B 328 -40.24 35.97 -4.37
N TYR B 329 -40.55 34.99 -5.21
CA TYR B 329 -41.38 35.25 -6.38
C TYR B 329 -42.77 35.75 -5.97
N ILE B 330 -43.36 35.12 -4.94
CA ILE B 330 -44.67 35.54 -4.48
C ILE B 330 -44.60 36.93 -3.85
N PHE B 331 -43.51 37.24 -3.16
CA PHE B 331 -43.36 38.54 -2.52
C PHE B 331 -43.31 39.65 -3.54
N PHE B 332 -42.48 39.50 -4.58
CA PHE B 332 -42.25 40.56 -5.54
C PHE B 332 -43.17 40.50 -6.74
N SER B 333 -43.33 39.33 -7.35
CA SER B 333 -44.04 39.22 -8.61
C SER B 333 -45.53 38.93 -8.46
N GLN B 334 -45.94 38.23 -7.42
CA GLN B 334 -47.34 37.84 -7.29
C GLN B 334 -47.74 37.66 -5.83
N GLU B 574 -53.33 42.15 -0.80
CA GLU B 574 -52.75 41.73 0.47
C GLU B 574 -51.90 40.47 0.29
N LEU B 575 -51.97 39.88 -0.90
CA LEU B 575 -51.26 38.63 -1.16
C LEU B 575 -49.75 38.80 -1.03
N TYR B 576 -49.24 39.99 -1.32
CA TYR B 576 -47.80 40.20 -1.33
C TYR B 576 -47.20 40.03 0.06
N LYS B 577 -47.87 40.59 1.08
CA LYS B 577 -47.44 40.40 2.46
C LYS B 577 -48.12 39.21 3.12
N GLY B 578 -49.35 38.90 2.72
CA GLY B 578 -50.07 37.80 3.35
C GLY B 578 -49.50 36.44 2.98
N ARG B 579 -49.42 36.15 1.67
CA ARG B 579 -48.94 34.84 1.25
C ARG B 579 -47.48 34.64 1.62
N ALA B 580 -46.65 35.67 1.46
CA ALA B 580 -45.23 35.54 1.75
C ALA B 580 -45.00 35.18 3.21
N ALA B 581 -45.72 35.85 4.11
CA ALA B 581 -45.59 35.52 5.53
C ALA B 581 -46.31 34.22 5.88
N ALA B 582 -47.38 33.89 5.15
CA ALA B 582 -48.10 32.65 5.42
C ALA B 582 -47.25 31.43 5.08
N ILE B 583 -46.51 31.48 3.97
CA ILE B 583 -45.68 30.34 3.58
C ILE B 583 -44.59 30.10 4.62
N ASP B 584 -43.97 31.19 5.11
CA ASP B 584 -42.99 31.05 6.18
C ASP B 584 -43.64 30.42 7.41
N ARG B 585 -44.84 30.88 7.75
CA ARG B 585 -45.50 30.40 8.96
C ARG B 585 -45.76 28.91 8.87
N TRP B 586 -46.13 28.40 7.69
CA TRP B 586 -46.30 26.96 7.51
C TRP B 586 -44.95 26.26 7.50
N SER B 587 -43.98 26.81 6.79
CA SER B 587 -42.67 26.16 6.67
C SER B 587 -42.02 25.99 8.03
N ARG B 588 -42.33 26.86 8.99
CA ARG B 588 -41.70 26.77 10.30
C ARG B 588 -42.11 25.52 11.06
N ILE B 589 -43.23 24.89 10.69
CA ILE B 589 -43.72 23.68 11.34
C ILE B 589 -43.68 22.48 10.41
N VAL B 590 -43.96 22.68 9.13
CA VAL B 590 -43.96 21.57 8.18
C VAL B 590 -42.56 20.97 8.05
N PHE B 591 -41.54 21.82 7.91
CA PHE B 591 -40.18 21.28 7.76
C PHE B 591 -39.70 20.55 9.00
N PRO B 592 -39.77 21.13 10.21
CA PRO B 592 -39.35 20.35 11.38
C PRO B 592 -40.13 19.07 11.58
N PHE B 593 -41.43 19.08 11.31
CA PHE B 593 -42.24 17.88 11.50
C PHE B 593 -41.85 16.79 10.51
N THR B 594 -41.64 17.16 9.24
CA THR B 594 -41.29 16.17 8.23
C THR B 594 -39.91 15.59 8.50
N PHE B 595 -39.00 16.37 9.08
CA PHE B 595 -37.68 15.84 9.42
C PHE B 595 -37.76 14.91 10.63
N SER B 596 -38.64 15.21 11.59
CA SER B 596 -38.85 14.30 12.70
C SER B 596 -39.45 12.99 12.21
N LEU B 597 -40.42 13.06 11.30
CA LEU B 597 -40.99 11.84 10.74
C LEU B 597 -39.95 11.04 9.98
N PHE B 598 -39.12 11.72 9.19
CA PHE B 598 -38.10 11.03 8.42
C PHE B 598 -37.13 10.27 9.33
N ASN B 599 -36.68 10.91 10.41
CA ASN B 599 -35.79 10.22 11.33
C ASN B 599 -36.47 9.04 12.00
N LEU B 600 -37.74 9.22 12.39
CA LEU B 600 -38.46 8.13 13.04
C LEU B 600 -38.58 6.94 12.12
N VAL B 601 -38.89 7.17 10.84
CA VAL B 601 -38.99 6.07 9.88
C VAL B 601 -37.62 5.46 9.64
N TYR B 602 -36.58 6.28 9.54
CA TYR B 602 -35.24 5.76 9.27
C TYR B 602 -34.77 4.85 10.40
N TRP B 603 -34.83 5.34 11.64
CA TRP B 603 -34.27 4.56 12.75
C TRP B 603 -35.09 3.30 13.01
N LEU B 604 -36.41 3.41 13.07
CA LEU B 604 -37.23 2.22 13.29
C LEU B 604 -37.21 1.27 12.11
N TYR B 605 -36.68 1.70 10.96
CA TYR B 605 -36.50 0.80 9.84
C TYR B 605 -35.21 0.01 9.98
N TYR B 606 -34.08 0.72 10.09
CA TYR B 606 -32.78 0.06 10.07
C TYR B 606 -32.39 -0.56 11.41
N VAL B 607 -32.98 -0.10 12.51
CA VAL B 607 -32.61 -0.58 13.83
C VAL B 607 -33.63 -1.57 14.38
N ASN B 608 -34.92 -1.27 14.22
CA ASN B 608 -35.99 -2.13 14.73
C ASN B 608 -36.75 -2.85 13.63
N SER B 609 -36.22 -2.91 12.42
CA SER B 609 -36.88 -3.64 11.35
C SER B 609 -35.91 -3.97 10.22
N PRO C 31 51.73 -26.45 14.87
CA PRO C 31 50.93 -27.45 15.57
C PRO C 31 49.53 -26.97 15.91
N GLY C 32 49.44 -25.81 16.56
CA GLY C 32 48.16 -25.22 16.90
C GLY C 32 47.53 -24.48 15.73
N ASN C 33 47.42 -25.15 14.59
CA ASN C 33 46.89 -24.56 13.38
C ASN C 33 45.47 -25.07 13.12
N MET C 34 44.91 -24.66 11.97
CA MET C 34 43.51 -24.94 11.70
C MET C 34 43.25 -26.40 11.37
N SER C 35 44.30 -27.19 11.11
CA SER C 35 44.10 -28.63 10.95
C SER C 35 43.61 -29.26 12.25
N PHE C 36 44.18 -28.84 13.38
CA PHE C 36 43.71 -29.34 14.67
C PHE C 36 42.28 -28.93 14.95
N VAL C 37 41.93 -27.69 14.58
CA VAL C 37 40.56 -27.20 14.82
C VAL C 37 39.57 -27.95 13.95
N LYS C 38 39.94 -28.27 12.71
CA LYS C 38 39.02 -28.95 11.80
C LYS C 38 38.52 -30.25 12.42
N GLU C 39 39.44 -31.08 12.90
CA GLU C 39 39.03 -32.35 13.49
C GLU C 39 38.34 -32.16 14.83
N THR C 40 38.69 -31.09 15.56
CA THR C 40 38.03 -30.83 16.84
C THR C 40 36.56 -30.54 16.66
N VAL C 41 36.22 -29.64 15.73
CA VAL C 41 34.82 -29.31 15.50
C VAL C 41 34.07 -30.52 14.96
N ASP C 42 34.71 -31.31 14.10
CA ASP C 42 34.03 -32.48 13.55
C ASP C 42 33.71 -33.50 14.63
N LYS C 43 34.62 -33.72 15.57
CA LYS C 43 34.36 -34.69 16.63
C LYS C 43 33.39 -34.17 17.66
N LEU C 44 33.02 -32.88 17.60
CA LEU C 44 31.87 -32.40 18.36
C LEU C 44 30.57 -32.74 17.64
N LEU C 45 30.54 -32.54 16.32
CA LEU C 45 29.32 -32.76 15.55
C LEU C 45 29.06 -34.22 15.25
N LYS C 46 30.08 -35.07 15.29
CA LYS C 46 29.87 -36.51 15.08
C LYS C 46 29.14 -37.09 16.29
N GLY C 47 28.02 -37.74 16.03
CA GLY C 47 27.19 -38.25 17.10
C GLY C 47 26.28 -37.23 17.73
N TYR C 48 26.39 -35.97 17.35
CA TYR C 48 25.52 -34.93 17.88
C TYR C 48 24.12 -35.09 17.28
N ASP C 49 23.10 -34.94 18.13
CA ASP C 49 21.71 -35.12 17.73
C ASP C 49 20.97 -33.82 18.01
N ILE C 50 20.37 -33.23 16.97
CA ILE C 50 19.64 -31.99 17.14
C ILE C 50 18.27 -32.21 17.74
N ARG C 51 17.74 -33.44 17.69
CA ARG C 51 16.40 -33.71 18.17
C ARG C 51 16.30 -33.72 19.69
N LEU C 52 17.43 -33.82 20.39
CA LEU C 52 17.45 -33.90 21.85
C LEU C 52 18.06 -32.63 22.41
N ARG C 53 17.37 -32.01 23.35
CA ARG C 53 17.89 -30.83 24.02
C ARG C 53 19.07 -31.21 24.92
N PRO C 54 19.87 -30.23 25.33
CA PRO C 54 20.95 -30.53 26.27
C PRO C 54 20.46 -31.35 27.45
N ASP C 55 21.32 -32.24 27.94
CA ASP C 55 21.02 -33.17 29.03
C ASP C 55 19.55 -33.59 28.99
N PHE C 56 19.12 -34.15 27.87
CA PHE C 56 17.75 -34.64 27.74
C PHE C 56 17.44 -35.62 28.86
N GLY C 57 16.28 -35.42 29.49
CA GLY C 57 15.92 -36.19 30.65
C GLY C 57 16.45 -35.64 31.96
N GLY C 58 17.38 -34.70 31.91
CA GLY C 58 17.91 -34.08 33.11
C GLY C 58 17.17 -32.81 33.46
N PRO C 59 17.79 -31.96 34.29
CA PRO C 59 17.13 -30.72 34.69
C PRO C 59 17.00 -29.76 33.53
N PRO C 60 16.23 -28.67 33.69
CA PRO C 60 15.95 -27.80 32.54
C PRO C 60 17.19 -27.09 32.03
N VAL C 61 17.08 -26.57 30.82
CA VAL C 61 18.14 -25.76 30.21
C VAL C 61 17.91 -24.31 30.61
N CYS C 62 18.95 -23.67 31.16
CA CYS C 62 18.85 -22.28 31.60
C CYS C 62 19.31 -21.38 30.46
N VAL C 63 18.38 -20.96 29.63
CA VAL C 63 18.69 -20.14 28.46
C VAL C 63 18.62 -18.68 28.88
N GLY C 64 19.79 -18.04 28.97
CA GLY C 64 19.84 -16.62 29.26
C GLY C 64 19.70 -15.82 27.99
N MET C 65 18.99 -14.70 28.07
CA MET C 65 18.68 -13.89 26.90
C MET C 65 19.10 -12.45 27.11
N ASN C 66 19.38 -11.78 26.00
CA ASN C 66 19.88 -10.42 26.01
C ASN C 66 19.43 -9.77 24.70
N ILE C 67 19.12 -8.47 24.75
CA ILE C 67 18.60 -7.76 23.60
C ILE C 67 19.28 -6.41 23.48
N ASP C 68 19.54 -5.99 22.25
CA ASP C 68 20.11 -4.69 21.95
C ASP C 68 19.21 -4.04 20.91
N ILE C 69 18.37 -3.10 21.35
CA ILE C 69 17.34 -2.53 20.49
C ILE C 69 18.02 -1.63 19.47
N ALA C 70 17.80 -1.93 18.18
CA ALA C 70 18.37 -1.10 17.13
C ALA C 70 17.50 0.12 16.86
N SER C 71 16.19 -0.08 16.73
CA SER C 71 15.28 1.03 16.50
C SER C 71 13.85 0.54 16.60
N ILE C 72 12.93 1.50 16.72
CA ILE C 72 11.50 1.25 16.61
C ILE C 72 11.05 1.90 15.31
N ASP C 73 10.98 1.11 14.25
CA ASP C 73 10.78 1.66 12.92
C ASP C 73 9.45 2.37 12.78
N MET C 74 8.40 1.88 13.44
CA MET C 74 7.06 2.42 13.22
C MET C 74 6.19 2.14 14.43
N VAL C 75 5.27 3.08 14.69
CA VAL C 75 4.16 2.88 15.61
C VAL C 75 2.91 3.41 14.93
N SER C 76 1.92 2.55 14.75
CA SER C 76 0.73 2.91 13.98
C SER C 76 -0.52 2.56 14.77
N GLU C 77 -1.42 3.54 14.91
CA GLU C 77 -2.68 3.29 15.59
C GLU C 77 -3.66 2.54 14.70
N VAL C 78 -3.64 2.82 13.39
CA VAL C 78 -4.61 2.20 12.50
C VAL C 78 -4.47 0.68 12.51
N ASN C 79 -3.24 0.18 12.67
CA ASN C 79 -2.99 -1.25 12.77
C ASN C 79 -2.80 -1.72 14.21
N MET C 80 -2.70 -0.79 15.16
CA MET C 80 -2.46 -1.15 16.56
C MET C 80 -1.25 -2.07 16.69
N ASP C 81 -0.15 -1.65 16.07
CA ASP C 81 1.09 -2.41 16.10
C ASP C 81 2.27 -1.46 16.02
N TYR C 82 3.45 -1.99 16.35
CA TYR C 82 4.70 -1.26 16.23
C TYR C 82 5.77 -2.19 15.69
N THR C 83 6.70 -1.64 14.91
CA THR C 83 7.76 -2.40 14.28
C THR C 83 9.06 -2.19 15.03
N LEU C 84 9.73 -3.28 15.35
CA LEU C 84 10.91 -3.27 16.21
C LEU C 84 12.02 -4.05 15.55
N THR C 85 13.24 -3.50 15.57
CA THR C 85 14.43 -4.17 15.06
C THR C 85 15.41 -4.31 16.21
N MET C 86 16.02 -5.49 16.34
CA MET C 86 16.81 -5.78 17.53
C MET C 86 17.86 -6.83 17.22
N TYR C 87 18.89 -6.87 18.06
CA TYR C 87 19.84 -7.97 18.10
C TYR C 87 19.46 -8.86 19.27
N PHE C 88 19.11 -10.10 18.98
CA PHE C 88 18.54 -11.01 19.97
C PHE C 88 19.54 -12.14 20.24
N GLN C 89 20.08 -12.16 21.46
CA GLN C 89 21.09 -13.13 21.86
C GLN C 89 20.49 -14.14 22.83
N GLN C 90 20.97 -15.38 22.75
CA GLN C 90 20.56 -16.45 23.64
C GLN C 90 21.79 -17.24 24.07
N TYR C 91 21.99 -17.38 25.38
CA TYR C 91 23.12 -18.11 25.93
C TYR C 91 22.60 -19.37 26.61
N TRP C 92 23.25 -20.51 26.31
CA TRP C 92 22.96 -21.73 27.04
C TRP C 92 24.22 -22.59 27.03
N ARG C 93 24.26 -23.55 27.94
CA ARG C 93 25.40 -24.46 28.08
C ARG C 93 24.98 -25.83 27.57
N ASP C 94 25.72 -26.35 26.59
CA ASP C 94 25.49 -27.68 26.03
C ASP C 94 26.81 -28.43 26.16
N LYS C 95 26.88 -29.34 27.13
CA LYS C 95 28.13 -30.04 27.40
C LYS C 95 28.59 -30.88 26.22
N ARG C 96 27.68 -31.26 25.33
CA ARG C 96 28.08 -32.02 24.14
C ARG C 96 29.04 -31.24 23.27
N LEU C 97 29.11 -29.92 23.41
CA LEU C 97 29.98 -29.08 22.61
C LEU C 97 31.22 -28.62 23.38
N ALA C 98 31.52 -29.25 24.52
CA ALA C 98 32.72 -28.89 25.27
C ALA C 98 33.96 -29.33 24.51
N TYR C 99 35.02 -28.53 24.61
CA TYR C 99 36.28 -28.85 23.97
C TYR C 99 37.42 -28.28 24.80
N SER C 100 38.61 -28.85 24.61
CA SER C 100 39.78 -28.44 25.36
C SER C 100 40.99 -28.40 24.43
N GLY C 101 41.99 -27.61 24.84
CA GLY C 101 43.20 -27.43 24.07
C GLY C 101 43.18 -26.23 23.14
N ILE C 102 42.03 -25.59 22.96
CA ILE C 102 41.90 -24.42 22.09
C ILE C 102 41.55 -23.23 22.98
N PRO C 103 42.50 -22.33 23.27
CA PRO C 103 42.20 -21.21 24.18
C PRO C 103 41.12 -20.27 23.66
N LEU C 104 40.84 -20.26 22.36
CA LEU C 104 40.00 -19.24 21.77
C LEU C 104 38.52 -19.53 21.97
N ASN C 105 37.73 -18.45 22.11
CA ASN C 105 36.28 -18.53 22.06
C ASN C 105 35.88 -18.63 20.58
N LEU C 106 35.84 -19.86 20.09
CA LEU C 106 35.64 -20.10 18.65
C LEU C 106 34.39 -19.41 18.14
N THR C 107 34.53 -18.71 17.02
CA THR C 107 33.40 -18.15 16.30
C THR C 107 33.32 -18.88 14.97
N LEU C 108 32.16 -19.48 14.70
CA LEU C 108 31.99 -20.36 13.55
C LEU C 108 31.06 -19.72 12.53
N ASP C 109 31.19 -20.17 11.28
CA ASP C 109 30.33 -19.68 10.22
C ASP C 109 28.88 -19.91 10.61
N ASN C 110 28.04 -18.92 10.33
CA ASN C 110 26.68 -18.93 10.86
C ASN C 110 25.88 -20.14 10.39
N ARG C 111 26.27 -20.79 9.29
CA ARG C 111 25.50 -21.93 8.83
C ARG C 111 25.65 -23.14 9.73
N VAL C 112 26.56 -23.09 10.72
CA VAL C 112 26.62 -24.14 11.71
C VAL C 112 25.35 -24.18 12.55
N ALA C 113 24.57 -23.10 12.54
CA ALA C 113 23.32 -23.08 13.28
C ALA C 113 22.36 -24.17 12.82
N ASP C 114 22.42 -24.56 11.55
CA ASP C 114 21.57 -25.61 11.04
C ASP C 114 21.97 -26.99 11.56
N GLN C 115 23.11 -27.11 12.24
CA GLN C 115 23.62 -28.39 12.71
C GLN C 115 23.59 -28.54 14.22
N LEU C 116 23.36 -27.47 14.96
CA LEU C 116 23.31 -27.50 16.41
C LEU C 116 21.87 -27.44 16.90
N TRP C 117 21.69 -27.79 18.17
CA TRP C 117 20.40 -27.59 18.82
C TRP C 117 20.29 -26.14 19.30
N VAL C 118 19.18 -25.50 18.98
CA VAL C 118 18.93 -24.13 19.43
C VAL C 118 17.51 -24.08 19.99
N PRO C 119 17.25 -23.25 21.01
CA PRO C 119 15.92 -23.22 21.60
C PRO C 119 14.88 -22.68 20.63
N ASP C 120 13.63 -23.04 20.87
CA ASP C 120 12.52 -22.70 19.97
C ASP C 120 11.80 -21.43 20.41
N THR C 121 12.52 -20.49 21.01
CA THR C 121 11.92 -19.25 21.46
C THR C 121 11.13 -18.58 20.34
N TYR C 122 10.01 -17.97 20.71
CA TYR C 122 9.20 -17.23 19.76
C TYR C 122 8.49 -16.10 20.50
N PHE C 123 8.05 -15.10 19.75
CA PHE C 123 7.36 -13.95 20.30
C PHE C 123 5.86 -14.15 20.19
N LEU C 124 5.16 -14.02 21.33
CA LEU C 124 3.73 -14.29 21.35
C LEU C 124 2.95 -13.33 20.47
N ASN C 125 3.24 -12.03 20.58
CA ASN C 125 2.38 -11.01 20.00
C ASN C 125 2.90 -10.45 18.68
N ASP C 126 3.90 -11.09 18.08
CA ASP C 126 4.38 -10.64 16.79
C ASP C 126 3.35 -10.91 15.70
N LYS C 127 3.22 -9.97 14.78
CA LYS C 127 2.33 -10.12 13.64
C LYS C 127 3.07 -10.64 12.41
N LYS C 128 4.30 -10.22 12.23
CA LYS C 128 5.14 -10.67 11.12
C LYS C 128 6.58 -10.31 11.45
N SER C 129 7.48 -11.28 11.29
CA SER C 129 8.87 -11.09 11.66
C SER C 129 9.75 -11.81 10.64
N PHE C 130 11.00 -11.37 10.55
CA PHE C 130 11.95 -11.99 9.65
C PHE C 130 13.36 -11.72 10.14
N VAL C 131 14.25 -12.66 9.87
CA VAL C 131 15.67 -12.51 10.18
C VAL C 131 16.36 -11.94 8.95
N HIS C 132 17.17 -10.91 9.15
CA HIS C 132 17.78 -10.20 8.04
C HIS C 132 18.71 -11.14 7.27
N GLY C 133 18.78 -10.93 5.96
CA GLY C 133 19.44 -11.90 5.09
C GLY C 133 20.48 -11.35 4.15
N VAL C 134 20.75 -10.04 4.21
CA VAL C 134 21.64 -9.43 3.23
C VAL C 134 23.04 -10.02 3.34
N THR C 135 23.71 -10.15 2.19
CA THR C 135 25.03 -10.78 2.12
C THR C 135 24.95 -12.23 2.58
N VAL C 136 24.66 -12.44 3.86
CA VAL C 136 24.43 -13.77 4.39
C VAL C 136 23.61 -13.62 5.66
N LYS C 137 22.77 -14.62 5.95
CA LYS C 137 21.80 -14.48 7.01
C LYS C 137 22.46 -14.01 8.30
N ASN C 138 21.84 -13.00 8.92
CA ASN C 138 22.40 -12.34 10.09
C ASN C 138 22.20 -13.23 11.31
N ARG C 139 23.06 -14.25 11.41
CA ARG C 139 23.10 -15.15 12.55
C ARG C 139 24.53 -15.20 13.08
N MET C 140 24.67 -15.80 14.25
CA MET C 140 25.94 -15.88 14.95
C MET C 140 25.94 -17.10 15.85
N ILE C 141 27.09 -17.76 15.93
CA ILE C 141 27.32 -18.79 16.93
C ILE C 141 28.77 -18.71 17.37
N ARG C 142 28.98 -18.66 18.69
CA ARG C 142 30.30 -18.64 19.28
C ARG C 142 30.34 -19.66 20.39
N LEU C 143 31.25 -20.63 20.28
CA LEU C 143 31.37 -21.72 21.23
C LEU C 143 32.50 -21.41 22.20
N HIS C 144 32.25 -21.58 23.47
CA HIS C 144 33.26 -21.39 24.48
C HIS C 144 33.75 -22.74 25.01
N PRO C 145 34.97 -22.80 25.56
CA PRO C 145 35.54 -24.11 25.91
C PRO C 145 34.67 -24.95 26.82
N ASP C 146 33.99 -24.33 27.79
CA ASP C 146 33.19 -25.05 28.76
C ASP C 146 31.84 -25.50 28.22
N GLY C 147 31.56 -25.29 26.93
CA GLY C 147 30.33 -25.73 26.32
C GLY C 147 29.28 -24.65 26.16
N THR C 148 29.53 -23.44 26.64
CA THR C 148 28.56 -22.36 26.50
C THR C 148 28.41 -21.98 25.04
N VAL C 149 27.17 -21.79 24.59
CA VAL C 149 26.87 -21.41 23.21
C VAL C 149 26.21 -20.05 23.22
N LEU C 150 26.77 -19.11 22.47
CA LEU C 150 26.19 -17.80 22.27
C LEU C 150 25.60 -17.73 20.87
N TYR C 151 24.28 -17.78 20.78
CA TYR C 151 23.57 -17.80 19.51
C TYR C 151 22.72 -16.54 19.40
N GLY C 152 23.03 -15.71 18.43
CA GLY C 152 22.33 -14.45 18.27
C GLY C 152 21.98 -14.21 16.82
N LEU C 153 20.98 -13.37 16.60
CA LEU C 153 20.51 -13.07 15.25
C LEU C 153 19.74 -11.77 15.27
N ARG C 154 19.77 -11.07 14.13
CA ARG C 154 19.17 -9.76 14.00
C ARG C 154 17.78 -9.90 13.38
N ILE C 155 16.77 -9.41 14.11
CA ILE C 155 15.37 -9.68 13.80
C ILE C 155 14.63 -8.36 13.68
N THR C 156 13.74 -8.27 12.70
CA THR C 156 12.77 -7.19 12.61
C THR C 156 11.38 -7.79 12.79
N THR C 157 10.64 -7.28 13.77
CA THR C 157 9.35 -7.87 14.15
C THR C 157 8.31 -6.78 14.31
N THR C 158 7.14 -7.00 13.72
CA THR C 158 5.97 -6.15 13.93
C THR C 158 5.13 -6.79 15.02
N ALA C 159 4.94 -6.08 16.13
CA ALA C 159 4.31 -6.63 17.32
C ALA C 159 2.98 -5.94 17.57
N ALA C 160 1.99 -6.72 18.00
CA ALA C 160 0.67 -6.18 18.29
C ALA C 160 0.67 -5.48 19.64
N CYS C 161 0.08 -4.28 19.68
CA CYS C 161 -0.04 -3.51 20.91
C CYS C 161 -1.40 -2.83 20.89
N MET C 162 -2.35 -3.35 21.67
CA MET C 162 -3.66 -2.72 21.78
C MET C 162 -3.52 -1.36 22.46
N MET C 163 -4.11 -0.34 21.85
CA MET C 163 -3.90 1.04 22.26
C MET C 163 -5.22 1.65 22.74
N ASP C 164 -5.17 2.37 23.86
CA ASP C 164 -6.33 3.08 24.40
C ASP C 164 -6.29 4.50 23.86
N LEU C 165 -6.97 4.73 22.74
CA LEU C 165 -6.96 6.01 22.06
C LEU C 165 -8.06 6.96 22.54
N ARG C 166 -8.74 6.64 23.64
CA ARG C 166 -9.78 7.53 24.15
C ARG C 166 -9.22 8.91 24.46
N ARG C 167 -7.95 9.00 24.82
CA ARG C 167 -7.28 10.26 25.13
C ARG C 167 -6.35 10.71 24.02
N TYR C 168 -6.69 10.45 22.76
CA TYR C 168 -5.72 10.37 21.66
C TYR C 168 -4.59 11.38 21.75
N PRO C 169 -4.82 12.69 21.68
CA PRO C 169 -3.66 13.61 21.76
C PRO C 169 -2.92 13.54 23.08
N LEU C 170 -3.62 13.19 24.17
CA LEU C 170 -3.05 13.20 25.51
C LEU C 170 -2.92 11.80 26.07
N ASP C 171 -2.62 10.81 25.22
CA ASP C 171 -2.66 9.41 25.62
C ASP C 171 -1.28 8.92 26.03
N GLU C 172 -1.26 7.74 26.64
CA GLU C 172 -0.04 7.06 27.07
C GLU C 172 -0.24 5.57 26.83
N GLN C 173 0.82 4.90 26.40
CA GLN C 173 0.73 3.50 25.98
C GLN C 173 1.80 2.67 26.66
N ASN C 174 1.48 1.40 26.88
CA ASN C 174 2.41 0.40 27.42
C ASN C 174 2.48 -0.75 26.44
N CYS C 175 3.35 -0.62 25.44
CA CYS C 175 3.54 -1.68 24.46
C CYS C 175 4.66 -2.61 24.91
N THR C 176 4.44 -3.91 24.76
CA THR C 176 5.34 -4.92 25.30
C THR C 176 5.71 -5.94 24.23
N LEU C 177 6.86 -6.57 24.42
CA LEU C 177 7.31 -7.69 23.61
C LEU C 177 7.37 -8.93 24.49
N GLU C 178 6.60 -9.95 24.13
CA GLU C 178 6.47 -11.15 24.94
C GLU C 178 7.29 -12.26 24.28
N ILE C 179 8.12 -12.93 25.07
CA ILE C 179 9.01 -13.98 24.59
C ILE C 179 8.66 -15.25 25.33
N GLU C 180 8.43 -16.33 24.59
CA GLU C 180 7.98 -17.58 25.19
C GLU C 180 8.57 -18.76 24.42
N SER C 181 8.64 -19.90 25.11
CA SER C 181 9.03 -21.14 24.48
C SER C 181 7.82 -21.81 23.86
N TYR C 182 7.97 -22.37 22.65
CA TYR C 182 6.82 -22.91 21.96
C TYR C 182 6.47 -24.31 22.45
N GLY C 183 7.42 -25.23 22.36
CA GLY C 183 7.13 -26.63 22.64
C GLY C 183 7.44 -27.09 24.05
N TYR C 184 8.47 -26.51 24.67
CA TYR C 184 9.00 -27.04 25.93
C TYR C 184 8.43 -26.26 27.11
N THR C 185 7.95 -27.02 28.10
CA THR C 185 7.49 -26.45 29.35
C THR C 185 8.68 -26.15 30.26
N THR C 186 8.38 -25.61 31.45
CA THR C 186 9.42 -25.32 32.41
C THR C 186 10.12 -26.57 32.93
N ASP C 187 9.56 -27.76 32.69
CA ASP C 187 10.25 -28.99 33.01
C ASP C 187 11.46 -29.21 32.11
N ASP C 188 11.57 -28.46 31.03
CA ASP C 188 12.63 -28.65 30.04
C ASP C 188 13.49 -27.40 29.83
N ILE C 189 12.89 -26.22 29.79
CA ILE C 189 13.60 -24.98 29.47
C ILE C 189 13.21 -23.92 30.48
N GLU C 190 14.20 -23.16 30.94
CA GLU C 190 13.98 -22.03 31.85
C GLU C 190 14.64 -20.80 31.27
N PHE C 191 13.85 -19.75 31.07
CA PHE C 191 14.37 -18.47 30.57
C PHE C 191 14.79 -17.60 31.74
N TYR C 192 15.74 -16.71 31.48
CA TYR C 192 16.07 -15.64 32.41
C TYR C 192 16.78 -14.54 31.66
N TRP C 193 16.57 -13.30 32.09
CA TRP C 193 17.27 -12.16 31.51
C TRP C 193 18.73 -12.22 31.95
N ARG C 194 19.64 -12.24 30.98
CA ARG C 194 21.07 -12.27 31.28
C ARG C 194 21.52 -10.85 31.58
N GLY C 195 21.94 -10.61 32.83
CA GLY C 195 22.30 -9.29 33.27
C GLY C 195 21.23 -8.55 34.04
N GLY C 196 20.13 -9.22 34.38
CA GLY C 196 19.08 -8.54 35.15
C GLY C 196 18.54 -7.35 34.40
N ASP C 197 18.42 -6.22 35.10
CA ASP C 197 17.86 -5.02 34.49
C ASP C 197 18.74 -4.47 33.39
N LYS C 198 19.98 -4.92 33.29
CA LYS C 198 20.91 -4.47 32.27
C LYS C 198 20.84 -5.31 31.00
N ALA C 199 19.93 -6.29 30.95
CA ALA C 199 19.88 -7.22 29.83
C ALA C 199 19.43 -6.58 28.53
N VAL C 200 18.75 -5.44 28.58
CA VAL C 200 18.25 -4.77 27.38
C VAL C 200 18.90 -3.39 27.32
N THR C 201 19.45 -3.06 26.15
CA THR C 201 20.13 -1.79 25.95
C THR C 201 19.65 -1.17 24.65
N GLY C 202 20.04 0.09 24.44
CA GLY C 202 19.74 0.80 23.21
C GLY C 202 18.47 1.62 23.24
N VAL C 203 17.68 1.54 24.32
CA VAL C 203 16.40 2.23 24.34
C VAL C 203 16.59 3.75 24.45
N GLU C 204 17.66 4.19 25.11
CA GLU C 204 17.88 5.62 25.28
C GLU C 204 18.22 6.33 23.98
N ARG C 205 18.56 5.59 22.94
CA ARG C 205 18.97 6.18 21.67
C ARG C 205 17.86 6.13 20.61
N ILE C 206 16.64 5.79 20.99
CA ILE C 206 15.54 5.74 20.04
C ILE C 206 14.95 7.13 19.86
N GLU C 207 14.51 7.44 18.65
CA GLU C 207 13.93 8.74 18.30
C GLU C 207 12.61 8.50 17.56
N LEU C 208 11.53 8.35 18.30
CA LEU C 208 10.21 8.23 17.69
C LEU C 208 9.71 9.61 17.30
N PRO C 209 8.95 9.72 16.20
CA PRO C 209 8.48 11.05 15.77
C PRO C 209 7.40 11.62 16.67
N GLN C 210 6.49 10.80 17.18
CA GLN C 210 5.34 11.29 17.94
C GLN C 210 5.34 10.81 19.39
N PHE C 211 6.36 10.07 19.83
CA PHE C 211 6.39 9.48 21.15
C PHE C 211 7.74 9.72 21.79
N SER C 212 7.81 9.42 23.09
CA SER C 212 9.05 9.43 23.85
C SER C 212 9.00 8.31 24.89
N ILE C 213 10.09 7.57 25.00
CA ILE C 213 10.15 6.44 25.92
C ILE C 213 10.25 6.98 27.34
N VAL C 214 9.20 6.77 28.14
CA VAL C 214 9.24 7.19 29.54
C VAL C 214 10.08 6.23 30.36
N GLU C 215 9.86 4.93 30.18
CA GLU C 215 10.61 3.92 30.92
C GLU C 215 10.35 2.56 30.29
N HIS C 216 11.17 1.59 30.67
CA HIS C 216 10.98 0.20 30.27
C HIS C 216 11.27 -0.71 31.46
N ARG C 217 10.55 -1.82 31.53
CA ARG C 217 10.70 -2.78 32.61
C ARG C 217 10.81 -4.19 32.04
N LEU C 218 11.65 -5.00 32.66
CA LEU C 218 11.89 -6.38 32.26
C LEU C 218 11.22 -7.31 33.26
N VAL C 219 10.46 -8.28 32.75
CA VAL C 219 9.69 -9.20 33.58
C VAL C 219 10.08 -10.63 33.22
N SER C 220 10.25 -11.46 34.23
CA SER C 220 10.46 -12.89 34.06
C SER C 220 9.46 -13.65 34.92
N ARG C 221 8.79 -14.62 34.34
CA ARG C 221 7.68 -15.29 35.01
C ARG C 221 7.47 -16.67 34.41
N ASN C 222 6.72 -17.49 35.13
CA ASN C 222 6.29 -18.80 34.64
C ASN C 222 4.78 -18.78 34.44
N VAL C 223 4.34 -18.80 33.18
CA VAL C 223 2.92 -18.95 32.89
C VAL C 223 2.52 -20.38 33.21
N VAL C 224 1.42 -20.55 33.94
CA VAL C 224 0.97 -21.86 34.38
C VAL C 224 -0.50 -22.02 34.04
N PHE C 225 -0.84 -23.11 33.38
CA PHE C 225 -2.23 -23.54 33.21
C PHE C 225 -2.23 -25.04 33.03
N ALA C 226 -3.24 -25.70 33.61
CA ALA C 226 -3.26 -27.15 33.66
C ALA C 226 -1.94 -27.65 34.25
N THR C 227 -1.39 -28.73 33.71
CA THR C 227 -0.14 -29.28 34.23
C THR C 227 1.09 -28.61 33.63
N GLY C 228 0.92 -27.79 32.59
CA GLY C 228 2.06 -27.26 31.87
C GLY C 228 2.45 -25.84 32.22
N ALA C 229 3.53 -25.69 32.97
CA ALA C 229 4.09 -24.38 33.27
C ALA C 229 5.04 -23.97 32.15
N TYR C 230 4.83 -22.76 31.62
CA TYR C 230 5.57 -22.29 30.47
C TYR C 230 6.42 -21.08 30.85
N PRO C 231 7.71 -21.08 30.48
CA PRO C 231 8.54 -19.90 30.78
C PRO C 231 8.19 -18.75 29.86
N ARG C 232 8.27 -17.53 30.41
CA ARG C 232 8.05 -16.34 29.60
C ARG C 232 8.91 -15.20 30.09
N LEU C 233 9.45 -14.45 29.15
CA LEU C 233 10.09 -13.16 29.40
C LEU C 233 9.33 -12.10 28.63
N SER C 234 9.28 -10.89 29.17
CA SER C 234 8.56 -9.81 28.51
C SER C 234 9.29 -8.49 28.73
N LEU C 235 9.24 -7.64 27.70
CA LEU C 235 9.90 -6.35 27.69
C LEU C 235 8.86 -5.29 27.36
N SER C 236 8.74 -4.27 28.20
CA SER C 236 7.67 -3.29 28.10
C SER C 236 8.26 -1.90 27.94
N PHE C 237 7.65 -1.11 27.08
CA PHE C 237 7.99 0.30 26.90
C PHE C 237 6.75 1.14 27.21
N ARG C 238 6.94 2.23 27.96
CA ARG C 238 5.87 3.18 28.23
C ARG C 238 6.07 4.40 27.34
N LEU C 239 5.09 4.68 26.48
CA LEU C 239 5.20 5.73 25.48
C LEU C 239 4.32 6.91 25.87
N LYS C 240 4.89 8.11 25.79
CA LYS C 240 4.16 9.36 26.01
C LYS C 240 4.14 10.13 24.70
N ARG C 241 2.95 10.51 24.25
CA ARG C 241 2.83 11.23 23.00
C ARG C 241 3.16 12.71 23.19
N ASN C 242 3.78 13.29 22.18
CA ASN C 242 4.12 14.71 22.19
C ASN C 242 3.01 15.50 21.52
N ILE C 243 2.55 16.55 22.21
CA ILE C 243 1.31 17.23 21.83
C ILE C 243 1.57 18.36 20.85
N GLY C 244 2.84 18.72 20.61
CA GLY C 244 3.15 19.93 19.88
C GLY C 244 2.46 20.04 18.53
N TYR C 245 2.38 18.94 17.80
CA TYR C 245 1.73 18.97 16.49
C TYR C 245 0.26 19.34 16.62
N PHE C 246 -0.43 18.78 17.61
CA PHE C 246 -1.88 18.95 17.68
C PHE C 246 -2.25 20.34 18.18
N ILE C 247 -1.39 20.96 18.99
CA ILE C 247 -1.69 22.30 19.49
C ILE C 247 -1.81 23.27 18.32
N LEU C 248 -0.82 23.24 17.42
CA LEU C 248 -0.75 24.25 16.37
C LEU C 248 -1.74 23.99 15.24
N GLN C 249 -2.03 22.73 14.93
CA GLN C 249 -2.79 22.39 13.73
C GLN C 249 -4.17 21.83 14.03
N THR C 250 -4.49 21.52 15.29
CA THR C 250 -5.83 21.02 15.62
C THR C 250 -6.57 21.97 16.56
N TYR C 251 -5.96 22.29 17.70
CA TYR C 251 -6.69 23.03 18.72
C TYR C 251 -6.77 24.51 18.39
N MET C 252 -5.63 25.17 18.19
CA MET C 252 -5.65 26.61 17.94
C MET C 252 -6.47 26.96 16.70
N PRO C 253 -6.35 26.27 15.57
CA PRO C 253 -7.23 26.59 14.43
C PRO C 253 -8.71 26.53 14.79
N SER C 254 -9.10 25.57 15.61
CA SER C 254 -10.50 25.47 16.02
C SER C 254 -10.85 26.52 17.07
N ILE C 255 -9.90 26.85 17.96
CA ILE C 255 -10.16 27.84 18.99
C ILE C 255 -10.39 29.22 18.36
N LEU C 256 -9.54 29.58 17.38
CA LEU C 256 -9.64 30.91 16.78
C LEU C 256 -10.90 31.03 15.92
N ILE C 257 -11.32 29.94 15.28
CA ILE C 257 -12.59 29.97 14.56
C ILE C 257 -13.75 30.16 15.52
N THR C 258 -13.72 29.46 16.66
CA THR C 258 -14.78 29.64 17.65
C THR C 258 -14.81 31.07 18.17
N ILE C 259 -13.63 31.61 18.52
CA ILE C 259 -13.56 33.00 18.94
C ILE C 259 -14.07 33.91 17.85
N LEU C 260 -13.76 33.59 16.59
CA LEU C 260 -14.09 34.49 15.49
C LEU C 260 -15.59 34.55 15.28
N SER C 261 -16.31 33.47 15.59
CA SER C 261 -17.76 33.47 15.45
C SER C 261 -18.43 34.47 16.38
N TRP C 262 -17.80 34.77 17.52
CA TRP C 262 -18.37 35.74 18.45
C TRP C 262 -18.30 37.16 17.93
N VAL C 263 -17.55 37.41 16.85
CA VAL C 263 -17.52 38.75 16.28
C VAL C 263 -18.91 39.16 15.82
N SER C 264 -19.76 38.19 15.47
CA SER C 264 -21.10 38.51 15.01
C SER C 264 -21.91 39.21 16.09
N PHE C 265 -21.66 38.90 17.35
CA PHE C 265 -22.39 39.56 18.44
C PHE C 265 -22.08 41.04 18.55
N TRP C 266 -20.97 41.50 17.98
CA TRP C 266 -20.59 42.90 18.05
C TRP C 266 -21.03 43.70 16.84
N ILE C 267 -21.34 43.03 15.72
CA ILE C 267 -21.91 43.72 14.57
C ILE C 267 -23.35 44.09 14.87
N ASN C 268 -23.79 45.23 14.33
CA ASN C 268 -25.13 45.72 14.63
C ASN C 268 -26.18 44.79 14.03
N TYR C 269 -27.21 44.50 14.82
CA TYR C 269 -28.19 43.48 14.45
C TYR C 269 -29.01 43.85 13.22
N ASP C 270 -29.01 45.12 12.82
CA ASP C 270 -29.73 45.51 11.62
C ASP C 270 -29.10 44.93 10.37
N ALA C 271 -27.78 44.73 10.37
CA ALA C 271 -27.06 44.22 9.20
C ALA C 271 -27.18 42.69 9.13
N SER C 272 -28.38 42.24 8.77
CA SER C 272 -28.64 40.80 8.72
C SER C 272 -27.76 40.12 7.69
N ALA C 273 -27.53 40.76 6.54
CA ALA C 273 -26.72 40.14 5.50
C ALA C 273 -25.30 39.88 5.98
N ALA C 274 -24.83 40.63 6.97
CA ALA C 274 -23.45 40.50 7.43
C ALA C 274 -23.32 39.45 8.52
N ARG C 275 -24.15 39.56 9.55
CA ARG C 275 -24.06 38.62 10.67
C ARG C 275 -24.35 37.19 10.22
N VAL C 276 -25.23 37.04 9.24
CA VAL C 276 -25.52 35.71 8.70
C VAL C 276 -24.32 35.19 7.90
N ALA C 277 -23.71 36.06 7.09
CA ALA C 277 -22.56 35.64 6.31
C ALA C 277 -21.40 35.20 7.21
N LEU C 278 -21.16 35.94 8.29
CA LEU C 278 -20.11 35.56 9.22
C LEU C 278 -20.42 34.23 9.89
N GLY C 279 -21.68 34.00 10.24
CA GLY C 279 -22.08 32.80 10.94
C GLY C 279 -22.00 31.55 10.10
N ILE C 280 -22.68 31.53 8.96
CA ILE C 280 -22.72 30.32 8.16
C ILE C 280 -21.35 29.99 7.57
N THR C 281 -20.54 31.01 7.28
CA THR C 281 -19.21 30.74 6.74
C THR C 281 -18.29 30.14 7.80
N THR C 282 -18.39 30.60 9.04
CA THR C 282 -17.62 29.98 10.11
C THR C 282 -18.10 28.55 10.39
N VAL C 283 -19.39 28.28 10.16
CA VAL C 283 -19.88 26.91 10.21
C VAL C 283 -19.22 26.09 9.10
N LEU C 284 -19.10 26.68 7.91
CA LEU C 284 -18.43 25.99 6.81
C LEU C 284 -16.96 25.74 7.14
N THR C 285 -16.30 26.69 7.81
CA THR C 285 -14.90 26.50 8.17
C THR C 285 -14.75 25.40 9.20
N MET C 286 -15.65 25.33 10.18
CA MET C 286 -15.55 24.31 11.22
C MET C 286 -15.65 22.90 10.61
N THR C 287 -16.61 22.70 9.72
CA THR C 287 -16.71 21.41 9.04
C THR C 287 -15.53 21.18 8.10
N THR C 288 -15.00 22.25 7.49
CA THR C 288 -13.82 22.10 6.65
C THR C 288 -12.64 21.62 7.46
N ILE C 289 -12.45 22.18 8.66
CA ILE C 289 -11.37 21.73 9.53
C ILE C 289 -11.61 20.30 9.98
N ASN C 290 -12.84 20.02 10.46
CA ASN C 290 -13.16 18.68 10.93
C ASN C 290 -13.08 17.67 9.80
N THR C 291 -13.52 18.06 8.60
CA THR C 291 -13.53 17.14 7.47
C THR C 291 -12.12 16.70 7.10
N HIS C 292 -11.20 17.65 6.94
CA HIS C 292 -9.86 17.31 6.50
C HIS C 292 -8.96 16.81 7.63
N LEU C 293 -9.32 17.05 8.88
CA LEU C 293 -8.67 16.33 9.97
C LEU C 293 -9.01 14.85 9.89
N ARG C 294 -10.25 14.54 9.53
CA ARG C 294 -10.64 13.15 9.33
C ARG C 294 -9.86 12.50 8.20
N GLU C 295 -9.36 13.30 7.26
CA GLU C 295 -8.54 12.80 6.17
C GLU C 295 -7.07 12.68 6.53
N THR C 296 -6.65 13.22 7.69
CA THR C 296 -5.25 13.21 8.09
C THR C 296 -5.01 12.54 9.43
N LEU C 297 -6.02 12.39 10.29
CA LEU C 297 -5.85 11.68 11.53
C LEU C 297 -6.03 10.18 11.32
N PRO C 298 -5.52 9.36 12.23
CA PRO C 298 -5.69 7.90 12.08
C PRO C 298 -7.15 7.52 11.97
N LYS C 299 -7.44 6.56 11.10
CA LYS C 299 -8.82 6.15 10.81
C LYS C 299 -9.19 4.94 11.67
N ILE C 300 -9.49 5.22 12.93
CA ILE C 300 -9.90 4.22 13.91
C ILE C 300 -11.35 4.49 14.28
N PRO C 301 -12.30 3.66 13.83
CA PRO C 301 -13.72 3.95 14.10
C PRO C 301 -14.14 3.79 15.55
N TYR C 302 -13.66 4.65 16.44
CA TYR C 302 -14.32 4.86 17.73
C TYR C 302 -13.91 6.22 18.27
N VAL C 303 -14.82 6.82 19.04
CA VAL C 303 -14.70 8.21 19.45
C VAL C 303 -13.47 8.38 20.33
N LYS C 304 -12.87 9.57 20.26
CA LYS C 304 -11.64 9.88 20.95
C LYS C 304 -11.76 11.26 21.58
N ALA C 305 -10.70 11.67 22.29
CA ALA C 305 -10.69 12.99 22.90
C ALA C 305 -10.66 14.10 21.85
N ILE C 306 -9.93 13.89 20.75
CA ILE C 306 -9.84 14.92 19.72
C ILE C 306 -11.22 15.19 19.12
N ASP C 307 -12.03 14.14 18.95
CA ASP C 307 -13.36 14.31 18.37
C ASP C 307 -14.26 15.12 19.30
N MET C 308 -14.19 14.85 20.61
CA MET C 308 -15.07 15.55 21.54
C MET C 308 -14.81 17.05 21.53
N TYR C 309 -13.58 17.47 21.23
CA TYR C 309 -13.30 18.91 21.16
C TYR C 309 -13.83 19.51 19.87
N LEU C 310 -13.51 18.90 18.73
CA LEU C 310 -13.95 19.44 17.46
C LEU C 310 -15.48 19.56 17.41
N MET C 311 -16.19 18.59 17.97
CA MET C 311 -17.64 18.70 18.06
C MET C 311 -18.06 19.66 19.16
N GLY C 312 -17.24 19.83 20.20
CA GLY C 312 -17.53 20.86 21.18
C GLY C 312 -17.53 22.24 20.56
N CYS C 313 -16.51 22.54 19.75
CA CYS C 313 -16.47 23.82 19.05
C CYS C 313 -17.60 23.94 18.03
N PHE C 314 -17.88 22.86 17.30
CA PHE C 314 -18.90 22.91 16.27
C PHE C 314 -20.27 23.27 16.85
N VAL C 315 -20.53 22.89 18.10
CA VAL C 315 -21.78 23.27 18.73
C VAL C 315 -21.78 24.77 19.05
N PHE C 316 -20.66 25.28 19.58
CA PHE C 316 -20.60 26.70 19.90
C PHE C 316 -20.77 27.56 18.66
N VAL C 317 -20.13 27.17 17.56
CA VAL C 317 -20.32 27.90 16.30
C VAL C 317 -21.76 27.76 15.83
N PHE C 318 -22.34 26.57 16.00
CA PHE C 318 -23.74 26.38 15.63
C PHE C 318 -24.65 27.24 16.49
N LEU C 319 -24.39 27.32 17.79
CA LEU C 319 -25.20 28.15 18.67
C LEU C 319 -25.00 29.63 18.38
N ALA C 320 -23.82 30.03 17.90
CA ALA C 320 -23.60 31.43 17.58
C ALA C 320 -24.52 31.90 16.45
N LEU C 321 -24.89 30.99 15.55
CA LEU C 321 -25.78 31.35 14.46
C LEU C 321 -27.25 31.25 14.87
N LEU C 322 -27.58 30.34 15.79
CA LEU C 322 -28.93 30.32 16.35
C LEU C 322 -29.20 31.58 17.17
N GLU C 323 -28.15 32.20 17.71
CA GLU C 323 -28.33 33.39 18.52
C GLU C 323 -28.94 34.51 17.69
N TYR C 324 -28.47 34.69 16.46
CA TYR C 324 -29.05 35.72 15.60
C TYR C 324 -30.46 35.36 15.17
N ALA C 325 -30.75 34.07 14.94
CA ALA C 325 -32.10 33.69 14.56
C ALA C 325 -33.12 34.21 15.58
N PHE C 326 -32.75 34.20 16.86
CA PHE C 326 -33.64 34.75 17.89
C PHE C 326 -33.60 36.27 17.90
N VAL C 327 -32.42 36.86 17.71
CA VAL C 327 -32.30 38.32 17.72
C VAL C 327 -33.08 38.91 16.57
N ASN C 328 -32.87 38.40 15.35
CA ASN C 328 -33.52 38.97 14.18
C ASN C 328 -35.03 38.81 14.26
N TYR C 329 -35.50 37.63 14.68
CA TYR C 329 -36.93 37.42 14.79
C TYR C 329 -37.56 38.37 15.80
N ILE C 330 -36.91 38.54 16.95
CA ILE C 330 -37.47 39.40 17.99
C ILE C 330 -37.48 40.85 17.54
N PHE C 331 -36.45 41.26 16.78
CA PHE C 331 -36.37 42.65 16.32
C PHE C 331 -37.54 42.99 15.39
N PHE C 332 -37.89 42.07 14.49
CA PHE C 332 -38.95 42.34 13.52
C PHE C 332 -40.32 41.89 13.99
N SER C 333 -40.39 40.79 14.75
CA SER C 333 -41.64 40.32 15.34
C SER C 333 -41.97 41.13 16.59
N GLN C 334 -42.24 42.42 16.38
CA GLN C 334 -42.52 43.33 17.47
C GLN C 334 -43.96 43.21 17.94
N GLU C 574 -41.05 50.93 21.53
CA GLU C 574 -39.67 50.59 21.21
C GLU C 574 -39.15 49.48 22.12
N LEU C 575 -40.08 48.74 22.73
CA LEU C 575 -39.67 47.67 23.64
C LEU C 575 -38.87 46.59 22.92
N TYR C 576 -39.32 46.21 21.71
CA TYR C 576 -38.63 45.16 20.98
C TYR C 576 -37.35 45.63 20.31
N LYS C 577 -37.12 46.94 20.24
CA LYS C 577 -35.76 47.42 19.99
C LYS C 577 -34.87 47.08 21.16
N GLY C 578 -35.38 47.22 22.38
CA GLY C 578 -34.59 46.88 23.55
C GLY C 578 -34.29 45.40 23.65
N ARG C 579 -35.32 44.56 23.40
CA ARG C 579 -35.13 43.13 23.55
C ARG C 579 -34.06 42.61 22.58
N ALA C 580 -34.10 43.08 21.33
CA ALA C 580 -33.09 42.63 20.37
C ALA C 580 -31.69 43.07 20.80
N ALA C 581 -31.56 44.30 21.27
CA ALA C 581 -30.26 44.77 21.74
C ALA C 581 -29.83 44.03 23.01
N ALA C 582 -30.76 43.78 23.92
CA ALA C 582 -30.40 43.15 25.19
C ALA C 582 -29.85 41.75 24.99
N ILE C 583 -30.42 40.98 24.06
CA ILE C 583 -29.96 39.61 23.85
C ILE C 583 -28.51 39.60 23.41
N ASP C 584 -28.08 40.60 22.64
CA ASP C 584 -26.66 40.70 22.31
C ASP C 584 -25.82 40.87 23.57
N ARG C 585 -26.18 41.85 24.40
CA ARG C 585 -25.37 42.14 25.58
C ARG C 585 -25.20 40.93 26.48
N TRP C 586 -26.22 40.07 26.55
CA TRP C 586 -26.08 38.80 27.26
C TRP C 586 -25.12 37.86 26.52
N SER C 587 -25.29 37.74 25.20
CA SER C 587 -24.52 36.76 24.45
C SER C 587 -23.04 37.11 24.43
N ARG C 588 -22.69 38.39 24.47
CA ARG C 588 -21.29 38.77 24.51
C ARG C 588 -20.65 38.43 25.85
N ILE C 589 -21.47 38.21 26.88
CA ILE C 589 -20.97 37.72 28.16
C ILE C 589 -21.01 36.20 28.23
N VAL C 590 -22.14 35.62 27.85
CA VAL C 590 -22.34 34.18 28.05
C VAL C 590 -21.37 33.37 27.19
N PHE C 591 -21.27 33.71 25.90
CA PHE C 591 -20.49 32.86 25.00
C PHE C 591 -19.02 32.79 25.40
N PRO C 592 -18.32 33.90 25.63
CA PRO C 592 -16.92 33.76 26.09
C PRO C 592 -16.80 33.00 27.40
N PHE C 593 -17.74 33.22 28.33
CA PHE C 593 -17.69 32.55 29.63
C PHE C 593 -17.91 31.06 29.47
N THR C 594 -18.97 30.68 28.75
CA THR C 594 -19.32 29.26 28.66
C THR C 594 -18.31 28.47 27.86
N PHE C 595 -17.71 29.06 26.83
CA PHE C 595 -16.67 28.35 26.09
C PHE C 595 -15.44 28.13 26.95
N SER C 596 -15.03 29.15 27.71
CA SER C 596 -13.90 28.96 28.62
C SER C 596 -14.23 27.92 29.68
N LEU C 597 -15.47 27.90 30.18
CA LEU C 597 -15.88 26.86 31.12
C LEU C 597 -15.77 25.48 30.47
N PHE C 598 -16.29 25.34 29.26
CA PHE C 598 -16.13 24.09 28.52
C PHE C 598 -14.65 23.81 28.24
N ASN C 599 -13.89 24.84 27.87
CA ASN C 599 -12.47 24.65 27.63
C ASN C 599 -11.77 24.17 28.89
N LEU C 600 -12.09 24.78 30.03
CA LEU C 600 -11.44 24.40 31.28
C LEU C 600 -11.78 22.97 31.67
N VAL C 601 -13.04 22.56 31.53
CA VAL C 601 -13.43 21.21 31.89
C VAL C 601 -12.73 20.19 31.00
N TYR C 602 -12.57 20.52 29.71
CA TYR C 602 -11.95 19.58 28.79
C TYR C 602 -10.50 19.29 29.21
N TRP C 603 -9.75 20.32 29.57
CA TRP C 603 -8.35 20.14 29.93
C TRP C 603 -8.17 19.72 31.39
N LEU C 604 -9.25 19.24 32.02
CA LEU C 604 -9.16 18.59 33.31
C LEU C 604 -9.64 17.15 33.29
N TYR C 605 -10.77 16.87 32.64
CA TYR C 605 -11.22 15.50 32.52
C TYR C 605 -10.20 14.64 31.78
N TYR C 606 -9.63 15.16 30.70
CA TYR C 606 -8.64 14.46 29.90
C TYR C 606 -7.21 14.76 30.30
N VAL C 607 -7.02 15.32 31.50
CA VAL C 607 -5.71 15.43 32.12
C VAL C 607 -5.65 14.59 33.40
N ASN C 608 -6.68 14.70 34.25
CA ASN C 608 -6.69 13.92 35.49
C ASN C 608 -6.91 12.43 35.22
N SER C 609 -7.77 12.09 34.27
CA SER C 609 -8.07 10.69 33.98
C SER C 609 -6.81 9.94 33.56
N ASN D 327 42.33 -30.51 -24.58
CA ASN D 327 42.58 -31.30 -23.37
C ASN D 327 43.36 -30.48 -22.35
N ASP D 328 44.50 -29.94 -22.78
CA ASP D 328 45.38 -29.19 -21.89
C ASP D 328 44.80 -27.84 -21.48
N ASN D 329 43.73 -27.38 -22.12
CA ASN D 329 43.07 -26.13 -21.76
C ASN D 329 41.68 -26.34 -21.17
N ILE D 330 41.22 -27.59 -21.07
CA ILE D 330 39.87 -27.86 -20.61
C ILE D 330 39.90 -28.77 -19.39
N THR D 331 40.68 -29.85 -19.46
CA THR D 331 40.74 -30.78 -18.35
C THR D 331 41.52 -30.21 -17.16
N ILE D 332 42.59 -29.45 -17.45
CA ILE D 332 43.37 -28.86 -16.37
C ILE D 332 42.50 -27.96 -15.51
N PHE D 333 41.59 -27.21 -16.14
CA PHE D 333 40.83 -26.20 -15.43
C PHE D 333 39.92 -26.83 -14.38
N THR D 334 39.23 -27.91 -14.76
CA THR D 334 38.24 -28.51 -13.88
C THR D 334 38.91 -29.30 -12.75
N ARG D 335 40.05 -29.93 -13.03
CA ARG D 335 40.71 -30.71 -12.00
C ARG D 335 41.42 -29.83 -10.98
N ILE D 336 41.70 -28.57 -11.34
CA ILE D 336 42.22 -27.63 -10.35
C ILE D 336 41.13 -27.28 -9.34
N LEU D 337 39.92 -27.00 -9.83
CA LEU D 337 38.83 -26.64 -8.92
C LEU D 337 38.50 -27.77 -7.96
N ASP D 338 38.43 -29.00 -8.48
CA ASP D 338 38.15 -30.14 -7.60
C ASP D 338 39.28 -30.40 -6.62
N GLY D 339 40.48 -29.91 -6.90
CA GLY D 339 41.61 -30.04 -6.00
C GLY D 339 41.69 -28.97 -4.94
N LEU D 340 40.77 -28.00 -4.94
CA LEU D 340 40.82 -26.94 -3.95
C LEU D 340 40.10 -27.34 -2.66
N LEU D 341 38.97 -28.06 -2.77
CA LEU D 341 38.05 -28.19 -1.67
C LEU D 341 38.28 -29.41 -0.79
N ASP D 342 39.01 -30.42 -1.26
CA ASP D 342 39.32 -31.55 -0.40
C ASP D 342 40.30 -31.13 0.67
N GLY D 343 39.95 -31.39 1.93
CA GLY D 343 40.71 -30.88 3.05
C GLY D 343 40.33 -29.47 3.48
N TYR D 344 39.39 -28.85 2.79
CA TYR D 344 38.95 -27.50 3.10
C TYR D 344 37.87 -27.52 4.19
N ASP D 345 37.72 -26.38 4.87
CA ASP D 345 36.72 -26.25 5.93
C ASP D 345 36.14 -24.85 5.83
N ASN D 346 34.89 -24.75 5.36
CA ASN D 346 34.25 -23.46 5.19
C ASN D 346 33.70 -22.89 6.48
N ARG D 347 33.77 -23.63 7.59
CA ARG D 347 33.30 -23.11 8.86
C ARG D 347 34.32 -22.22 9.54
N LEU D 348 35.56 -22.19 9.05
CA LEU D 348 36.66 -21.51 9.71
C LEU D 348 37.21 -20.42 8.81
N ARG D 349 37.35 -19.22 9.36
CA ARG D 349 37.97 -18.13 8.64
C ARG D 349 39.46 -18.42 8.43
N PRO D 350 40.07 -17.83 7.40
CA PRO D 350 41.50 -18.05 7.16
C PRO D 350 42.34 -17.45 8.28
N GLY D 351 43.16 -18.29 8.90
CA GLY D 351 44.01 -17.84 9.98
C GLY D 351 43.25 -17.66 11.29
N LEU D 352 42.75 -18.75 11.85
CA LEU D 352 41.96 -18.66 13.07
C LEU D 352 42.75 -18.00 14.19
N GLY D 353 43.98 -18.43 14.42
CA GLY D 353 44.79 -17.88 15.49
C GLY D 353 46.04 -17.17 15.00
N GLU D 354 46.40 -17.41 13.74
CA GLU D 354 47.68 -16.92 13.23
C GLU D 354 47.64 -15.42 12.94
N ARG D 355 46.54 -14.92 12.38
CA ARG D 355 46.54 -13.55 11.89
C ARG D 355 45.11 -13.03 11.80
N ILE D 356 45.01 -11.70 11.67
CA ILE D 356 43.73 -11.06 11.44
C ILE D 356 43.40 -11.11 9.96
N THR D 357 42.14 -11.35 9.63
CA THR D 357 41.69 -11.43 8.25
C THR D 357 41.38 -10.01 7.75
N GLN D 358 42.18 -9.55 6.79
CA GLN D 358 41.96 -8.24 6.18
C GLN D 358 40.95 -8.37 5.04
N VAL D 359 39.86 -7.61 5.12
CA VAL D 359 38.83 -7.59 4.10
C VAL D 359 38.81 -6.20 3.50
N ARG D 360 39.09 -6.11 2.21
CA ARG D 360 39.13 -4.84 1.50
C ARG D 360 37.87 -4.68 0.67
N THR D 361 37.18 -3.56 0.83
CA THR D 361 35.88 -3.36 0.23
C THR D 361 35.82 -2.03 -0.50
N ASP D 362 34.93 -1.95 -1.48
CA ASP D 362 34.61 -0.70 -2.15
C ASP D 362 33.23 -0.85 -2.78
N ILE D 363 32.62 0.29 -3.08
CA ILE D 363 31.23 0.33 -3.51
C ILE D 363 31.12 1.17 -4.77
N TYR D 364 30.23 0.76 -5.66
CA TYR D 364 29.87 1.54 -6.84
C TYR D 364 28.36 1.74 -6.83
N VAL D 365 27.92 2.98 -6.62
CA VAL D 365 26.51 3.29 -6.46
C VAL D 365 25.92 3.48 -7.86
N THR D 366 25.18 2.48 -8.34
CA THR D 366 24.53 2.63 -9.63
C THR D 366 23.40 3.64 -9.59
N SER D 367 22.64 3.66 -8.51
CA SER D 367 21.50 4.54 -8.37
C SER D 367 21.33 4.91 -6.91
N PHE D 368 20.89 6.13 -6.67
CA PHE D 368 20.63 6.63 -5.32
C PHE D 368 19.23 7.22 -5.28
N GLY D 369 18.55 6.99 -4.18
CA GLY D 369 17.19 7.46 -4.04
C GLY D 369 16.19 6.42 -4.49
N PRO D 370 14.90 6.66 -4.21
CA PRO D 370 14.31 7.85 -3.60
C PRO D 370 14.60 7.98 -2.12
N VAL D 371 14.50 9.19 -1.58
CA VAL D 371 14.62 9.43 -0.14
C VAL D 371 13.22 9.61 0.41
N SER D 372 12.78 8.67 1.25
CA SER D 372 11.41 8.69 1.78
C SER D 372 11.43 9.40 3.13
N ASP D 373 11.54 10.73 3.07
CA ASP D 373 11.54 11.53 4.28
C ASP D 373 10.28 11.38 5.10
N THR D 374 9.16 10.97 4.49
CA THR D 374 7.98 10.63 5.26
C THR D 374 8.20 9.37 6.10
N GLU D 375 9.21 8.58 5.78
CA GLU D 375 9.58 7.39 6.54
C GLU D 375 11.00 7.43 7.05
N MET D 376 11.74 8.51 6.80
CA MET D 376 13.13 8.64 7.24
C MET D 376 13.95 7.43 6.80
N GLU D 377 13.91 7.16 5.51
CA GLU D 377 14.66 6.07 4.91
C GLU D 377 14.99 6.45 3.47
N TYR D 378 15.99 5.80 2.90
CA TYR D 378 16.40 6.02 1.53
C TYR D 378 16.85 4.71 0.91
N THR D 379 16.72 4.63 -0.41
CA THR D 379 17.08 3.42 -1.15
C THR D 379 18.34 3.69 -1.98
N ILE D 380 19.28 2.76 -1.92
CA ILE D 380 20.54 2.86 -2.64
C ILE D 380 20.80 1.51 -3.32
N ASP D 381 21.23 1.57 -4.58
CA ASP D 381 21.52 0.37 -5.38
C ASP D 381 23.01 0.38 -5.68
N VAL D 382 23.72 -0.67 -5.26
CA VAL D 382 25.18 -0.67 -5.25
C VAL D 382 25.70 -2.01 -5.77
N PHE D 383 26.83 -1.95 -6.47
CA PHE D 383 27.71 -3.12 -6.61
C PHE D 383 28.66 -3.15 -5.42
N PHE D 384 28.46 -4.09 -4.52
CA PHE D 384 29.25 -4.19 -3.30
C PHE D 384 30.33 -5.24 -3.49
N ARG D 385 31.59 -4.83 -3.31
CA ARG D 385 32.73 -5.68 -3.64
C ARG D 385 33.62 -5.86 -2.42
N GLN D 386 34.08 -7.09 -2.22
CA GLN D 386 34.91 -7.43 -1.07
C GLN D 386 36.06 -8.31 -1.54
N SER D 387 37.22 -8.13 -0.92
CA SER D 387 38.41 -8.90 -1.28
C SER D 387 39.16 -9.31 -0.03
N TRP D 388 39.66 -10.54 -0.03
CA TRP D 388 40.43 -11.06 1.09
C TRP D 388 41.32 -12.18 0.56
N LYS D 389 42.30 -12.56 1.37
CA LYS D 389 43.24 -13.62 1.01
C LYS D 389 42.94 -14.86 1.83
N ASP D 390 42.68 -15.97 1.15
CA ASP D 390 42.49 -17.27 1.77
C ASP D 390 43.58 -18.18 1.22
N GLU D 391 44.63 -18.39 2.02
CA GLU D 391 45.80 -19.10 1.53
C GLU D 391 45.54 -20.57 1.27
N ARG D 392 44.40 -21.11 1.72
CA ARG D 392 44.03 -22.48 1.42
C ARG D 392 43.61 -22.66 -0.03
N LEU D 393 43.14 -21.61 -0.69
CA LEU D 393 42.75 -21.66 -2.09
C LEU D 393 43.88 -21.28 -3.03
N ARG D 394 45.07 -21.05 -2.49
CA ARG D 394 46.24 -20.82 -3.32
C ARG D 394 46.48 -22.04 -4.21
N PHE D 395 46.67 -21.79 -5.50
CA PHE D 395 46.82 -22.86 -6.48
C PHE D 395 47.87 -22.47 -7.50
N LYS D 396 48.28 -23.46 -8.31
CA LYS D 396 49.29 -23.29 -9.33
C LYS D 396 48.78 -23.86 -10.65
N GLY D 397 49.01 -23.14 -11.73
CA GLY D 397 48.56 -23.56 -13.04
C GLY D 397 48.91 -22.55 -14.11
N PRO D 398 48.45 -22.80 -15.34
CA PRO D 398 48.78 -21.89 -16.44
C PRO D 398 48.11 -20.53 -16.36
N MET D 399 47.02 -20.40 -15.63
CA MET D 399 46.26 -19.16 -15.56
C MET D 399 46.54 -18.45 -14.24
N GLN D 400 46.72 -17.13 -14.33
CA GLN D 400 46.96 -16.33 -13.13
C GLN D 400 45.71 -16.18 -12.27
N ARG D 401 44.52 -16.23 -12.88
CA ARG D 401 43.28 -16.18 -12.13
C ARG D 401 42.21 -16.93 -12.90
N LEU D 402 41.12 -17.26 -12.21
CA LEU D 402 40.00 -17.94 -12.84
C LEU D 402 38.70 -17.60 -12.12
N PRO D 403 37.62 -17.32 -12.85
CA PRO D 403 36.32 -17.16 -12.19
C PRO D 403 35.76 -18.50 -11.73
N LEU D 404 35.26 -18.51 -10.50
CA LEU D 404 34.51 -19.65 -9.99
C LEU D 404 33.05 -19.50 -10.41
N ASN D 405 32.18 -20.36 -9.90
CA ASN D 405 30.75 -20.24 -10.13
C ASN D 405 30.00 -20.46 -8.82
N ASN D 406 28.77 -19.95 -8.77
CA ASN D 406 28.05 -19.86 -7.51
C ASN D 406 27.77 -21.23 -6.90
N LEU D 407 27.78 -22.30 -7.69
CA LEU D 407 27.69 -23.63 -7.10
C LEU D 407 28.91 -23.92 -6.24
N LEU D 408 30.04 -23.26 -6.52
CA LEU D 408 31.25 -23.43 -5.75
C LEU D 408 31.46 -22.31 -4.74
N ALA D 409 30.83 -21.16 -4.95
CA ALA D 409 30.98 -20.04 -4.02
C ALA D 409 30.36 -20.35 -2.66
N SER D 410 29.30 -21.16 -2.64
CA SER D 410 28.66 -21.51 -1.38
C SER D 410 29.50 -22.44 -0.52
N LYS D 411 30.50 -23.10 -1.11
CA LYS D 411 31.37 -23.99 -0.37
C LYS D 411 32.66 -23.31 0.08
N ILE D 412 32.76 -22.00 -0.08
CA ILE D 412 33.94 -21.23 0.30
C ILE D 412 33.54 -20.22 1.37
N TRP D 413 34.40 -20.03 2.35
CA TRP D 413 34.14 -19.06 3.41
C TRP D 413 34.09 -17.65 2.84
N THR D 414 33.10 -16.87 3.27
CA THR D 414 33.01 -15.46 2.93
C THR D 414 32.56 -14.69 4.16
N PRO D 415 32.94 -13.41 4.26
CA PRO D 415 32.66 -12.67 5.50
C PRO D 415 31.18 -12.45 5.72
N ASP D 416 30.81 -12.29 6.99
CA ASP D 416 29.42 -12.08 7.37
C ASP D 416 29.08 -10.59 7.38
N THR D 417 29.39 -9.89 6.29
CA THR D 417 29.15 -8.45 6.25
C THR D 417 27.66 -8.15 6.23
N PHE D 418 27.27 -7.11 6.96
CA PHE D 418 25.89 -6.67 6.99
C PHE D 418 25.87 -5.15 7.18
N PHE D 419 24.74 -4.54 6.85
CA PHE D 419 24.57 -3.10 6.94
C PHE D 419 23.83 -2.78 8.24
N HIS D 420 24.49 -2.05 9.14
CA HIS D 420 23.95 -1.84 10.47
C HIS D 420 22.60 -1.14 10.45
N ASN D 421 22.43 -0.15 9.57
CA ASN D 421 21.22 0.65 9.53
C ASN D 421 20.30 0.25 8.38
N GLY D 422 20.45 -0.94 7.83
CA GLY D 422 19.63 -1.37 6.71
C GLY D 422 18.25 -1.80 7.19
N LYS D 423 17.20 -1.27 6.56
CA LYS D 423 15.84 -1.69 6.89
C LYS D 423 15.47 -2.98 6.18
N LYS D 424 15.78 -3.08 4.89
CA LYS D 424 15.39 -4.21 4.08
C LYS D 424 16.22 -4.19 2.80
N SER D 425 16.87 -5.29 2.49
CA SER D 425 17.81 -5.33 1.38
C SER D 425 17.49 -6.52 0.48
N ILE D 426 17.77 -6.35 -0.80
CA ILE D 426 17.55 -7.37 -1.82
C ILE D 426 18.89 -7.73 -2.42
N ALA D 427 19.26 -9.01 -2.35
CA ALA D 427 20.37 -9.53 -3.12
C ALA D 427 19.78 -10.12 -4.40
N HIS D 428 20.11 -9.51 -5.53
CA HIS D 428 19.34 -9.75 -6.75
C HIS D 428 19.56 -11.16 -7.26
N ASN D 429 18.45 -11.84 -7.56
CA ASN D 429 18.43 -13.25 -7.97
C ASN D 429 17.55 -13.28 -9.22
N MET D 430 18.16 -12.99 -10.37
CA MET D 430 17.42 -12.88 -11.63
C MET D 430 18.31 -13.38 -12.75
N THR D 431 17.89 -14.47 -13.39
CA THR D 431 18.72 -15.18 -14.35
C THR D 431 20.05 -15.57 -13.70
N THR D 432 19.91 -16.42 -12.69
CA THR D 432 21.01 -16.83 -11.82
C THR D 432 21.37 -15.68 -10.87
N PRO D 433 22.03 -15.96 -9.75
CA PRO D 433 22.32 -14.91 -8.77
C PRO D 433 23.22 -13.84 -9.36
N ASN D 434 22.99 -12.59 -8.93
CA ASN D 434 23.87 -11.48 -9.27
C ASN D 434 25.05 -11.47 -8.30
N LYS D 435 25.85 -12.53 -8.38
CA LYS D 435 27.01 -12.73 -7.55
C LYS D 435 28.17 -13.15 -8.42
N LEU D 436 29.38 -12.74 -8.03
CA LEU D 436 30.58 -13.11 -8.75
C LEU D 436 31.68 -13.40 -7.75
N LEU D 437 32.46 -14.46 -7.99
CA LEU D 437 33.59 -14.81 -7.16
C LEU D 437 34.75 -15.21 -8.06
N ARG D 438 35.84 -14.47 -7.97
CA ARG D 438 37.04 -14.73 -8.75
C ARG D 438 38.18 -15.09 -7.80
N LEU D 439 39.08 -15.94 -8.26
CA LEU D 439 40.19 -16.43 -7.46
C LEU D 439 41.49 -16.21 -8.22
N GLU D 440 42.44 -15.53 -7.58
CA GLU D 440 43.78 -15.41 -8.12
C GLU D 440 44.62 -16.59 -7.65
N ASP D 441 45.72 -16.85 -8.38
CA ASP D 441 46.57 -17.97 -8.01
C ASP D 441 47.25 -17.74 -6.66
N ASP D 442 47.34 -16.48 -6.22
CA ASP D 442 47.93 -16.18 -4.92
C ASP D 442 47.00 -16.54 -3.77
N GLY D 443 45.76 -16.93 -4.05
CA GLY D 443 44.78 -17.20 -3.02
C GLY D 443 43.85 -16.05 -2.73
N THR D 444 44.08 -14.88 -3.33
CA THR D 444 43.18 -13.75 -3.13
C THR D 444 41.85 -14.02 -3.79
N LEU D 445 40.77 -13.59 -3.14
CA LEU D 445 39.42 -13.74 -3.67
C LEU D 445 38.76 -12.38 -3.81
N LEU D 446 38.05 -12.18 -4.91
CA LEU D 446 37.28 -10.97 -5.16
C LEU D 446 35.81 -11.38 -5.25
N TYR D 447 35.00 -10.86 -4.34
CA TYR D 447 33.61 -11.25 -4.20
C TYR D 447 32.74 -10.03 -4.48
N THR D 448 31.92 -10.10 -5.52
CA THR D 448 31.11 -8.98 -5.96
C THR D 448 29.65 -9.40 -5.99
N MET D 449 28.76 -8.45 -5.72
CA MET D 449 27.34 -8.73 -5.74
C MET D 449 26.56 -7.43 -5.81
N ARG D 450 25.39 -7.48 -6.43
CA ARG D 450 24.56 -6.30 -6.64
C ARG D 450 23.42 -6.31 -5.63
N LEU D 451 23.25 -5.20 -4.92
CA LEU D 451 22.32 -5.09 -3.82
C LEU D 451 21.45 -3.86 -4.00
N THR D 452 20.19 -3.96 -3.54
CA THR D 452 19.31 -2.81 -3.38
C THR D 452 19.02 -2.67 -1.89
N ILE D 453 19.52 -1.61 -1.28
CA ILE D 453 19.51 -1.46 0.17
C ILE D 453 18.59 -0.31 0.52
N SER D 454 17.64 -0.58 1.40
CA SER D 454 16.82 0.46 2.02
C SER D 454 17.29 0.64 3.45
N ALA D 455 17.77 1.84 3.76
CA ALA D 455 18.47 2.08 5.02
C ALA D 455 17.86 3.28 5.74
N GLU D 456 18.09 3.32 7.04
CA GLU D 456 17.58 4.42 7.86
C GLU D 456 18.41 5.67 7.63
N CYS D 457 17.74 6.82 7.68
CA CYS D 457 18.39 8.13 7.60
C CYS D 457 17.61 9.10 8.47
N PRO D 458 17.94 9.21 9.76
CA PRO D 458 17.20 10.16 10.60
C PRO D 458 17.40 11.59 10.14
N MET D 459 16.37 12.40 10.32
CA MET D 459 16.31 13.74 9.74
C MET D 459 15.93 14.76 10.80
N GLN D 460 16.62 15.89 10.81
CA GLN D 460 16.28 17.03 11.66
C GLN D 460 15.40 17.99 10.86
N LEU D 461 14.09 17.73 10.93
CA LEU D 461 13.13 18.44 10.10
C LEU D 461 12.64 19.74 10.75
N GLU D 462 13.44 20.31 11.64
CA GLU D 462 13.10 21.62 12.21
C GLU D 462 13.08 22.68 11.11
N ASP D 463 14.03 22.61 10.19
CA ASP D 463 14.17 23.58 9.10
C ASP D 463 13.57 23.08 7.80
N PHE D 464 12.48 22.33 7.87
CA PHE D 464 12.06 21.41 6.82
C PHE D 464 12.24 21.93 5.40
N PRO D 465 11.58 23.02 4.98
CA PRO D 465 11.67 23.43 3.57
C PRO D 465 13.09 23.70 3.11
N MET D 466 13.96 24.19 4.00
CA MET D 466 15.34 24.52 3.65
C MET D 466 16.32 23.80 4.55
N ASP D 467 16.13 22.49 4.73
CA ASP D 467 17.01 21.69 5.57
C ASP D 467 18.03 20.95 4.72
N ALA D 468 18.96 20.28 5.41
CA ALA D 468 19.98 19.47 4.77
C ALA D 468 20.20 18.24 5.62
N HIS D 469 20.69 17.16 4.99
CA HIS D 469 20.85 15.89 5.66
C HIS D 469 22.17 15.25 5.26
N ALA D 470 22.60 14.29 6.08
CA ALA D 470 23.74 13.43 5.79
C ALA D 470 23.33 11.99 6.07
N CYS D 471 22.80 11.32 5.05
CA CYS D 471 22.32 9.96 5.22
C CYS D 471 23.49 8.99 5.27
N PRO D 472 23.65 8.21 6.34
CA PRO D 472 24.80 7.30 6.43
C PRO D 472 24.51 5.92 5.88
N LEU D 473 25.60 5.22 5.56
CA LEU D 473 25.56 3.80 5.24
C LEU D 473 26.68 3.12 6.00
N LYS D 474 26.34 2.43 7.08
CA LYS D 474 27.29 1.81 7.97
C LYS D 474 27.19 0.30 7.81
N PHE D 475 28.35 -0.35 7.69
CA PHE D 475 28.36 -1.80 7.53
C PHE D 475 29.62 -2.38 8.14
N GLY D 476 29.54 -3.65 8.51
CA GLY D 476 30.65 -4.32 9.13
C GLY D 476 30.28 -5.76 9.42
N SER D 477 31.21 -6.48 10.03
CA SER D 477 31.01 -7.90 10.28
C SER D 477 29.96 -8.08 11.38
N TYR D 478 29.16 -9.14 11.25
CA TYR D 478 28.16 -9.44 12.26
C TYR D 478 28.74 -10.27 13.41
N ALA D 479 29.45 -11.34 13.08
CA ALA D 479 29.93 -12.27 14.10
C ALA D 479 31.37 -11.96 14.51
N TYR D 480 32.29 -11.92 13.55
CA TYR D 480 33.70 -11.83 13.88
C TYR D 480 34.03 -10.44 14.39
N PRO D 481 34.62 -10.32 15.58
CA PRO D 481 34.92 -9.00 16.12
C PRO D 481 36.19 -8.41 15.53
N ASN D 482 36.53 -7.21 16.00
CA ASN D 482 37.70 -6.50 15.52
C ASN D 482 38.98 -7.31 15.68
N SER D 483 39.03 -8.19 16.69
CA SER D 483 40.22 -8.99 16.92
C SER D 483 40.43 -10.09 15.88
N GLU D 484 39.45 -10.32 15.02
CA GLU D 484 39.51 -11.42 14.05
C GLU D 484 39.38 -10.97 12.61
N VAL D 485 38.48 -10.02 12.33
CA VAL D 485 38.24 -9.54 10.97
C VAL D 485 38.17 -8.03 11.01
N VAL D 486 38.90 -7.38 10.10
CA VAL D 486 38.94 -5.93 10.01
C VAL D 486 38.65 -5.51 8.58
N TYR D 487 37.97 -4.38 8.42
CA TYR D 487 37.57 -3.87 7.12
C TYR D 487 38.36 -2.62 6.78
N VAL D 488 38.80 -2.53 5.53
CA VAL D 488 39.52 -1.37 5.02
C VAL D 488 38.99 -1.06 3.62
N TRP D 489 38.80 0.22 3.34
CA TRP D 489 38.42 0.61 1.98
C TRP D 489 39.55 0.24 1.02
N THR D 490 39.17 -0.16 -0.19
CA THR D 490 40.13 -0.81 -1.08
C THR D 490 41.34 0.07 -1.34
N ASN D 491 41.13 1.36 -1.60
CA ASN D 491 42.23 2.29 -1.83
C ASN D 491 42.51 3.16 -0.61
N GLY D 492 41.75 2.99 0.47
CA GLY D 492 41.97 3.74 1.69
C GLY D 492 41.88 5.23 1.47
N SER D 493 41.19 5.64 0.42
CA SER D 493 41.11 7.05 0.05
C SER D 493 39.77 7.29 -0.62
N THR D 494 39.66 8.42 -1.32
CA THR D 494 38.40 8.80 -1.95
C THR D 494 38.00 7.82 -3.05
N LYS D 495 38.95 7.04 -3.55
CA LYS D 495 38.68 6.10 -4.63
C LYS D 495 38.12 4.78 -4.11
N SER D 496 37.08 4.85 -3.27
CA SER D 496 36.52 3.66 -2.67
C SER D 496 35.01 3.63 -2.78
N VAL D 497 34.38 4.80 -2.91
CA VAL D 497 32.95 4.91 -3.16
C VAL D 497 32.76 5.76 -4.40
N VAL D 498 32.13 5.17 -5.42
CA VAL D 498 31.96 5.81 -6.72
C VAL D 498 30.46 5.87 -7.02
N VAL D 499 29.99 7.04 -7.42
CA VAL D 499 28.60 7.25 -7.78
C VAL D 499 28.53 7.40 -9.30
N ALA D 500 27.63 6.65 -9.93
CA ALA D 500 27.48 6.73 -11.37
C ALA D 500 27.07 8.14 -11.78
N GLU D 501 27.52 8.54 -12.97
CA GLU D 501 27.21 9.88 -13.45
C GLU D 501 25.71 10.10 -13.54
N ASP D 502 24.97 9.06 -13.92
CA ASP D 502 23.52 9.15 -14.07
C ASP D 502 22.77 8.58 -12.88
N GLY D 503 23.44 8.33 -11.75
CA GLY D 503 22.83 7.59 -10.66
C GLY D 503 21.95 8.41 -9.74
N SER D 504 22.01 9.74 -9.82
CA SER D 504 21.28 10.60 -8.90
C SER D 504 19.81 10.61 -9.31
N ARG D 505 19.07 9.62 -8.80
CA ARG D 505 17.63 9.53 -9.02
C ARG D 505 16.86 10.18 -7.88
N LEU D 506 17.09 11.47 -7.65
CA LEU D 506 16.50 12.20 -6.54
C LEU D 506 15.54 13.24 -7.08
N ASN D 507 14.34 13.29 -6.49
CA ASN D 507 13.33 14.25 -6.92
C ASN D 507 13.48 15.58 -6.18
N GLN D 508 13.41 15.54 -4.84
CA GLN D 508 13.35 16.74 -4.04
C GLN D 508 14.65 17.06 -3.30
N TYR D 509 15.75 16.39 -3.64
CA TYR D 509 17.03 16.68 -3.04
C TYR D 509 18.11 16.82 -4.11
N HIS D 510 19.11 17.63 -3.79
CA HIS D 510 20.39 17.58 -4.47
C HIS D 510 21.37 16.77 -3.65
N LEU D 511 22.44 16.32 -4.29
CA LEU D 511 23.44 15.45 -3.65
C LEU D 511 24.81 16.06 -3.90
N MET D 512 25.27 16.89 -2.96
CA MET D 512 26.48 17.68 -3.20
C MET D 512 27.76 16.87 -3.11
N GLY D 513 27.87 15.97 -2.15
CA GLY D 513 29.12 15.26 -1.97
C GLY D 513 28.95 14.05 -1.08
N GLN D 514 30.09 13.48 -0.68
CA GLN D 514 30.13 12.26 0.09
C GLN D 514 31.33 12.30 1.02
N THR D 515 31.27 11.49 2.08
CA THR D 515 32.36 11.35 3.03
C THR D 515 32.49 9.87 3.39
N VAL D 516 33.74 9.39 3.45
CA VAL D 516 34.04 8.00 3.74
C VAL D 516 34.89 7.95 4.99
N GLY D 517 34.47 7.13 5.96
CA GLY D 517 35.15 7.07 7.24
C GLY D 517 35.21 5.65 7.76
N THR D 518 35.74 5.53 8.98
CA THR D 518 35.90 4.25 9.66
C THR D 518 35.80 4.48 11.15
N GLU D 519 35.41 3.43 11.88
CA GLU D 519 35.17 3.54 13.32
C GLU D 519 35.42 2.20 13.98
N ASN D 520 35.54 2.24 15.30
CA ASN D 520 35.39 1.06 16.15
C ASN D 520 34.22 1.29 17.09
N ILE D 521 33.49 0.22 17.39
CA ILE D 521 32.40 0.28 18.36
C ILE D 521 32.51 -0.94 19.27
N SER D 522 31.90 -0.80 20.45
CA SER D 522 31.81 -1.89 21.41
C SER D 522 30.35 -2.22 21.68
N THR D 523 30.03 -3.50 21.63
CA THR D 523 28.69 -3.99 21.87
C THR D 523 28.74 -5.11 22.89
N SER D 524 27.58 -5.66 23.23
CA SER D 524 27.53 -6.71 24.24
C SER D 524 28.35 -7.93 23.85
N THR D 525 28.56 -8.16 22.55
CA THR D 525 29.25 -9.36 22.09
C THR D 525 30.72 -9.12 21.75
N GLY D 526 31.20 -7.89 21.88
CA GLY D 526 32.60 -7.60 21.63
C GLY D 526 32.75 -6.27 20.94
N GLU D 527 33.98 -5.98 20.53
CA GLU D 527 34.31 -4.75 19.83
C GLU D 527 34.44 -5.02 18.33
N TYR D 528 33.86 -4.14 17.53
CA TYR D 528 33.74 -4.33 16.09
C TYR D 528 34.23 -3.10 15.36
N THR D 529 34.75 -3.30 14.16
CA THR D 529 35.21 -2.22 13.30
C THR D 529 34.20 -2.01 12.18
N ILE D 530 33.91 -0.74 11.88
CA ILE D 530 32.81 -0.36 11.01
C ILE D 530 33.34 0.50 9.89
N MET D 531 32.78 0.31 8.69
CA MET D 531 32.96 1.22 7.57
C MET D 531 31.73 2.11 7.46
N THR D 532 31.96 3.38 7.17
CA THR D 532 30.87 4.36 7.10
C THR D 532 31.01 5.20 5.85
N ALA D 533 29.88 5.48 5.20
CA ALA D 533 29.82 6.37 4.05
C ALA D 533 28.62 7.29 4.22
N HIS D 534 28.85 8.60 4.11
CA HIS D 534 27.82 9.59 4.30
C HIS D 534 27.55 10.31 2.98
N PHE D 535 26.28 10.45 2.63
CA PHE D 535 25.84 11.17 1.45
C PHE D 535 25.15 12.43 1.90
N HIS D 536 25.63 13.58 1.43
CA HIS D 536 25.15 14.88 1.88
C HIS D 536 24.08 15.37 0.92
N LEU D 537 22.93 15.75 1.46
CA LEU D 537 21.76 16.10 0.68
C LEU D 537 21.29 17.51 1.03
N LYS D 538 20.73 18.21 0.05
CA LYS D 538 20.15 19.52 0.24
C LYS D 538 18.83 19.57 -0.51
N ARG D 539 17.78 20.06 0.16
CA ARG D 539 16.45 20.02 -0.42
C ARG D 539 16.27 21.12 -1.46
N LYS D 540 15.34 20.87 -2.39
CA LYS D 540 14.98 21.86 -3.40
C LYS D 540 13.95 22.81 -2.83
N ILE D 541 14.25 24.12 -2.86
CA ILE D 541 13.35 25.10 -2.27
C ILE D 541 12.19 25.41 -3.20
N GLY D 542 12.39 25.25 -4.51
CA GLY D 542 11.48 25.83 -5.48
C GLY D 542 10.04 25.39 -5.33
N TYR D 543 9.81 24.10 -5.10
CA TYR D 543 8.44 23.59 -5.08
C TYR D 543 7.63 24.23 -3.96
N PHE D 544 8.22 24.39 -2.79
CA PHE D 544 7.47 24.89 -1.65
C PHE D 544 7.21 26.38 -1.75
N VAL D 545 8.08 27.12 -2.45
CA VAL D 545 7.86 28.55 -2.62
C VAL D 545 6.60 28.80 -3.43
N ILE D 546 6.48 28.13 -4.59
CA ILE D 546 5.32 28.33 -5.44
C ILE D 546 4.07 27.72 -4.80
N GLN D 547 4.21 26.58 -4.13
CA GLN D 547 3.07 25.83 -3.65
C GLN D 547 2.52 26.36 -2.32
N THR D 548 3.38 26.82 -1.42
CA THR D 548 2.93 27.21 -0.08
C THR D 548 3.17 28.69 0.20
N TYR D 549 4.40 29.16 0.02
CA TYR D 549 4.72 30.52 0.44
C TYR D 549 3.98 31.56 -0.39
N LEU D 550 3.98 31.41 -1.71
CA LEU D 550 3.29 32.39 -2.55
C LEU D 550 1.80 32.43 -2.29
N PRO D 551 1.06 31.31 -2.29
CA PRO D 551 -0.36 31.38 -1.94
C PRO D 551 -0.61 31.98 -0.57
N CYS D 552 0.23 31.66 0.41
CA CYS D 552 0.05 32.23 1.74
C CYS D 552 0.29 33.73 1.74
N ILE D 553 1.34 34.18 1.04
CA ILE D 553 1.63 35.61 0.99
C ILE D 553 0.48 36.35 0.31
N MET D 554 0.04 35.85 -0.84
CA MET D 554 -1.03 36.53 -1.56
C MET D 554 -2.32 36.57 -0.74
N THR D 555 -2.65 35.46 -0.07
CA THR D 555 -3.82 35.45 0.80
C THR D 555 -3.68 36.42 1.96
N VAL D 556 -2.45 36.79 2.33
CA VAL D 556 -2.22 37.80 3.36
C VAL D 556 -2.10 39.20 2.78
N ILE D 557 -1.66 39.35 1.53
CA ILE D 557 -1.83 40.62 0.86
C ILE D 557 -3.31 40.93 0.71
N LEU D 558 -4.11 39.93 0.34
CA LEU D 558 -5.53 39.99 0.61
C LEU D 558 -5.77 39.96 2.11
N SER D 559 -6.95 40.41 2.52
CA SER D 559 -7.27 40.57 3.94
C SER D 559 -6.62 41.84 4.46
N GLN D 560 -5.87 42.53 3.60
CA GLN D 560 -5.34 43.85 3.90
C GLN D 560 -5.77 44.91 2.90
N VAL D 561 -6.17 44.49 1.70
CA VAL D 561 -6.76 45.43 0.75
C VAL D 561 -8.12 45.91 1.24
N SER D 562 -8.73 45.20 2.19
CA SER D 562 -10.03 45.62 2.71
C SER D 562 -9.95 46.88 3.55
N PHE D 563 -8.76 47.24 4.04
CA PHE D 563 -8.64 48.50 4.76
C PHE D 563 -8.85 49.70 3.84
N TRP D 564 -8.77 49.52 2.53
CA TRP D 564 -9.09 50.56 1.58
C TRP D 564 -10.52 50.48 1.05
N LEU D 565 -11.25 49.41 1.35
CA LEU D 565 -12.67 49.36 1.04
C LEU D 565 -13.43 50.30 1.97
N ASN D 566 -14.58 50.79 1.51
CA ASN D 566 -15.36 51.72 2.31
C ASN D 566 -15.89 51.00 3.55
N ARG D 567 -15.65 51.61 4.71
CA ARG D 567 -16.08 51.00 5.97
C ARG D 567 -17.58 50.91 6.10
N GLU D 568 -18.33 51.72 5.34
CA GLU D 568 -19.78 51.78 5.50
C GLU D 568 -20.45 50.52 4.99
N SER D 569 -19.93 49.91 3.93
CA SER D 569 -20.51 48.70 3.36
C SER D 569 -20.08 47.50 4.21
N VAL D 570 -20.85 47.26 5.28
CA VAL D 570 -20.48 46.22 6.23
C VAL D 570 -20.46 44.83 5.58
N PRO D 571 -21.49 44.41 4.83
CA PRO D 571 -21.47 43.05 4.29
C PRO D 571 -20.28 42.77 3.39
N ALA D 572 -19.78 43.78 2.66
CA ALA D 572 -18.61 43.57 1.81
C ALA D 572 -17.37 43.29 2.66
N ARG D 573 -17.18 44.07 3.72
CA ARG D 573 -16.02 43.89 4.59
C ARG D 573 -16.07 42.54 5.29
N THR D 574 -17.27 42.15 5.76
CA THR D 574 -17.39 40.90 6.50
C THR D 574 -17.20 39.69 5.59
N VAL D 575 -17.84 39.69 4.43
CA VAL D 575 -17.69 38.56 3.50
C VAL D 575 -16.23 38.44 3.08
N PHE D 576 -15.57 39.59 2.87
CA PHE D 576 -14.16 39.58 2.50
C PHE D 576 -13.30 38.92 3.56
N GLY D 577 -13.46 39.34 4.82
CA GLY D 577 -12.58 38.86 5.86
C GLY D 577 -12.81 37.41 6.23
N VAL D 578 -14.08 37.01 6.36
CA VAL D 578 -14.37 35.65 6.78
C VAL D 578 -13.94 34.65 5.71
N THR D 579 -14.03 35.02 4.44
CA THR D 579 -13.67 34.12 3.36
C THR D 579 -12.16 33.92 3.28
N THR D 580 -11.38 34.97 3.53
CA THR D 580 -9.93 34.82 3.50
C THR D 580 -9.43 33.99 4.69
N VAL D 581 -10.18 34.00 5.80
CA VAL D 581 -9.87 33.07 6.90
C VAL D 581 -10.10 31.64 6.45
N LEU D 582 -11.18 31.41 5.69
CA LEU D 582 -11.42 30.08 5.14
C LEU D 582 -10.33 29.70 4.14
N THR D 583 -9.87 30.66 3.32
CA THR D 583 -8.81 30.37 2.37
C THR D 583 -7.53 29.95 3.09
N MET D 584 -7.17 30.66 4.15
CA MET D 584 -6.01 30.25 4.94
C MET D 584 -6.22 28.88 5.56
N THR D 585 -7.44 28.58 5.98
CA THR D 585 -7.73 27.26 6.53
C THR D 585 -7.46 26.18 5.48
N THR D 586 -7.90 26.41 4.24
CA THR D 586 -7.63 25.44 3.18
C THR D 586 -6.13 25.34 2.89
N LEU D 587 -5.43 26.48 2.88
CA LEU D 587 -3.99 26.46 2.67
C LEU D 587 -3.29 25.70 3.81
N SER D 588 -3.67 25.97 5.05
CA SER D 588 -3.07 25.25 6.17
C SER D 588 -3.41 23.77 6.10
N ILE D 589 -4.62 23.43 5.69
CA ILE D 589 -5.02 22.03 5.59
C ILE D 589 -4.15 21.29 4.58
N SER D 590 -3.90 21.93 3.42
CA SER D 590 -3.12 21.27 2.38
C SER D 590 -1.63 21.23 2.72
N ALA D 591 -1.13 22.23 3.45
CA ALA D 591 0.31 22.27 3.75
C ALA D 591 0.73 21.06 4.57
N ARG D 592 -0.09 20.66 5.55
CA ARG D 592 0.24 19.51 6.39
C ARG D 592 0.15 18.19 5.64
N ASN D 593 -0.13 18.21 4.33
CA ASN D 593 -0.07 16.98 3.55
C ASN D 593 1.34 16.42 3.51
N SER D 594 2.35 17.26 3.75
CA SER D 594 3.74 16.84 3.67
C SER D 594 4.19 16.30 5.03
N LEU D 595 5.50 16.05 5.13
CA LEU D 595 6.19 15.76 6.38
C LEU D 595 5.75 14.41 6.95
N PRO D 596 6.53 13.81 7.85
CA PRO D 596 6.08 12.59 8.53
C PRO D 596 5.20 12.83 9.75
N LYS D 597 4.65 14.03 9.92
CA LYS D 597 3.82 14.37 11.07
C LYS D 597 4.65 14.29 12.36
N VAL D 598 5.74 15.05 12.39
CA VAL D 598 6.63 15.05 13.54
C VAL D 598 6.01 15.85 14.69
N ALA D 599 6.60 15.69 15.88
CA ALA D 599 6.01 16.18 17.11
C ALA D 599 6.22 17.67 17.36
N TYR D 600 7.00 18.36 16.54
CA TYR D 600 7.36 19.74 16.82
C TYR D 600 7.15 20.61 15.59
N ALA D 601 7.14 21.92 15.81
CA ALA D 601 6.88 22.87 14.75
C ALA D 601 8.09 23.01 13.83
N THR D 602 7.88 22.78 12.54
CA THR D 602 8.92 23.01 11.55
C THR D 602 8.84 24.44 11.04
N ALA D 603 9.74 24.79 10.13
CA ALA D 603 9.74 26.14 9.58
C ALA D 603 8.46 26.46 8.81
N MET D 604 7.77 25.44 8.31
CA MET D 604 6.46 25.67 7.70
C MET D 604 5.47 26.21 8.74
N ASP D 605 5.43 25.59 9.92
CA ASP D 605 4.47 25.99 10.93
C ASP D 605 4.77 27.39 11.46
N TRP D 606 6.04 27.80 11.46
CA TRP D 606 6.35 29.18 11.81
C TRP D 606 5.69 30.15 10.86
N PHE D 607 5.71 29.83 9.56
CA PHE D 607 5.18 30.74 8.55
C PHE D 607 3.66 30.67 8.50
N ILE D 608 3.11 29.45 8.40
CA ILE D 608 1.67 29.30 8.21
C ILE D 608 0.91 29.81 9.43
N ALA D 609 1.39 29.50 10.63
CA ALA D 609 0.69 29.92 11.83
C ALA D 609 0.64 31.44 11.94
N VAL D 610 1.73 32.12 11.61
CA VAL D 610 1.76 33.57 11.69
C VAL D 610 0.89 34.19 10.61
N CYS D 611 0.88 33.61 9.40
CA CYS D 611 -0.01 34.11 8.36
C CYS D 611 -1.47 33.99 8.79
N TYR D 612 -1.83 32.87 9.43
CA TYR D 612 -3.20 32.71 9.92
C TYR D 612 -3.49 33.72 11.02
N ALA D 613 -2.45 34.21 11.70
CA ALA D 613 -2.65 35.23 12.71
C ALA D 613 -2.96 36.58 12.08
N PHE D 614 -2.24 36.94 11.01
CA PHE D 614 -2.48 38.21 10.33
C PHE D 614 -3.87 38.22 9.69
N VAL D 615 -4.25 37.11 9.05
CA VAL D 615 -5.58 37.05 8.45
C VAL D 615 -6.65 37.05 9.54
N PHE D 616 -6.39 36.41 10.67
CA PHE D 616 -7.34 36.45 11.78
C PHE D 616 -7.46 37.85 12.36
N SER D 617 -6.32 38.47 12.68
CA SER D 617 -6.36 39.79 13.28
C SER D 617 -6.86 40.86 12.30
N ALA D 618 -6.76 40.58 11.00
CA ALA D 618 -7.26 41.53 10.01
C ALA D 618 -8.77 41.65 10.02
N LEU D 619 -9.48 40.63 10.52
CA LEU D 619 -10.92 40.70 10.67
C LEU D 619 -11.35 41.16 12.05
N ILE D 620 -10.56 40.91 13.08
CA ILE D 620 -10.82 41.55 14.36
C ILE D 620 -10.62 43.05 14.24
N GLU D 621 -9.77 43.48 13.31
CA GLU D 621 -9.58 44.91 13.08
C GLU D 621 -10.86 45.56 12.56
N PHE D 622 -11.58 44.88 11.67
CA PHE D 622 -12.85 45.40 11.19
C PHE D 622 -13.88 45.46 12.31
N ALA D 623 -13.90 44.45 13.18
CA ALA D 623 -14.92 44.38 14.22
C ALA D 623 -14.86 45.60 15.13
N THR D 624 -13.66 46.00 15.52
CA THR D 624 -13.53 47.13 16.44
C THR D 624 -13.86 48.46 15.75
N VAL D 625 -13.43 48.64 14.50
CA VAL D 625 -13.76 49.87 13.79
C VAL D 625 -15.23 49.92 13.41
N ASN D 626 -15.84 48.76 13.15
CA ASN D 626 -17.27 48.72 12.90
C ASN D 626 -18.05 49.07 14.17
N TYR D 627 -17.59 48.56 15.31
CA TYR D 627 -18.29 48.81 16.57
C TYR D 627 -18.36 50.30 16.87
N PHE D 628 -17.28 51.03 16.63
CA PHE D 628 -17.22 52.44 17.00
C PHE D 628 -17.77 53.37 15.93
N THR D 629 -18.56 52.87 14.98
CA THR D 629 -19.32 53.73 14.09
C THR D 629 -20.78 53.32 14.06
N LYS D 630 -21.06 52.02 14.12
CA LYS D 630 -22.43 51.53 14.16
C LYS D 630 -22.93 51.28 15.58
N SER D 631 -22.06 51.38 16.59
CA SER D 631 -22.47 51.20 17.97
C SER D 631 -21.94 52.30 18.87
N GLN D 632 -21.86 53.52 18.36
CA GLN D 632 -21.50 54.67 19.19
C GLN D 632 -22.70 55.10 20.04
N ALA D 636 -21.93 61.02 15.04
CA ALA D 636 -21.84 59.83 15.87
C ALA D 636 -20.50 59.76 16.60
N ALA D 637 -19.65 60.77 16.38
CA ALA D 637 -18.34 60.84 17.03
C ALA D 637 -17.55 59.55 16.77
N SER D 638 -17.60 59.07 15.53
CA SER D 638 -16.95 57.83 15.18
C SER D 638 -15.44 57.98 15.19
N ILE D 639 -14.74 56.85 15.20
CA ILE D 639 -13.29 56.78 15.21
C ILE D 639 -12.82 56.28 13.85
N SER D 640 -11.99 57.08 13.17
CA SER D 640 -11.39 56.69 11.91
C SER D 640 -9.91 56.35 12.02
N LYS D 641 -9.32 56.45 13.22
CA LYS D 641 -7.91 56.15 13.40
C LYS D 641 -7.58 54.73 12.99
N ILE D 642 -8.41 53.77 13.43
CA ILE D 642 -8.06 52.36 13.30
C ILE D 642 -7.91 51.97 11.83
N ASP D 643 -8.85 52.38 10.99
CA ASP D 643 -8.79 52.01 9.58
C ASP D 643 -7.60 52.69 8.89
N LYS D 644 -7.32 53.94 9.25
CA LYS D 644 -6.25 54.68 8.59
C LYS D 644 -4.87 54.23 9.05
N MET D 645 -4.74 53.74 10.28
CA MET D 645 -3.45 53.27 10.78
C MET D 645 -3.14 51.86 10.30
N SER D 646 -4.15 50.98 10.26
CA SER D 646 -3.91 49.60 9.86
C SER D 646 -3.41 49.50 8.43
N ARG D 647 -3.61 50.53 7.61
CA ARG D 647 -3.05 50.52 6.26
C ARG D 647 -1.53 50.52 6.29
N ILE D 648 -0.94 51.02 7.37
CA ILE D 648 0.52 51.07 7.51
C ILE D 648 0.99 49.93 8.39
N VAL D 649 0.35 49.78 9.55
CA VAL D 649 0.85 48.84 10.56
C VAL D 649 0.84 47.41 10.03
N PHE D 650 -0.28 46.98 9.45
CA PHE D 650 -0.37 45.59 9.00
C PHE D 650 0.65 45.27 7.92
N PRO D 651 0.76 46.04 6.83
CA PRO D 651 1.84 45.76 5.86
C PRO D 651 3.23 45.80 6.46
N VAL D 652 3.49 46.73 7.38
CA VAL D 652 4.81 46.82 7.99
C VAL D 652 5.08 45.59 8.86
N LEU D 653 4.11 45.21 9.70
CA LEU D 653 4.32 44.08 10.58
C LEU D 653 4.54 42.79 9.79
N PHE D 654 3.75 42.58 8.72
CA PHE D 654 3.94 41.41 7.90
C PHE D 654 5.27 41.47 7.16
N GLY D 655 5.66 42.65 6.68
CA GLY D 655 6.96 42.78 6.03
C GLY D 655 8.11 42.50 6.98
N THR D 656 8.02 42.99 8.21
CA THR D 656 9.06 42.71 9.20
C THR D 656 9.14 41.23 9.52
N PHE D 657 7.98 40.59 9.67
CA PHE D 657 7.97 39.15 9.94
C PHE D 657 8.58 38.37 8.78
N ASN D 658 8.24 38.74 7.55
CA ASN D 658 8.77 38.05 6.39
C ASN D 658 10.29 38.20 6.31
N LEU D 659 10.79 39.41 6.54
CA LEU D 659 12.22 39.63 6.47
C LEU D 659 12.97 38.85 7.54
N VAL D 660 12.46 38.85 8.77
CA VAL D 660 13.12 38.13 9.85
C VAL D 660 13.10 36.62 9.58
N TYR D 661 11.95 36.10 9.12
CA TYR D 661 11.82 34.68 8.89
C TYR D 661 12.86 34.19 7.87
N TRP D 662 12.93 34.85 6.72
CA TRP D 662 13.87 34.43 5.69
C TRP D 662 15.31 34.68 6.11
N ALA D 663 15.56 35.78 6.81
CA ALA D 663 16.91 36.05 7.29
C ALA D 663 17.40 34.98 8.25
N THR D 664 16.47 34.32 8.96
CA THR D 664 16.85 33.31 9.94
C THR D 664 17.15 31.97 9.26
N TYR D 665 16.25 31.51 8.40
CA TYR D 665 16.33 30.15 7.88
C TYR D 665 17.18 30.03 6.62
N LEU D 666 17.20 31.05 5.77
CA LEU D 666 17.93 30.96 4.50
C LEU D 666 19.41 31.27 4.65
N ASN D 667 19.80 32.08 5.63
CA ASN D 667 21.21 32.27 5.93
C ASN D 667 21.84 31.08 6.63
N ARG D 668 21.03 30.11 7.05
CA ARG D 668 21.55 28.89 7.67
C ARG D 668 22.52 28.18 6.74
N PRO E 31 13.33 -48.65 -31.62
CA PRO E 31 12.06 -49.29 -31.28
C PRO E 31 11.62 -48.97 -29.86
N GLY E 32 12.40 -49.38 -28.87
CA GLY E 32 12.18 -48.96 -27.50
C GLY E 32 12.70 -47.56 -27.31
N ASN E 33 12.05 -46.60 -27.96
CA ASN E 33 12.61 -45.25 -28.07
C ASN E 33 12.77 -44.58 -26.71
N MET E 34 11.80 -44.76 -25.81
CA MET E 34 11.88 -44.07 -24.52
C MET E 34 13.18 -44.40 -23.80
N SER E 35 13.70 -45.61 -23.98
CA SER E 35 15.02 -45.94 -23.45
C SER E 35 16.14 -45.32 -24.27
N PHE E 36 15.96 -45.27 -25.60
CA PHE E 36 16.98 -44.67 -26.46
C PHE E 36 17.19 -43.21 -26.13
N VAL E 37 16.11 -42.45 -25.99
CA VAL E 37 16.23 -41.03 -25.69
C VAL E 37 16.79 -40.81 -24.30
N LYS E 38 16.40 -41.64 -23.33
CA LYS E 38 16.97 -41.54 -21.99
C LYS E 38 18.47 -41.79 -22.02
N GLU E 39 18.90 -42.80 -22.79
CA GLU E 39 20.33 -43.06 -22.91
C GLU E 39 21.04 -41.88 -23.54
N THR E 40 20.46 -41.29 -24.58
CA THR E 40 21.08 -40.15 -25.24
C THR E 40 21.21 -38.97 -24.27
N VAL E 41 20.11 -38.60 -23.61
CA VAL E 41 20.12 -37.43 -22.75
C VAL E 41 21.11 -37.62 -21.61
N ASP E 42 21.14 -38.81 -21.01
CA ASP E 42 22.14 -39.08 -19.98
C ASP E 42 23.56 -39.00 -20.56
N LYS E 43 23.74 -39.45 -21.80
CA LYS E 43 25.05 -39.37 -22.44
C LYS E 43 25.51 -37.94 -22.58
N LEU E 44 24.56 -37.00 -22.70
CA LEU E 44 24.93 -35.58 -22.74
C LEU E 44 25.45 -35.11 -21.38
N LEU E 45 24.89 -35.62 -20.30
CA LEU E 45 25.23 -35.15 -18.97
C LEU E 45 26.49 -35.80 -18.41
N LYS E 46 27.02 -36.84 -19.07
CA LYS E 46 28.23 -37.48 -18.60
C LYS E 46 29.39 -36.49 -18.62
N GLY E 47 29.93 -36.20 -17.44
CA GLY E 47 31.08 -35.32 -17.34
C GLY E 47 30.79 -33.86 -17.57
N TYR E 48 29.52 -33.46 -17.59
CA TYR E 48 29.17 -32.07 -17.81
C TYR E 48 29.46 -31.27 -16.54
N ASP E 49 30.21 -30.18 -16.70
CA ASP E 49 30.58 -29.30 -15.59
C ASP E 49 29.81 -27.98 -15.73
N ILE E 50 29.04 -27.63 -14.70
CA ILE E 50 28.27 -26.40 -14.74
C ILE E 50 29.17 -25.18 -14.66
N ARG E 51 30.41 -25.35 -14.20
CA ARG E 51 31.31 -24.23 -13.99
C ARG E 51 32.08 -23.83 -15.24
N LEU E 52 31.88 -24.52 -16.36
CA LEU E 52 32.64 -24.28 -17.58
C LEU E 52 31.68 -23.80 -18.67
N ARG E 53 32.05 -22.72 -19.34
CA ARG E 53 31.26 -22.23 -20.45
C ARG E 53 31.61 -22.98 -21.73
N PRO E 54 30.73 -22.92 -22.73
CA PRO E 54 31.04 -23.57 -24.02
C PRO E 54 32.31 -23.00 -24.64
N ASP E 55 33.04 -23.84 -25.37
CA ASP E 55 34.28 -23.45 -26.01
C ASP E 55 35.22 -22.77 -25.01
N PHE E 56 35.36 -23.38 -23.84
CA PHE E 56 36.12 -22.78 -22.77
C PHE E 56 37.55 -22.52 -23.21
N GLY E 57 38.07 -21.34 -22.86
CA GLY E 57 39.43 -20.96 -23.22
C GLY E 57 39.56 -20.47 -24.64
N GLY E 58 38.58 -20.80 -25.49
CA GLY E 58 38.61 -20.43 -26.88
C GLY E 58 37.79 -19.18 -27.16
N PRO E 59 37.17 -19.12 -28.33
CA PRO E 59 36.44 -17.90 -28.71
C PRO E 59 35.23 -17.68 -27.82
N PRO E 60 34.72 -16.45 -27.75
CA PRO E 60 33.55 -16.19 -26.89
C PRO E 60 32.33 -16.98 -27.33
N VAL E 61 31.48 -17.30 -26.37
CA VAL E 61 30.19 -17.92 -26.65
C VAL E 61 29.21 -16.82 -27.04
N CYS E 62 28.60 -16.97 -28.22
CA CYS E 62 27.71 -15.94 -28.77
C CYS E 62 26.30 -16.25 -28.31
N VAL E 63 25.72 -15.34 -27.52
CA VAL E 63 24.39 -15.52 -26.98
C VAL E 63 23.44 -14.59 -27.73
N GLY E 64 22.62 -15.15 -28.62
CA GLY E 64 21.58 -14.38 -29.27
C GLY E 64 20.36 -14.28 -28.37
N MET E 65 19.66 -13.15 -28.48
CA MET E 65 18.56 -12.86 -27.58
C MET E 65 17.34 -12.38 -28.37
N ASN E 66 16.17 -12.61 -27.77
CA ASN E 66 14.89 -12.30 -28.38
C ASN E 66 13.91 -12.05 -27.25
N ILE E 67 13.00 -11.10 -27.44
CA ILE E 67 12.06 -10.70 -26.39
C ILE E 67 10.68 -10.54 -27.00
N ASP E 68 9.65 -10.95 -26.26
CA ASP E 68 8.26 -10.73 -26.62
C ASP E 68 7.58 -10.02 -25.46
N ILE E 69 7.17 -8.77 -25.68
CA ILE E 69 6.61 -7.96 -24.62
C ILE E 69 5.17 -8.40 -24.37
N ALA E 70 4.93 -9.02 -23.21
CA ALA E 70 3.57 -9.39 -22.85
C ALA E 70 2.73 -8.16 -22.54
N SER E 71 3.31 -7.20 -21.82
CA SER E 71 2.60 -5.97 -21.47
C SER E 71 3.56 -5.00 -20.81
N ILE E 72 3.32 -3.72 -21.03
CA ILE E 72 4.01 -2.64 -20.31
C ILE E 72 3.03 -2.16 -19.25
N ASP E 73 3.33 -2.49 -17.99
CA ASP E 73 2.41 -2.29 -16.89
C ASP E 73 2.61 -0.91 -16.28
N MET E 74 2.02 -0.66 -15.12
CA MET E 74 1.98 0.67 -14.52
C MET E 74 3.30 1.42 -14.69
N VAL E 75 3.18 2.69 -15.12
CA VAL E 75 4.29 3.62 -15.15
C VAL E 75 3.99 4.69 -14.11
N SER E 76 4.92 4.89 -13.17
CA SER E 76 4.68 5.77 -12.03
C SER E 76 5.80 6.80 -11.95
N GLU E 77 5.43 8.08 -11.86
CA GLU E 77 6.41 9.14 -11.68
C GLU E 77 6.95 9.16 -10.26
N VAL E 78 6.07 8.91 -9.28
CA VAL E 78 6.48 8.98 -7.88
C VAL E 78 7.58 7.98 -7.56
N ASN E 79 7.71 6.92 -8.35
CA ASN E 79 8.76 5.92 -8.16
C ASN E 79 9.88 6.03 -9.18
N MET E 80 9.66 6.72 -10.30
CA MET E 80 10.63 6.80 -11.38
C MET E 80 11.01 5.40 -11.85
N ASP E 81 10.00 4.56 -12.06
CA ASP E 81 10.20 3.22 -12.58
C ASP E 81 8.91 2.75 -13.23
N TYR E 82 9.04 1.71 -14.05
CA TYR E 82 7.91 1.12 -14.74
C TYR E 82 8.03 -0.40 -14.71
N THR E 83 6.88 -1.07 -14.82
CA THR E 83 6.82 -2.52 -14.72
C THR E 83 6.60 -3.13 -16.10
N LEU E 84 7.34 -4.19 -16.40
CA LEU E 84 7.36 -4.82 -17.72
C LEU E 84 7.29 -6.32 -17.56
N THR E 85 6.49 -6.97 -18.40
CA THR E 85 6.38 -8.41 -18.45
C THR E 85 6.75 -8.88 -19.85
N MET E 86 7.58 -9.93 -19.93
CA MET E 86 8.17 -10.31 -21.21
C MET E 86 8.51 -11.79 -21.20
N TYR E 87 8.65 -12.35 -22.40
CA TYR E 87 9.15 -13.71 -22.60
C TYR E 87 10.60 -13.58 -23.07
N PHE E 88 11.53 -13.61 -22.12
CA PHE E 88 12.94 -13.42 -22.42
C PHE E 88 13.56 -14.74 -22.85
N GLN E 89 14.20 -14.75 -24.02
CA GLN E 89 14.75 -15.96 -24.62
C GLN E 89 16.19 -15.75 -25.01
N GLN E 90 16.99 -16.81 -24.91
CA GLN E 90 18.42 -16.76 -25.20
C GLN E 90 18.81 -18.00 -25.99
N TYR E 91 19.71 -17.82 -26.96
CA TYR E 91 20.20 -18.90 -27.81
C TYR E 91 21.70 -18.96 -27.74
N TRP E 92 22.25 -20.17 -27.72
CA TRP E 92 23.70 -20.34 -27.84
C TRP E 92 23.96 -21.80 -28.22
N ARG E 93 25.19 -22.06 -28.68
CA ARG E 93 25.62 -23.41 -29.00
C ARG E 93 26.55 -23.92 -27.92
N ASP E 94 26.27 -25.13 -27.45
CA ASP E 94 27.16 -25.86 -26.56
C ASP E 94 27.45 -27.21 -27.21
N LYS E 95 28.69 -27.39 -27.66
CA LYS E 95 29.04 -28.60 -28.39
C LYS E 95 28.90 -29.85 -27.54
N ARG E 96 28.90 -29.70 -26.21
CA ARG E 96 28.71 -30.84 -25.33
C ARG E 96 27.32 -31.44 -25.43
N LEU E 97 26.37 -30.71 -26.02
CA LEU E 97 24.97 -31.09 -26.03
C LEU E 97 24.46 -31.49 -27.40
N ALA E 98 25.34 -31.65 -28.39
CA ALA E 98 24.91 -32.08 -29.71
C ALA E 98 24.66 -33.58 -29.71
N TYR E 99 23.69 -34.01 -30.51
CA TYR E 99 23.34 -35.41 -30.62
C TYR E 99 22.92 -35.71 -32.05
N SER E 100 23.01 -36.98 -32.44
CA SER E 100 22.73 -37.40 -33.80
C SER E 100 21.69 -38.51 -33.91
N GLY E 101 21.33 -39.17 -32.81
CA GLY E 101 20.45 -40.32 -32.90
C GLY E 101 19.00 -39.96 -33.18
N ILE E 102 18.54 -38.85 -32.63
CA ILE E 102 17.13 -38.50 -32.62
C ILE E 102 16.91 -37.32 -33.56
N PRO E 103 16.12 -37.46 -34.63
CA PRO E 103 15.90 -36.32 -35.53
C PRO E 103 14.82 -35.36 -35.06
N LEU E 104 14.85 -34.96 -33.79
CA LEU E 104 13.85 -34.07 -33.23
C LEU E 104 14.51 -32.98 -32.39
N ASN E 105 13.88 -31.80 -32.38
CA ASN E 105 14.19 -30.77 -31.39
C ASN E 105 13.58 -31.21 -30.06
N LEU E 106 14.42 -31.72 -29.17
CA LEU E 106 13.96 -32.21 -27.89
C LEU E 106 13.62 -31.08 -26.93
N THR E 107 12.36 -31.00 -26.51
CA THR E 107 11.97 -30.12 -25.42
C THR E 107 12.05 -30.89 -24.11
N LEU E 108 12.72 -30.31 -23.11
CA LEU E 108 12.99 -31.00 -21.86
C LEU E 108 12.27 -30.30 -20.71
N ASP E 109 12.12 -31.02 -19.61
CA ASP E 109 11.41 -30.50 -18.45
C ASP E 109 12.08 -29.22 -17.95
N ASN E 110 11.31 -28.43 -17.21
CA ASN E 110 11.81 -27.16 -16.72
C ASN E 110 12.99 -27.31 -15.78
N ARG E 111 13.08 -28.44 -15.07
CA ARG E 111 14.11 -28.62 -14.05
C ARG E 111 15.46 -29.02 -14.63
N VAL E 112 15.54 -29.26 -15.94
CA VAL E 112 16.83 -29.52 -16.56
C VAL E 112 17.68 -28.25 -16.63
N ALA E 113 17.05 -27.07 -16.54
CA ALA E 113 17.80 -25.82 -16.62
C ALA E 113 18.79 -25.67 -15.47
N ASP E 114 18.58 -26.35 -14.36
CA ASP E 114 19.51 -26.30 -13.23
C ASP E 114 20.68 -27.26 -13.41
N GLN E 115 20.71 -28.02 -14.48
CA GLN E 115 21.77 -28.99 -14.74
C GLN E 115 22.52 -28.70 -16.03
N LEU E 116 22.45 -27.46 -16.52
CA LEU E 116 23.14 -27.03 -17.73
C LEU E 116 23.79 -25.68 -17.48
N TRP E 117 24.76 -25.34 -18.32
CA TRP E 117 25.34 -24.01 -18.26
C TRP E 117 24.45 -23.02 -19.00
N VAL E 118 24.03 -21.97 -18.31
CA VAL E 118 23.21 -20.92 -18.89
C VAL E 118 23.91 -19.59 -18.65
N PRO E 119 23.81 -18.64 -19.57
CA PRO E 119 24.60 -17.41 -19.44
C PRO E 119 24.22 -16.61 -18.19
N ASP E 120 25.19 -15.87 -17.68
CA ASP E 120 25.02 -15.05 -16.48
C ASP E 120 24.53 -13.65 -16.85
N THR E 121 23.30 -13.59 -17.35
CA THR E 121 22.69 -12.34 -17.78
C THR E 121 21.93 -11.70 -16.62
N TYR E 122 21.85 -10.37 -16.65
CA TYR E 122 21.06 -9.65 -15.66
C TYR E 122 20.65 -8.31 -16.26
N PHE E 123 19.54 -7.79 -15.74
CA PHE E 123 19.02 -6.50 -16.17
C PHE E 123 19.59 -5.44 -15.24
N LEU E 124 20.44 -4.57 -15.77
CA LEU E 124 21.21 -3.68 -14.92
C LEU E 124 20.30 -2.70 -14.19
N ASN E 125 19.27 -2.17 -14.85
CA ASN E 125 18.47 -1.11 -14.28
C ASN E 125 17.18 -1.59 -13.64
N ASP E 126 17.08 -2.88 -13.31
CA ASP E 126 15.88 -3.40 -12.66
C ASP E 126 15.95 -3.18 -11.15
N LYS E 127 14.78 -2.97 -10.56
CA LYS E 127 14.65 -2.80 -9.11
C LYS E 127 14.16 -4.06 -8.41
N LYS E 128 13.13 -4.71 -8.97
CA LYS E 128 12.60 -5.94 -8.42
C LYS E 128 11.98 -6.72 -9.56
N SER E 129 12.25 -8.03 -9.61
CA SER E 129 11.81 -8.86 -10.71
C SER E 129 11.73 -10.30 -10.23
N PHE E 130 10.94 -11.10 -10.94
CA PHE E 130 10.72 -12.49 -10.57
C PHE E 130 10.32 -13.29 -11.80
N VAL E 131 10.62 -14.58 -11.76
CA VAL E 131 10.18 -15.51 -12.80
C VAL E 131 8.88 -16.15 -12.36
N HIS E 132 7.92 -16.22 -13.27
CA HIS E 132 6.57 -16.64 -12.91
C HIS E 132 6.56 -18.13 -12.57
N GLY E 133 5.71 -18.48 -11.60
CA GLY E 133 5.68 -19.83 -11.07
C GLY E 133 4.27 -20.36 -10.85
N VAL E 134 3.32 -19.98 -11.72
CA VAL E 134 1.91 -20.20 -11.42
C VAL E 134 1.65 -21.65 -11.02
N THR E 135 2.08 -22.59 -11.85
CA THR E 135 2.02 -24.01 -11.53
C THR E 135 3.39 -24.64 -11.44
N VAL E 136 4.24 -24.42 -12.44
CA VAL E 136 5.66 -24.72 -12.38
C VAL E 136 6.40 -23.50 -12.89
N LYS E 137 7.64 -23.34 -12.44
CA LYS E 137 8.39 -22.15 -12.83
C LYS E 137 8.45 -22.06 -14.35
N ASN E 138 8.15 -20.87 -14.87
CA ASN E 138 8.00 -20.67 -16.30
C ASN E 138 9.38 -20.58 -16.94
N ARG E 139 9.99 -21.73 -17.14
CA ARG E 139 11.22 -21.85 -17.89
C ARG E 139 11.01 -22.78 -19.07
N MET E 140 11.94 -22.73 -20.01
CA MET E 140 11.90 -23.57 -21.21
C MET E 140 13.32 -23.94 -21.58
N ILE E 141 13.57 -25.22 -21.75
CA ILE E 141 14.84 -25.73 -22.26
C ILE E 141 14.53 -26.59 -23.47
N ARG E 142 15.06 -26.20 -24.63
CA ARG E 142 14.85 -26.95 -25.87
C ARG E 142 16.20 -27.12 -26.55
N LEU E 143 16.60 -28.37 -26.77
CA LEU E 143 17.84 -28.68 -27.45
C LEU E 143 17.56 -28.99 -28.92
N HIS E 144 18.58 -28.77 -29.75
CA HIS E 144 18.54 -29.11 -31.16
C HIS E 144 19.72 -29.99 -31.51
N PRO E 145 19.60 -30.79 -32.58
CA PRO E 145 20.69 -31.72 -32.91
C PRO E 145 22.04 -31.04 -33.03
N ASP E 146 22.09 -29.86 -33.62
CA ASP E 146 23.36 -29.17 -33.87
C ASP E 146 23.97 -28.58 -32.62
N GLY E 147 23.31 -28.68 -31.46
CA GLY E 147 23.85 -28.21 -30.21
C GLY E 147 23.29 -26.90 -29.71
N THR E 148 22.51 -26.19 -30.51
CA THR E 148 21.92 -24.94 -30.07
C THR E 148 20.98 -25.18 -28.90
N VAL E 149 21.06 -24.33 -27.88
CA VAL E 149 20.20 -24.41 -26.71
C VAL E 149 19.32 -23.18 -26.67
N LEU E 150 18.01 -23.39 -26.64
CA LEU E 150 17.04 -22.31 -26.48
C LEU E 150 16.55 -22.30 -25.05
N TYR E 151 16.79 -21.19 -24.34
CA TYR E 151 16.48 -21.08 -22.92
C TYR E 151 15.55 -19.89 -22.73
N GLY E 152 14.29 -20.15 -22.44
CA GLY E 152 13.27 -19.12 -22.35
C GLY E 152 12.78 -18.95 -20.93
N LEU E 153 12.47 -17.70 -20.58
CA LEU E 153 11.96 -17.34 -19.26
C LEU E 153 10.81 -16.38 -19.42
N ARG E 154 9.85 -16.43 -18.50
CA ARG E 154 8.78 -15.45 -18.43
C ARG E 154 9.00 -14.59 -17.20
N ILE E 155 9.33 -13.33 -17.39
CA ILE E 155 9.87 -12.46 -16.36
C ILE E 155 9.00 -11.21 -16.25
N THR E 156 8.64 -10.84 -15.02
CA THR E 156 8.05 -9.54 -14.74
C THR E 156 9.07 -8.73 -13.97
N THR E 157 9.42 -7.55 -14.49
CA THR E 157 10.51 -6.77 -13.94
C THR E 157 10.11 -5.31 -13.83
N THR E 158 10.48 -4.69 -12.70
CA THR E 158 10.29 -3.26 -12.48
C THR E 158 11.62 -2.57 -12.74
N ALA E 159 11.67 -1.74 -13.77
CA ALA E 159 12.91 -1.13 -14.22
C ALA E 159 12.90 0.36 -13.93
N ALA E 160 14.04 0.87 -13.45
CA ALA E 160 14.17 2.29 -13.19
C ALA E 160 14.04 3.08 -14.48
N CYS E 161 13.26 4.16 -14.43
CA CYS E 161 12.98 5.00 -15.59
C CYS E 161 13.24 6.44 -15.18
N MET E 162 14.34 7.02 -15.66
CA MET E 162 14.69 8.39 -15.34
C MET E 162 13.68 9.32 -15.99
N MET E 163 12.94 10.08 -15.18
CA MET E 163 11.84 10.91 -15.65
C MET E 163 12.20 12.38 -15.46
N ASP E 164 12.03 13.17 -16.52
CA ASP E 164 12.20 14.62 -16.47
C ASP E 164 10.82 15.23 -16.69
N LEU E 165 10.15 15.55 -15.59
CA LEU E 165 8.74 15.94 -15.60
C LEU E 165 8.54 17.45 -15.62
N ARG E 166 9.54 18.22 -16.05
CA ARG E 166 9.41 19.67 -16.07
C ARG E 166 8.36 20.13 -17.07
N ARG E 167 8.07 19.33 -18.08
CA ARG E 167 7.04 19.65 -19.07
C ARG E 167 5.74 18.89 -18.83
N TYR E 168 5.61 18.22 -17.69
CA TYR E 168 4.42 17.44 -17.39
C TYR E 168 3.18 18.34 -17.45
N PRO E 169 2.07 17.89 -18.04
CA PRO E 169 1.82 16.61 -18.71
C PRO E 169 2.08 16.61 -20.22
N LEU E 170 2.75 17.65 -20.74
CA LEU E 170 3.06 17.73 -22.17
C LEU E 170 4.37 17.05 -22.52
N ASP E 171 4.84 16.11 -21.70
CA ASP E 171 6.20 15.61 -21.80
C ASP E 171 6.27 14.28 -22.56
N GLU E 172 7.40 14.06 -23.21
CA GLU E 172 7.77 12.74 -23.72
C GLU E 172 8.79 12.11 -22.78
N GLN E 173 8.74 10.79 -22.68
CA GLN E 173 9.61 10.05 -21.78
C GLN E 173 10.31 8.93 -22.55
N ASN E 174 11.63 8.89 -22.42
CA ASN E 174 12.46 7.82 -22.97
C ASN E 174 13.14 7.10 -21.81
N CYS E 175 12.90 5.80 -21.71
CA CYS E 175 13.65 4.98 -20.76
C CYS E 175 13.61 3.54 -21.23
N THR E 176 14.58 2.77 -20.75
CA THR E 176 15.04 1.58 -21.44
C THR E 176 15.09 0.39 -20.49
N LEU E 177 15.23 -0.79 -21.10
CA LEU E 177 15.61 -2.01 -20.40
C LEU E 177 17.04 -2.32 -20.78
N GLU E 178 17.90 -2.50 -19.78
CA GLU E 178 19.34 -2.60 -19.98
C GLU E 178 19.76 -4.01 -19.64
N ILE E 179 20.32 -4.72 -20.62
CA ILE E 179 20.69 -6.13 -20.47
C ILE E 179 22.21 -6.23 -20.53
N GLU E 180 22.79 -6.89 -19.53
CA GLU E 180 24.23 -7.00 -19.44
C GLU E 180 24.61 -8.32 -18.78
N SER E 181 25.86 -8.73 -18.99
CA SER E 181 26.42 -9.91 -18.35
C SER E 181 27.16 -9.50 -17.08
N TYR E 182 27.09 -10.35 -16.06
CA TYR E 182 27.67 -9.99 -14.78
C TYR E 182 29.14 -10.39 -14.69
N GLY E 183 29.44 -11.66 -14.89
CA GLY E 183 30.76 -12.17 -14.61
C GLY E 183 31.74 -12.19 -15.77
N TYR E 184 31.24 -12.26 -17.00
CA TYR E 184 32.09 -12.48 -18.16
C TYR E 184 32.24 -11.19 -18.96
N THR E 185 33.48 -10.88 -19.31
CA THR E 185 33.78 -9.76 -20.18
C THR E 185 33.60 -10.17 -21.65
N THR E 186 33.81 -9.20 -22.54
CA THR E 186 33.54 -9.42 -23.95
C THR E 186 34.43 -10.48 -24.58
N ASP E 187 35.57 -10.81 -23.97
CA ASP E 187 36.43 -11.86 -24.49
C ASP E 187 35.91 -13.25 -24.15
N ASP E 188 34.92 -13.37 -23.27
CA ASP E 188 34.33 -14.65 -22.90
C ASP E 188 32.91 -14.84 -23.41
N ILE E 189 32.15 -13.76 -23.59
CA ILE E 189 30.75 -13.84 -23.96
C ILE E 189 30.41 -12.67 -24.87
N GLU E 190 29.47 -12.90 -25.78
CA GLU E 190 29.01 -11.87 -26.71
C GLU E 190 27.50 -11.91 -26.80
N PHE E 191 26.87 -10.74 -26.74
CA PHE E 191 25.43 -10.62 -26.89
C PHE E 191 25.11 -10.06 -28.27
N TYR E 192 24.00 -10.50 -28.84
CA TYR E 192 23.49 -9.91 -30.07
C TYR E 192 22.00 -10.17 -30.15
N TRP E 193 21.31 -9.34 -30.92
CA TRP E 193 19.89 -9.47 -31.17
C TRP E 193 19.67 -10.45 -32.32
N ARG E 194 18.75 -11.38 -32.14
CA ARG E 194 18.40 -12.32 -33.20
C ARG E 194 17.35 -11.69 -34.10
N GLY E 195 17.68 -11.53 -35.37
CA GLY E 195 16.79 -10.85 -36.30
C GLY E 195 16.97 -9.36 -36.39
N GLY E 196 18.10 -8.84 -35.89
CA GLY E 196 18.35 -7.42 -36.00
C GLY E 196 17.27 -6.61 -35.31
N ASP E 197 16.71 -5.64 -36.03
CA ASP E 197 15.66 -4.78 -35.48
C ASP E 197 14.34 -5.51 -35.31
N LYS E 198 14.21 -6.73 -35.83
CA LYS E 198 13.00 -7.52 -35.69
C LYS E 198 12.98 -8.33 -34.40
N ALA E 199 14.03 -8.23 -33.58
CA ALA E 199 14.23 -9.14 -32.46
C ALA E 199 13.25 -8.94 -31.32
N VAL E 200 12.45 -7.87 -31.33
CA VAL E 200 11.50 -7.60 -30.26
C VAL E 200 10.10 -7.49 -30.85
N THR E 201 9.15 -8.17 -30.23
CA THR E 201 7.75 -8.15 -30.66
C THR E 201 6.88 -7.83 -29.46
N GLY E 202 5.62 -7.52 -29.74
CA GLY E 202 4.67 -7.14 -28.73
C GLY E 202 4.62 -5.67 -28.43
N VAL E 203 5.63 -4.91 -28.86
CA VAL E 203 5.63 -3.46 -28.62
C VAL E 203 4.66 -2.76 -29.56
N GLU E 204 4.26 -3.44 -30.65
CA GLU E 204 3.35 -2.86 -31.63
C GLU E 204 1.89 -3.11 -31.30
N ARG E 205 1.58 -3.69 -30.14
CA ARG E 205 0.21 -3.99 -29.77
C ARG E 205 -0.19 -3.51 -28.37
N ILE E 206 0.76 -3.18 -27.49
CA ILE E 206 0.42 -2.74 -26.15
C ILE E 206 -0.05 -1.28 -26.18
N GLU E 207 -1.04 -0.99 -25.34
CA GLU E 207 -1.56 0.37 -25.16
C GLU E 207 -1.71 0.65 -23.68
N LEU E 208 -1.24 1.81 -23.25
CA LEU E 208 -1.33 2.23 -21.86
C LEU E 208 -2.41 3.28 -21.69
N PRO E 209 -2.95 3.44 -20.48
CA PRO E 209 -3.92 4.53 -20.28
C PRO E 209 -3.32 5.91 -20.47
N GLN E 210 -2.20 6.18 -19.81
CA GLN E 210 -1.63 7.53 -19.81
C GLN E 210 -0.70 7.79 -20.99
N PHE E 211 -0.21 6.75 -21.66
CA PHE E 211 0.85 6.91 -22.64
C PHE E 211 0.51 6.15 -23.92
N SER E 212 1.23 6.49 -24.99
CA SER E 212 1.20 5.74 -26.23
C SER E 212 2.62 5.59 -26.73
N ILE E 213 2.92 4.42 -27.30
CA ILE E 213 4.27 4.09 -27.73
C ILE E 213 4.52 4.77 -29.07
N VAL E 214 5.42 5.75 -29.08
CA VAL E 214 5.78 6.42 -30.32
C VAL E 214 6.71 5.54 -31.16
N GLU E 215 7.73 4.98 -30.52
CA GLU E 215 8.71 4.16 -31.23
C GLU E 215 9.54 3.40 -30.20
N HIS E 216 10.24 2.37 -30.68
CA HIS E 216 11.18 1.62 -29.88
C HIS E 216 12.45 1.40 -30.70
N ARG E 217 13.58 1.30 -30.01
CA ARG E 217 14.86 1.13 -30.66
C ARG E 217 15.67 0.05 -29.95
N LEU E 218 16.44 -0.71 -30.72
CA LEU E 218 17.32 -1.74 -30.19
C LEU E 218 18.77 -1.34 -30.45
N VAL E 219 19.60 -1.45 -29.41
CA VAL E 219 21.00 -1.05 -29.49
C VAL E 219 21.87 -2.15 -28.91
N SER E 220 23.05 -2.32 -29.50
CA SER E 220 24.04 -3.27 -29.04
C SER E 220 25.40 -2.59 -29.03
N ARG E 221 26.12 -2.70 -27.92
CA ARG E 221 27.38 -1.97 -27.78
C ARG E 221 28.20 -2.62 -26.67
N ASN E 222 29.47 -2.26 -26.63
CA ASN E 222 30.40 -2.71 -25.60
C ASN E 222 30.62 -1.57 -24.61
N VAL E 223 30.83 -1.93 -23.34
CA VAL E 223 30.98 -0.96 -22.26
C VAL E 223 32.25 -1.27 -21.49
N VAL E 224 33.00 -0.22 -21.14
CA VAL E 224 34.17 -0.34 -20.28
C VAL E 224 33.76 0.03 -18.87
N PHE E 225 34.04 -0.86 -17.91
CA PHE E 225 33.50 -0.74 -16.57
C PHE E 225 34.62 -1.03 -15.58
N ALA E 226 34.34 -0.80 -14.29
CA ALA E 226 35.39 -0.85 -13.28
C ALA E 226 36.13 -2.18 -13.24
N THR E 227 35.47 -3.28 -13.62
CA THR E 227 36.08 -4.60 -13.57
C THR E 227 36.54 -5.12 -14.92
N GLY E 228 36.03 -4.56 -16.01
CA GLY E 228 36.45 -4.98 -17.33
C GLY E 228 35.49 -4.47 -18.38
N ALA E 229 35.75 -4.88 -19.62
CA ALA E 229 34.92 -4.51 -20.76
C ALA E 229 33.82 -5.55 -20.93
N TYR E 230 32.57 -5.09 -21.03
CA TYR E 230 31.43 -5.98 -21.00
C TYR E 230 30.54 -5.77 -22.22
N PRO E 231 29.84 -6.81 -22.67
CA PRO E 231 28.84 -6.63 -23.71
C PRO E 231 27.50 -6.23 -23.12
N ARG E 232 26.72 -5.49 -23.92
CA ARG E 232 25.43 -5.00 -23.48
C ARG E 232 24.45 -4.92 -24.64
N LEU E 233 23.18 -5.10 -24.33
CA LEU E 233 22.07 -4.82 -25.23
C LEU E 233 21.13 -3.82 -24.55
N SER E 234 20.55 -2.93 -25.33
CA SER E 234 19.64 -1.91 -24.81
C SER E 234 18.36 -1.90 -25.62
N LEU E 235 17.23 -1.86 -24.91
CA LEU E 235 15.91 -1.76 -25.52
C LEU E 235 15.24 -0.50 -24.97
N SER E 236 14.78 0.36 -25.88
CA SER E 236 14.28 1.67 -25.51
C SER E 236 12.87 1.88 -26.04
N PHE E 237 12.04 2.54 -25.24
CA PHE E 237 10.70 2.93 -25.63
C PHE E 237 10.56 4.45 -25.53
N ARG E 238 9.83 5.04 -26.46
CA ARG E 238 9.50 6.45 -26.42
C ARG E 238 8.01 6.60 -26.09
N LEU E 239 7.71 7.24 -24.97
CA LEU E 239 6.35 7.38 -24.49
C LEU E 239 5.91 8.84 -24.63
N LYS E 240 4.73 9.04 -25.22
CA LYS E 240 4.09 10.34 -25.31
C LYS E 240 2.81 10.32 -24.49
N ARG E 241 2.71 11.23 -23.53
CA ARG E 241 1.56 11.23 -22.63
C ARG E 241 0.30 11.65 -23.37
N ASN E 242 -0.83 11.07 -22.95
CA ASN E 242 -2.14 11.46 -23.48
C ASN E 242 -2.61 12.72 -22.76
N ILE E 243 -2.91 13.77 -23.52
CA ILE E 243 -3.21 15.06 -22.92
C ILE E 243 -4.70 15.26 -22.69
N GLY E 244 -5.56 14.43 -23.30
CA GLY E 244 -6.99 14.63 -23.20
C GLY E 244 -7.53 14.63 -21.79
N TYR E 245 -6.85 13.96 -20.86
CA TYR E 245 -7.32 13.93 -19.48
C TYR E 245 -7.14 15.29 -18.81
N PHE E 246 -5.99 15.92 -19.01
CA PHE E 246 -5.71 17.17 -18.32
C PHE E 246 -6.44 18.35 -18.95
N ILE E 247 -6.79 18.26 -20.23
CA ILE E 247 -7.57 19.32 -20.87
C ILE E 247 -8.91 19.48 -20.17
N LEU E 248 -9.61 18.36 -19.99
CA LEU E 248 -10.95 18.42 -19.42
C LEU E 248 -10.92 18.67 -17.92
N GLN E 249 -9.94 18.11 -17.22
CA GLN E 249 -10.03 18.00 -15.78
C GLN E 249 -9.20 19.06 -15.05
N THR E 250 -8.16 19.60 -15.69
CA THR E 250 -7.27 20.55 -15.02
C THR E 250 -7.32 21.93 -15.65
N TYR E 251 -7.14 22.02 -16.97
CA TYR E 251 -7.00 23.33 -17.61
C TYR E 251 -8.35 24.02 -17.76
N MET E 252 -9.31 23.34 -18.39
CA MET E 252 -10.61 23.98 -18.62
C MET E 252 -11.28 24.46 -17.34
N PRO E 253 -11.30 23.69 -16.25
CA PRO E 253 -11.82 24.24 -15.00
C PRO E 253 -11.11 25.52 -14.56
N SER E 254 -9.79 25.57 -14.73
CA SER E 254 -9.06 26.78 -14.38
C SER E 254 -9.43 27.93 -15.31
N ILE E 255 -9.59 27.65 -16.60
CA ILE E 255 -9.93 28.71 -17.56
C ILE E 255 -11.29 29.29 -17.24
N LEU E 256 -12.28 28.43 -16.97
CA LEU E 256 -13.63 28.92 -16.73
C LEU E 256 -13.70 29.80 -15.49
N ILE E 257 -13.00 29.42 -14.42
CA ILE E 257 -12.96 30.26 -13.23
C ILE E 257 -12.31 31.60 -13.54
N THR E 258 -11.22 31.58 -14.30
CA THR E 258 -10.54 32.83 -14.63
C THR E 258 -11.45 33.75 -15.43
N ILE E 259 -12.15 33.19 -16.43
CA ILE E 259 -13.12 33.99 -17.19
C ILE E 259 -14.23 34.47 -16.27
N LEU E 260 -14.68 33.61 -15.37
CA LEU E 260 -15.77 33.98 -14.47
C LEU E 260 -15.38 35.14 -13.57
N SER E 261 -14.09 35.28 -13.27
CA SER E 261 -13.65 36.40 -12.44
C SER E 261 -13.81 37.73 -13.15
N TRP E 262 -13.74 37.75 -14.48
CA TRP E 262 -13.92 38.98 -15.23
C TRP E 262 -15.37 39.45 -15.25
N VAL E 263 -16.30 38.63 -14.77
CA VAL E 263 -17.69 39.08 -14.63
C VAL E 263 -17.76 40.26 -13.67
N SER E 264 -16.79 40.38 -12.78
CA SER E 264 -16.82 41.48 -11.80
C SER E 264 -16.79 42.84 -12.50
N PHE E 265 -16.02 42.95 -13.58
CA PHE E 265 -15.86 44.23 -14.26
C PHE E 265 -17.14 44.70 -14.94
N TRP E 266 -18.10 43.81 -15.16
CA TRP E 266 -19.37 44.20 -15.77
C TRP E 266 -20.44 44.54 -14.75
N ILE E 267 -20.32 44.02 -13.52
CA ILE E 267 -21.20 44.43 -12.43
C ILE E 267 -20.87 45.87 -12.08
N ASN E 268 -21.91 46.68 -11.83
CA ASN E 268 -21.67 48.08 -11.50
C ASN E 268 -20.84 48.19 -10.24
N TYR E 269 -19.91 49.15 -10.23
CA TYR E 269 -18.92 49.26 -9.17
C TYR E 269 -19.51 49.72 -7.84
N ASP E 270 -20.73 50.25 -7.83
CA ASP E 270 -21.34 50.63 -6.56
C ASP E 270 -21.87 49.43 -5.79
N ALA E 271 -22.06 48.29 -6.45
CA ALA E 271 -22.50 47.07 -5.79
C ALA E 271 -21.33 46.39 -5.06
N SER E 272 -20.95 47.00 -3.94
CA SER E 272 -19.79 46.51 -3.20
C SER E 272 -20.00 45.09 -2.70
N ALA E 273 -21.17 44.80 -2.14
CA ALA E 273 -21.40 43.48 -1.56
C ALA E 273 -21.39 42.40 -2.63
N ALA E 274 -21.68 42.75 -3.88
CA ALA E 274 -21.70 41.77 -4.96
C ALA E 274 -20.33 41.62 -5.60
N ARG E 275 -19.63 42.74 -5.80
CA ARG E 275 -18.30 42.69 -6.40
C ARG E 275 -17.34 41.87 -5.55
N VAL E 276 -17.36 42.09 -4.24
CA VAL E 276 -16.43 41.41 -3.35
C VAL E 276 -16.78 39.93 -3.24
N ALA E 277 -18.08 39.62 -3.12
CA ALA E 277 -18.50 38.23 -3.01
C ALA E 277 -18.09 37.43 -4.24
N LEU E 278 -18.16 38.03 -5.42
CA LEU E 278 -17.71 37.36 -6.63
C LEU E 278 -16.19 37.21 -6.65
N GLY E 279 -15.47 38.29 -6.39
CA GLY E 279 -14.02 38.24 -6.48
C GLY E 279 -13.40 37.31 -5.46
N ILE E 280 -13.82 37.42 -4.20
CA ILE E 280 -13.18 36.63 -3.15
C ILE E 280 -13.51 35.15 -3.29
N THR E 281 -14.69 34.82 -3.83
CA THR E 281 -15.07 33.42 -3.92
C THR E 281 -14.30 32.72 -5.04
N THR E 282 -14.06 33.42 -6.15
CA THR E 282 -13.23 32.85 -7.20
C THR E 282 -11.81 32.61 -6.70
N VAL E 283 -11.34 33.41 -5.75
CA VAL E 283 -10.07 33.11 -5.09
C VAL E 283 -10.19 31.83 -4.27
N LEU E 284 -11.34 31.64 -3.61
CA LEU E 284 -11.54 30.45 -2.79
C LEU E 284 -11.63 29.19 -3.65
N THR E 285 -12.37 29.26 -4.76
CA THR E 285 -12.54 28.06 -5.59
C THR E 285 -11.25 27.72 -6.32
N MET E 286 -10.45 28.73 -6.68
CA MET E 286 -9.12 28.43 -7.20
C MET E 286 -8.31 27.65 -6.17
N THR E 287 -8.32 28.11 -4.92
CA THR E 287 -7.63 27.39 -3.87
C THR E 287 -8.17 25.97 -3.73
N THR E 288 -9.47 25.79 -3.90
CA THR E 288 -10.06 24.47 -3.78
C THR E 288 -9.51 23.53 -4.85
N ILE E 289 -9.46 23.99 -6.11
CA ILE E 289 -9.00 23.12 -7.18
C ILE E 289 -7.50 22.88 -7.08
N ASN E 290 -6.73 23.91 -6.72
CA ASN E 290 -5.28 23.73 -6.62
C ASN E 290 -4.93 22.70 -5.56
N THR E 291 -5.58 22.78 -4.39
CA THR E 291 -5.23 21.89 -3.29
C THR E 291 -5.69 20.47 -3.56
N HIS E 292 -6.86 20.29 -4.16
CA HIS E 292 -7.36 18.95 -4.44
C HIS E 292 -6.73 18.34 -5.68
N LEU E 293 -6.15 19.15 -6.57
CA LEU E 293 -5.30 18.60 -7.62
C LEU E 293 -3.95 18.19 -7.04
N ARG E 294 -3.45 18.96 -6.07
CA ARG E 294 -2.16 18.66 -5.46
C ARG E 294 -2.17 17.28 -4.82
N GLU E 295 -3.27 16.92 -4.15
CA GLU E 295 -3.30 15.66 -3.40
C GLU E 295 -3.61 14.46 -4.28
N THR E 296 -4.39 14.65 -5.35
CA THR E 296 -4.74 13.53 -6.22
C THR E 296 -3.67 13.23 -7.25
N LEU E 297 -3.00 14.25 -7.78
CA LEU E 297 -1.92 14.03 -8.72
C LEU E 297 -0.70 13.44 -8.00
N PRO E 298 0.20 12.78 -8.75
CA PRO E 298 1.37 12.18 -8.11
C PRO E 298 2.24 13.23 -7.44
N LYS E 299 2.86 12.85 -6.33
CA LYS E 299 3.70 13.76 -5.55
C LYS E 299 5.06 13.87 -6.20
N ILE E 300 5.32 15.00 -6.84
CA ILE E 300 6.59 15.27 -7.51
C ILE E 300 7.10 16.63 -7.03
N PRO E 301 7.83 16.71 -5.90
CA PRO E 301 8.16 17.99 -5.29
C PRO E 301 9.17 18.84 -6.06
N TYR E 302 8.86 19.14 -7.32
CA TYR E 302 9.52 20.20 -8.05
C TYR E 302 8.56 20.73 -9.11
N VAL E 303 8.78 21.98 -9.50
CA VAL E 303 7.81 22.73 -10.28
C VAL E 303 7.67 22.12 -11.67
N LYS E 304 6.44 22.14 -12.18
CA LYS E 304 6.09 21.52 -13.46
C LYS E 304 5.24 22.49 -14.26
N ALA E 305 4.85 22.07 -15.46
CA ALA E 305 4.12 22.98 -16.36
C ALA E 305 2.79 23.40 -15.76
N ILE E 306 2.05 22.46 -15.18
CA ILE E 306 0.75 22.79 -14.61
C ILE E 306 0.90 23.78 -13.46
N ASP E 307 1.96 23.65 -12.67
CA ASP E 307 2.18 24.59 -11.58
C ASP E 307 2.36 26.01 -12.10
N MET E 308 3.04 26.15 -13.24
CA MET E 308 3.19 27.48 -13.83
C MET E 308 1.89 27.98 -14.42
N TYR E 309 0.98 27.07 -14.80
CA TYR E 309 -0.32 27.48 -15.30
C TYR E 309 -1.30 27.74 -14.16
N LEU E 310 -1.36 26.83 -13.19
CA LEU E 310 -2.28 27.01 -12.08
C LEU E 310 -1.96 28.26 -11.28
N MET E 311 -0.68 28.52 -11.02
CA MET E 311 -0.31 29.74 -10.33
C MET E 311 -0.54 30.96 -11.20
N GLY E 312 -0.37 30.84 -12.52
CA GLY E 312 -0.67 31.95 -13.40
C GLY E 312 -2.13 32.36 -13.34
N CYS E 313 -3.03 31.36 -13.33
CA CYS E 313 -4.45 31.66 -13.20
C CYS E 313 -4.77 32.26 -11.83
N PHE E 314 -4.11 31.75 -10.78
CA PHE E 314 -4.34 32.30 -9.45
C PHE E 314 -3.98 33.78 -9.40
N VAL E 315 -2.92 34.18 -10.11
CA VAL E 315 -2.54 35.59 -10.14
C VAL E 315 -3.61 36.42 -10.86
N PHE E 316 -4.15 35.91 -11.96
CA PHE E 316 -5.18 36.64 -12.68
C PHE E 316 -6.45 36.77 -11.84
N VAL E 317 -6.81 35.71 -11.11
CA VAL E 317 -7.95 35.80 -10.19
C VAL E 317 -7.63 36.75 -9.04
N PHE E 318 -6.38 36.71 -8.56
CA PHE E 318 -5.98 37.62 -7.49
C PHE E 318 -6.02 39.07 -7.95
N LEU E 319 -5.58 39.34 -9.18
CA LEU E 319 -5.58 40.71 -9.69
C LEU E 319 -7.00 41.21 -9.96
N ALA E 320 -7.91 40.33 -10.36
CA ALA E 320 -9.28 40.76 -10.58
C ALA E 320 -9.92 41.29 -9.30
N LEU E 321 -9.66 40.63 -8.17
CA LEU E 321 -10.16 41.13 -6.90
C LEU E 321 -9.40 42.37 -6.45
N LEU E 322 -8.08 42.37 -6.62
CA LEU E 322 -7.29 43.56 -6.28
C LEU E 322 -7.71 44.74 -7.15
N GLU E 323 -8.24 44.47 -8.34
CA GLU E 323 -8.70 45.56 -9.19
C GLU E 323 -9.91 46.26 -8.60
N TYR E 324 -10.84 45.51 -7.99
CA TYR E 324 -11.99 46.16 -7.38
C TYR E 324 -11.56 47.07 -6.23
N ALA E 325 -10.68 46.59 -5.36
CA ALA E 325 -10.23 47.42 -4.25
C ALA E 325 -9.66 48.74 -4.78
N PHE E 326 -9.08 48.70 -5.98
CA PHE E 326 -8.54 49.92 -6.57
C PHE E 326 -9.64 50.88 -6.99
N VAL E 327 -10.64 50.37 -7.71
CA VAL E 327 -11.72 51.23 -8.20
C VAL E 327 -12.60 51.72 -7.05
N ASN E 328 -12.84 50.86 -6.07
CA ASN E 328 -13.64 51.27 -4.92
C ASN E 328 -12.98 52.43 -4.19
N TYR E 329 -11.66 52.38 -4.02
CA TYR E 329 -10.95 53.45 -3.34
C TYR E 329 -11.09 54.77 -4.09
N ILE E 330 -10.97 54.75 -5.42
CA ILE E 330 -11.09 55.99 -6.18
C ILE E 330 -12.51 56.53 -6.09
N PHE E 331 -13.52 55.66 -6.15
CA PHE E 331 -14.90 56.13 -6.10
C PHE E 331 -15.20 56.78 -4.77
N PHE E 332 -14.98 56.05 -3.67
CA PHE E 332 -15.25 56.54 -2.32
C PHE E 332 -14.08 57.37 -1.81
N SER E 333 -13.95 58.58 -2.37
CA SER E 333 -12.91 59.50 -1.96
C SER E 333 -13.17 60.89 -2.53
N LYS E 577 -17.85 58.59 -10.25
CA LYS E 577 -16.71 59.36 -10.70
C LYS E 577 -16.22 58.85 -12.05
N GLY E 578 -15.76 59.76 -12.90
CA GLY E 578 -15.29 59.36 -14.22
C GLY E 578 -14.11 58.42 -14.16
N ARG E 579 -13.13 58.72 -13.30
CA ARG E 579 -11.96 57.86 -13.18
C ARG E 579 -12.32 56.47 -12.69
N ALA E 580 -13.26 56.37 -11.75
CA ALA E 580 -13.68 55.06 -11.26
C ALA E 580 -14.26 54.22 -12.40
N ALA E 581 -15.06 54.84 -13.26
CA ALA E 581 -15.58 54.13 -14.42
C ALA E 581 -14.49 53.86 -15.45
N ALA E 582 -13.54 54.79 -15.60
CA ALA E 582 -12.46 54.59 -16.57
C ALA E 582 -11.63 53.36 -16.21
N ILE E 583 -11.33 53.18 -14.93
CA ILE E 583 -10.65 51.97 -14.48
C ILE E 583 -11.52 50.75 -14.79
N ASP E 584 -12.82 50.87 -14.53
CA ASP E 584 -13.72 49.73 -14.72
C ASP E 584 -13.83 49.32 -16.18
N ARG E 585 -13.56 50.24 -17.12
CA ARG E 585 -13.74 49.95 -18.54
C ARG E 585 -12.48 49.46 -19.21
N TRP E 586 -11.31 49.99 -18.83
CA TRP E 586 -10.06 49.47 -19.38
C TRP E 586 -9.83 48.03 -18.95
N SER E 587 -10.12 47.70 -17.70
CA SER E 587 -9.90 46.34 -17.22
C SER E 587 -10.75 45.33 -17.97
N ARG E 588 -11.87 45.76 -18.55
CA ARG E 588 -12.72 44.82 -19.28
C ARG E 588 -12.04 44.31 -20.55
N ILE E 589 -11.10 45.07 -21.10
CA ILE E 589 -10.36 44.65 -22.28
C ILE E 589 -8.96 44.16 -21.92
N VAL E 590 -8.34 44.77 -20.91
CA VAL E 590 -6.97 44.41 -20.55
C VAL E 590 -6.91 42.99 -20.02
N PHE E 591 -7.83 42.62 -19.13
CA PHE E 591 -7.78 41.28 -18.54
C PHE E 591 -7.96 40.19 -19.59
N PRO E 592 -8.99 40.22 -20.44
CA PRO E 592 -9.05 39.20 -21.51
C PRO E 592 -7.84 39.23 -22.42
N PHE E 593 -7.31 40.41 -22.71
CA PHE E 593 -6.16 40.51 -23.61
C PHE E 593 -4.92 39.87 -22.99
N THR E 594 -4.60 40.25 -21.74
CA THR E 594 -3.37 39.74 -21.13
C THR E 594 -3.46 38.24 -20.85
N PHE E 595 -4.63 37.74 -20.47
CA PHE E 595 -4.76 36.30 -20.26
C PHE E 595 -4.55 35.53 -21.56
N SER E 596 -5.06 36.05 -22.68
CA SER E 596 -4.82 35.42 -23.96
C SER E 596 -3.33 35.45 -24.31
N LEU E 597 -2.66 36.56 -24.01
CA LEU E 597 -1.21 36.62 -24.19
C LEU E 597 -0.51 35.61 -23.30
N PHE E 598 -0.97 35.47 -22.06
CA PHE E 598 -0.38 34.48 -21.17
C PHE E 598 -0.55 33.07 -21.73
N ASN E 599 -1.73 32.76 -22.27
CA ASN E 599 -1.94 31.45 -22.88
C ASN E 599 -1.04 31.26 -24.09
N LEU E 600 -0.92 32.29 -24.92
CA LEU E 600 -0.09 32.17 -26.13
C LEU E 600 1.36 31.89 -25.76
N VAL E 601 1.89 32.61 -24.78
CA VAL E 601 3.26 32.36 -24.34
C VAL E 601 3.38 30.98 -23.71
N TYR E 602 2.38 30.58 -22.92
CA TYR E 602 2.45 29.31 -22.22
C TYR E 602 2.44 28.14 -23.20
N TRP E 603 1.37 28.02 -24.01
CA TRP E 603 1.25 26.89 -24.91
C TRP E 603 2.38 26.88 -25.93
N LEU E 604 2.81 28.04 -26.41
CA LEU E 604 3.92 28.10 -27.35
C LEU E 604 5.19 27.55 -26.71
N TYR E 605 5.45 27.92 -25.46
CA TYR E 605 6.68 27.48 -24.79
C TYR E 605 6.68 25.99 -24.54
N TYR E 606 5.60 25.45 -23.96
CA TYR E 606 5.60 24.05 -23.55
C TYR E 606 5.24 23.10 -24.67
N VAL E 607 4.93 23.60 -25.87
CA VAL E 607 4.71 22.72 -27.01
C VAL E 607 5.95 22.69 -27.90
N ASN E 608 6.52 23.86 -28.21
CA ASN E 608 7.60 23.96 -29.17
C ASN E 608 8.99 24.06 -28.55
N SER E 609 9.10 24.55 -27.32
CA SER E 609 10.41 24.74 -26.71
C SER E 609 10.35 24.70 -25.19
#